data_6HO9
# 
_entry.id   6HO9 
# 
_audit_conform.dict_name       mmcif_pdbx.dic 
_audit_conform.dict_version    5.383 
_audit_conform.dict_location   http://mmcif.pdb.org/dictionaries/ascii/mmcif_pdbx.dic 
# 
loop_
_database_2.database_id 
_database_2.database_code 
_database_2.pdbx_database_accession 
_database_2.pdbx_DOI 
PDB   6HO9         pdb_00006ho9 10.2210/pdb6ho9/pdb 
WWPDB D_1200011940 ?            ?                   
# 
loop_
_pdbx_audit_revision_history.ordinal 
_pdbx_audit_revision_history.data_content_type 
_pdbx_audit_revision_history.major_revision 
_pdbx_audit_revision_history.minor_revision 
_pdbx_audit_revision_history.revision_date 
1 'Structure model' 1 0 2018-12-26 
2 'Structure model' 1 1 2019-01-23 
3 'Structure model' 1 2 2024-01-24 
# 
_pdbx_audit_revision_details.ordinal             1 
_pdbx_audit_revision_details.revision_ordinal    1 
_pdbx_audit_revision_details.data_content_type   'Structure model' 
_pdbx_audit_revision_details.provider            repository 
_pdbx_audit_revision_details.type                'Initial release' 
_pdbx_audit_revision_details.description         ? 
_pdbx_audit_revision_details.details             ? 
# 
loop_
_pdbx_audit_revision_group.ordinal 
_pdbx_audit_revision_group.revision_ordinal 
_pdbx_audit_revision_group.data_content_type 
_pdbx_audit_revision_group.group 
1 2 'Structure model' 'Data collection'        
2 2 'Structure model' 'Database references'    
3 3 'Structure model' 'Data collection'        
4 3 'Structure model' 'Database references'    
5 3 'Structure model' 'Refinement description' 
# 
loop_
_pdbx_audit_revision_category.ordinal 
_pdbx_audit_revision_category.revision_ordinal 
_pdbx_audit_revision_category.data_content_type 
_pdbx_audit_revision_category.category 
1 2 'Structure model' citation                      
2 3 'Structure model' chem_comp_atom                
3 3 'Structure model' chem_comp_bond                
4 3 'Structure model' database_2                    
5 3 'Structure model' pdbx_initial_refinement_model 
# 
loop_
_pdbx_audit_revision_item.ordinal 
_pdbx_audit_revision_item.revision_ordinal 
_pdbx_audit_revision_item.data_content_type 
_pdbx_audit_revision_item.item 
1 2 'Structure model' '_citation.journal_volume'            
2 2 'Structure model' '_citation.page_first'                
3 2 'Structure model' '_citation.page_last'                 
4 3 'Structure model' '_database_2.pdbx_DOI'                
5 3 'Structure model' '_database_2.pdbx_database_accession' 
# 
_pdbx_database_status.status_code                     REL 
_pdbx_database_status.status_code_sf                  REL 
_pdbx_database_status.status_code_mr                  ? 
_pdbx_database_status.entry_id                        6HO9 
_pdbx_database_status.recvd_initial_deposition_date   2018-09-17 
_pdbx_database_status.SG_entry                        N 
_pdbx_database_status.deposit_site                    PDBE 
_pdbx_database_status.process_site                    PDBE 
_pdbx_database_status.status_code_cs                  ? 
_pdbx_database_status.methods_development_category    ? 
_pdbx_database_status.pdb_format_compatible           Y 
_pdbx_database_status.status_code_nmr_data            ? 
# 
loop_
_audit_author.name 
_audit_author.pdbx_ordinal 
_audit_author.identifier_ORCID 
'Wintjens, R.'  1 0000-0002-0234-7847 
'Wohlkonig, A.' 2 0000-0003-3103-5022 
# 
_citation.abstract                  ? 
_citation.abstract_id_CAS           ? 
_citation.book_id_ISBN              ? 
_citation.book_publisher            ? 
_citation.book_publisher_city       ? 
_citation.book_title                ? 
_citation.coordinate_linkage        ? 
_citation.country                   ? 
_citation.database_id_Medline       ? 
_citation.details                   ? 
_citation.id                        primary 
_citation.journal_abbrev            'Biochim Biophys Acta Proteins Proteom' 
_citation.journal_id_ASTM           ? 
_citation.journal_id_CSD            ? 
_citation.journal_id_ISSN           1878-1454 
_citation.journal_full              ? 
_citation.journal_issue             ? 
_citation.journal_volume            1867 
_citation.language                  ? 
_citation.page_first                248 
_citation.page_last                 258 
_citation.title                     
'A comprehensive analysis of the protein-ligand interactions in crystal structures of Mycobacterium tuberculosis EthR.' 
_citation.year                      2018 
_citation.database_id_CSD           ? 
_citation.pdbx_database_id_DOI      10.1016/j.bbapap.2018.12.003 
_citation.pdbx_database_id_PubMed   30553830 
_citation.unpublished_flag          ? 
# 
loop_
_citation_author.citation_id 
_citation_author.name 
_citation_author.ordinal 
_citation_author.identifier_ORCID 
primary 'Tanina, A.'     1  ? 
primary 'Wohlkonig, A.'  2  ? 
primary 'Soror, S.H.'    3  ? 
primary 'Flipo, M.'      4  ? 
primary 'Villemagne, B.' 5  ? 
primary 'Prevet, H.'     6  ? 
primary 'Deprez, B.'     7  ? 
primary 'Moune, M.'      8  ? 
primary 'Peree, H.'      9  ? 
primary 'Meyer, F.'      10 ? 
primary 'Baulard, A.R.'  11 ? 
primary 'Willand, N.'    12 ? 
primary 'Wintjens, R.'   13 ? 
# 
loop_
_entity.id 
_entity.type 
_entity.src_method 
_entity.pdbx_description 
_entity.formula_weight 
_entity.pdbx_number_of_molecules 
_entity.pdbx_ec 
_entity.pdbx_mutation 
_entity.pdbx_fragment 
_entity.details 
1 polymer     man 'HTH-type transcriptional regulator EthR'                                               24927.980 1  ? ? ? ? 
2 non-polymer syn '4-[4-(2-methylpropyl)-1,2,3-triazol-1-yl]-~{N}-[3,3,3-tris(fluoranyl)propyl]benzamide' 340.343   1  ? ? ? ? 
3 water       nat water                                                                                   18.015    52 ? ? ? ? 
# 
_entity_poly.entity_id                      1 
_entity_poly.type                           'polypeptide(L)' 
_entity_poly.nstd_linkage                   no 
_entity_poly.nstd_monomer                   no 
_entity_poly.pdbx_seq_one_letter_code       
;MTTSAASQASLPMTTSAASQASLPRGRRTARPSGDDRELAILATAENLLEDRPLADISVDDLAKGAGISRPTFYFYFPSK
EAVLLTLLDRVVNQADMALQTLAENPADTDRENMWRTGINVFFETFGSHKAVTRAGQAARATSVEVAELWSTFMQKWIAY
TAAVIDAERDRGAAPRTLPAHELATALNLMNERTLFASFAGEQPSVPEARVLDTLVHIWVTSIYGENR
;
_entity_poly.pdbx_seq_one_letter_code_can   
;MTTSAASQASLPMTTSAASQASLPRGRRTARPSGDDRELAILATAENLLEDRPLADISVDDLAKGAGISRPTFYFYFPSK
EAVLLTLLDRVVNQADMALQTLAENPADTDRENMWRTGINVFFETFGSHKAVTRAGQAARATSVEVAELWSTFMQKWIAY
TAAVIDAERDRGAAPRTLPAHELATALNLMNERTLFASFAGEQPSVPEARVLDTLVHIWVTSIYGENR
;
_entity_poly.pdbx_strand_id                 A 
_entity_poly.pdbx_target_identifier         ? 
# 
loop_
_pdbx_entity_nonpoly.entity_id 
_pdbx_entity_nonpoly.name 
_pdbx_entity_nonpoly.comp_id 
2 '4-[4-(2-methylpropyl)-1,2,3-triazol-1-yl]-~{N}-[3,3,3-tris(fluoranyl)propyl]benzamide' GHB 
3 water                                                                                   HOH 
# 
loop_
_entity_poly_seq.entity_id 
_entity_poly_seq.num 
_entity_poly_seq.mon_id 
_entity_poly_seq.hetero 
1 1   MET n 
1 2   THR n 
1 3   THR n 
1 4   SER n 
1 5   ALA n 
1 6   ALA n 
1 7   SER n 
1 8   GLN n 
1 9   ALA n 
1 10  SER n 
1 11  LEU n 
1 12  PRO n 
1 13  MET n 
1 14  THR n 
1 15  THR n 
1 16  SER n 
1 17  ALA n 
1 18  ALA n 
1 19  SER n 
1 20  GLN n 
1 21  ALA n 
1 22  SER n 
1 23  LEU n 
1 24  PRO n 
1 25  ARG n 
1 26  GLY n 
1 27  ARG n 
1 28  ARG n 
1 29  THR n 
1 30  ALA n 
1 31  ARG n 
1 32  PRO n 
1 33  SER n 
1 34  GLY n 
1 35  ASP n 
1 36  ASP n 
1 37  ARG n 
1 38  GLU n 
1 39  LEU n 
1 40  ALA n 
1 41  ILE n 
1 42  LEU n 
1 43  ALA n 
1 44  THR n 
1 45  ALA n 
1 46  GLU n 
1 47  ASN n 
1 48  LEU n 
1 49  LEU n 
1 50  GLU n 
1 51  ASP n 
1 52  ARG n 
1 53  PRO n 
1 54  LEU n 
1 55  ALA n 
1 56  ASP n 
1 57  ILE n 
1 58  SER n 
1 59  VAL n 
1 60  ASP n 
1 61  ASP n 
1 62  LEU n 
1 63  ALA n 
1 64  LYS n 
1 65  GLY n 
1 66  ALA n 
1 67  GLY n 
1 68  ILE n 
1 69  SER n 
1 70  ARG n 
1 71  PRO n 
1 72  THR n 
1 73  PHE n 
1 74  TYR n 
1 75  PHE n 
1 76  TYR n 
1 77  PHE n 
1 78  PRO n 
1 79  SER n 
1 80  LYS n 
1 81  GLU n 
1 82  ALA n 
1 83  VAL n 
1 84  LEU n 
1 85  LEU n 
1 86  THR n 
1 87  LEU n 
1 88  LEU n 
1 89  ASP n 
1 90  ARG n 
1 91  VAL n 
1 92  VAL n 
1 93  ASN n 
1 94  GLN n 
1 95  ALA n 
1 96  ASP n 
1 97  MET n 
1 98  ALA n 
1 99  LEU n 
1 100 GLN n 
1 101 THR n 
1 102 LEU n 
1 103 ALA n 
1 104 GLU n 
1 105 ASN n 
1 106 PRO n 
1 107 ALA n 
1 108 ASP n 
1 109 THR n 
1 110 ASP n 
1 111 ARG n 
1 112 GLU n 
1 113 ASN n 
1 114 MET n 
1 115 TRP n 
1 116 ARG n 
1 117 THR n 
1 118 GLY n 
1 119 ILE n 
1 120 ASN n 
1 121 VAL n 
1 122 PHE n 
1 123 PHE n 
1 124 GLU n 
1 125 THR n 
1 126 PHE n 
1 127 GLY n 
1 128 SER n 
1 129 HIS n 
1 130 LYS n 
1 131 ALA n 
1 132 VAL n 
1 133 THR n 
1 134 ARG n 
1 135 ALA n 
1 136 GLY n 
1 137 GLN n 
1 138 ALA n 
1 139 ALA n 
1 140 ARG n 
1 141 ALA n 
1 142 THR n 
1 143 SER n 
1 144 VAL n 
1 145 GLU n 
1 146 VAL n 
1 147 ALA n 
1 148 GLU n 
1 149 LEU n 
1 150 TRP n 
1 151 SER n 
1 152 THR n 
1 153 PHE n 
1 154 MET n 
1 155 GLN n 
1 156 LYS n 
1 157 TRP n 
1 158 ILE n 
1 159 ALA n 
1 160 TYR n 
1 161 THR n 
1 162 ALA n 
1 163 ALA n 
1 164 VAL n 
1 165 ILE n 
1 166 ASP n 
1 167 ALA n 
1 168 GLU n 
1 169 ARG n 
1 170 ASP n 
1 171 ARG n 
1 172 GLY n 
1 173 ALA n 
1 174 ALA n 
1 175 PRO n 
1 176 ARG n 
1 177 THR n 
1 178 LEU n 
1 179 PRO n 
1 180 ALA n 
1 181 HIS n 
1 182 GLU n 
1 183 LEU n 
1 184 ALA n 
1 185 THR n 
1 186 ALA n 
1 187 LEU n 
1 188 ASN n 
1 189 LEU n 
1 190 MET n 
1 191 ASN n 
1 192 GLU n 
1 193 ARG n 
1 194 THR n 
1 195 LEU n 
1 196 PHE n 
1 197 ALA n 
1 198 SER n 
1 199 PHE n 
1 200 ALA n 
1 201 GLY n 
1 202 GLU n 
1 203 GLN n 
1 204 PRO n 
1 205 SER n 
1 206 VAL n 
1 207 PRO n 
1 208 GLU n 
1 209 ALA n 
1 210 ARG n 
1 211 VAL n 
1 212 LEU n 
1 213 ASP n 
1 214 THR n 
1 215 LEU n 
1 216 VAL n 
1 217 HIS n 
1 218 ILE n 
1 219 TRP n 
1 220 VAL n 
1 221 THR n 
1 222 SER n 
1 223 ILE n 
1 224 TYR n 
1 225 GLY n 
1 226 GLU n 
1 227 ASN n 
1 228 ARG n 
# 
_entity_src_gen.entity_id                          1 
_entity_src_gen.pdbx_src_id                        1 
_entity_src_gen.pdbx_alt_source_flag               sample 
_entity_src_gen.pdbx_seq_type                      'Biological sequence' 
_entity_src_gen.pdbx_beg_seq_num                   1 
_entity_src_gen.pdbx_end_seq_num                   228 
_entity_src_gen.gene_src_common_name               ? 
_entity_src_gen.gene_src_genus                     ? 
_entity_src_gen.pdbx_gene_src_gene                 'ethR, etaR, MT3970' 
_entity_src_gen.gene_src_species                   ? 
_entity_src_gen.gene_src_strain                    ? 
_entity_src_gen.gene_src_tissue                    ? 
_entity_src_gen.gene_src_tissue_fraction           ? 
_entity_src_gen.gene_src_details                   ? 
_entity_src_gen.pdbx_gene_src_fragment             ? 
_entity_src_gen.pdbx_gene_src_scientific_name      'Mycobacterium tuberculosis CDC1551' 
_entity_src_gen.pdbx_gene_src_ncbi_taxonomy_id     83331 
_entity_src_gen.pdbx_gene_src_variant              'CDC 1551 / Oshkosh' 
_entity_src_gen.pdbx_gene_src_cell_line            ? 
_entity_src_gen.pdbx_gene_src_atcc                 ? 
_entity_src_gen.pdbx_gene_src_organ                ? 
_entity_src_gen.pdbx_gene_src_organelle            ? 
_entity_src_gen.pdbx_gene_src_cell                 ? 
_entity_src_gen.pdbx_gene_src_cellular_location    ? 
_entity_src_gen.host_org_common_name               ? 
_entity_src_gen.pdbx_host_org_scientific_name      'Escherichia coli BL21' 
_entity_src_gen.pdbx_host_org_ncbi_taxonomy_id     511693 
_entity_src_gen.host_org_genus                     ? 
_entity_src_gen.pdbx_host_org_gene                 ? 
_entity_src_gen.pdbx_host_org_organ                ? 
_entity_src_gen.host_org_species                   ? 
_entity_src_gen.pdbx_host_org_tissue               ? 
_entity_src_gen.pdbx_host_org_tissue_fraction      ? 
_entity_src_gen.pdbx_host_org_strain               ? 
_entity_src_gen.pdbx_host_org_variant              ? 
_entity_src_gen.pdbx_host_org_cell_line            ? 
_entity_src_gen.pdbx_host_org_atcc                 ? 
_entity_src_gen.pdbx_host_org_culture_collection   ? 
_entity_src_gen.pdbx_host_org_cell                 ? 
_entity_src_gen.pdbx_host_org_organelle            ? 
_entity_src_gen.pdbx_host_org_cellular_location    ? 
_entity_src_gen.pdbx_host_org_vector_type          ? 
_entity_src_gen.pdbx_host_org_vector               ? 
_entity_src_gen.host_org_details                   ? 
_entity_src_gen.expression_system_id               ? 
_entity_src_gen.plasmid_name                       ? 
_entity_src_gen.plasmid_details                    ? 
_entity_src_gen.pdbx_description                   ? 
# 
loop_
_chem_comp.id 
_chem_comp.type 
_chem_comp.mon_nstd_flag 
_chem_comp.name 
_chem_comp.pdbx_synonyms 
_chem_comp.formula 
_chem_comp.formula_weight 
ALA 'L-peptide linking' y ALANINE                                                                                 ? 'C3 H7 N O2' 
89.093  
ARG 'L-peptide linking' y ARGININE                                                                                ? 
'C6 H15 N4 O2 1'  175.209 
ASN 'L-peptide linking' y ASPARAGINE                                                                              ? 'C4 H8 N2 O3' 
132.118 
ASP 'L-peptide linking' y 'ASPARTIC ACID'                                                                         ? 'C4 H7 N O4' 
133.103 
GHB non-polymer         . '4-[4-(2-methylpropyl)-1,2,3-triazol-1-yl]-~{N}-[3,3,3-tris(fluoranyl)propyl]benzamide' ? 
'C16 H19 F3 N4 O' 340.343 
GLN 'L-peptide linking' y GLUTAMINE                                                                               ? 'C5 H10 N2 O3' 
146.144 
GLU 'L-peptide linking' y 'GLUTAMIC ACID'                                                                         ? 'C5 H9 N O4' 
147.129 
GLY 'peptide linking'   y GLYCINE                                                                                 ? 'C2 H5 N O2' 
75.067  
HIS 'L-peptide linking' y HISTIDINE                                                                               ? 
'C6 H10 N3 O2 1'  156.162 
HOH non-polymer         . WATER                                                                                   ? 'H2 O' 18.015  
ILE 'L-peptide linking' y ISOLEUCINE                                                                              ? 'C6 H13 N O2' 
131.173 
LEU 'L-peptide linking' y LEUCINE                                                                                 ? 'C6 H13 N O2' 
131.173 
LYS 'L-peptide linking' y LYSINE                                                                                  ? 
'C6 H15 N2 O2 1'  147.195 
MET 'L-peptide linking' y METHIONINE                                                                              ? 
'C5 H11 N O2 S'   149.211 
PHE 'L-peptide linking' y PHENYLALANINE                                                                           ? 'C9 H11 N O2' 
165.189 
PRO 'L-peptide linking' y PROLINE                                                                                 ? 'C5 H9 N O2' 
115.130 
SER 'L-peptide linking' y SERINE                                                                                  ? 'C3 H7 N O3' 
105.093 
THR 'L-peptide linking' y THREONINE                                                                               ? 'C4 H9 N O3' 
119.119 
TRP 'L-peptide linking' y TRYPTOPHAN                                                                              ? 
'C11 H12 N2 O2'   204.225 
TYR 'L-peptide linking' y TYROSINE                                                                                ? 'C9 H11 N O3' 
181.189 
VAL 'L-peptide linking' y VALINE                                                                                  ? 'C5 H11 N O2' 
117.146 
# 
loop_
_pdbx_poly_seq_scheme.asym_id 
_pdbx_poly_seq_scheme.entity_id 
_pdbx_poly_seq_scheme.seq_id 
_pdbx_poly_seq_scheme.mon_id 
_pdbx_poly_seq_scheme.ndb_seq_num 
_pdbx_poly_seq_scheme.pdb_seq_num 
_pdbx_poly_seq_scheme.auth_seq_num 
_pdbx_poly_seq_scheme.pdb_mon_id 
_pdbx_poly_seq_scheme.auth_mon_id 
_pdbx_poly_seq_scheme.pdb_strand_id 
_pdbx_poly_seq_scheme.pdb_ins_code 
_pdbx_poly_seq_scheme.hetero 
A 1 1   MET 1   -11 ?   ?   ?   A . n 
A 1 2   THR 2   -10 ?   ?   ?   A . n 
A 1 3   THR 3   -9  ?   ?   ?   A . n 
A 1 4   SER 4   -8  ?   ?   ?   A . n 
A 1 5   ALA 5   -7  ?   ?   ?   A . n 
A 1 6   ALA 6   -6  ?   ?   ?   A . n 
A 1 7   SER 7   -5  ?   ?   ?   A . n 
A 1 8   GLN 8   -4  ?   ?   ?   A . n 
A 1 9   ALA 9   -3  ?   ?   ?   A . n 
A 1 10  SER 10  -2  ?   ?   ?   A . n 
A 1 11  LEU 11  -1  ?   ?   ?   A . n 
A 1 12  PRO 12  0   ?   ?   ?   A . n 
A 1 13  MET 13  1   ?   ?   ?   A . n 
A 1 14  THR 14  2   ?   ?   ?   A . n 
A 1 15  THR 15  3   ?   ?   ?   A . n 
A 1 16  SER 16  4   ?   ?   ?   A . n 
A 1 17  ALA 17  5   ?   ?   ?   A . n 
A 1 18  ALA 18  6   ?   ?   ?   A . n 
A 1 19  SER 19  7   ?   ?   ?   A . n 
A 1 20  GLN 20  8   ?   ?   ?   A . n 
A 1 21  ALA 21  9   ?   ?   ?   A . n 
A 1 22  SER 22  10  ?   ?   ?   A . n 
A 1 23  LEU 23  11  ?   ?   ?   A . n 
A 1 24  PRO 24  12  ?   ?   ?   A . n 
A 1 25  ARG 25  13  ?   ?   ?   A . n 
A 1 26  GLY 26  14  ?   ?   ?   A . n 
A 1 27  ARG 27  15  ?   ?   ?   A . n 
A 1 28  ARG 28  16  ?   ?   ?   A . n 
A 1 29  THR 29  17  ?   ?   ?   A . n 
A 1 30  ALA 30  18  ?   ?   ?   A . n 
A 1 31  ARG 31  19  ?   ?   ?   A . n 
A 1 32  PRO 32  20  ?   ?   ?   A . n 
A 1 33  SER 33  21  ?   ?   ?   A . n 
A 1 34  GLY 34  22  ?   ?   ?   A . n 
A 1 35  ASP 35  23  ?   ?   ?   A . n 
A 1 36  ASP 36  24  ?   ?   ?   A . n 
A 1 37  ARG 37  25  25  ARG ARG A . n 
A 1 38  GLU 38  26  26  GLU GLU A . n 
A 1 39  LEU 39  27  27  LEU LEU A . n 
A 1 40  ALA 40  28  28  ALA ALA A . n 
A 1 41  ILE 41  29  29  ILE ILE A . n 
A 1 42  LEU 42  30  30  LEU LEU A . n 
A 1 43  ALA 43  31  31  ALA ALA A . n 
A 1 44  THR 44  32  32  THR THR A . n 
A 1 45  ALA 45  33  33  ALA ALA A . n 
A 1 46  GLU 46  34  34  GLU GLU A . n 
A 1 47  ASN 47  35  35  ASN ASN A . n 
A 1 48  LEU 48  36  36  LEU LEU A . n 
A 1 49  LEU 49  37  37  LEU LEU A . n 
A 1 50  GLU 50  38  38  GLU GLU A . n 
A 1 51  ASP 51  39  39  ASP ASP A . n 
A 1 52  ARG 52  40  40  ARG ARG A . n 
A 1 53  PRO 53  41  41  PRO PRO A . n 
A 1 54  LEU 54  42  42  LEU LEU A . n 
A 1 55  ALA 55  43  43  ALA ALA A . n 
A 1 56  ASP 56  44  44  ASP ASP A . n 
A 1 57  ILE 57  45  45  ILE ILE A . n 
A 1 58  SER 58  46  46  SER SER A . n 
A 1 59  VAL 59  47  47  VAL VAL A . n 
A 1 60  ASP 60  48  48  ASP ASP A . n 
A 1 61  ASP 61  49  49  ASP ASP A . n 
A 1 62  LEU 62  50  50  LEU LEU A . n 
A 1 63  ALA 63  51  51  ALA ALA A . n 
A 1 64  LYS 64  52  52  LYS LYS A . n 
A 1 65  GLY 65  53  53  GLY GLY A . n 
A 1 66  ALA 66  54  54  ALA ALA A . n 
A 1 67  GLY 67  55  55  GLY GLY A . n 
A 1 68  ILE 68  56  56  ILE ILE A . n 
A 1 69  SER 69  57  57  SER SER A . n 
A 1 70  ARG 70  58  58  ARG ARG A . n 
A 1 71  PRO 71  59  59  PRO PRO A . n 
A 1 72  THR 72  60  60  THR THR A . n 
A 1 73  PHE 73  61  61  PHE PHE A . n 
A 1 74  TYR 74  62  62  TYR TYR A . n 
A 1 75  PHE 75  63  63  PHE PHE A . n 
A 1 76  TYR 76  64  64  TYR TYR A . n 
A 1 77  PHE 77  65  65  PHE PHE A . n 
A 1 78  PRO 78  66  66  PRO PRO A . n 
A 1 79  SER 79  67  67  SER SER A . n 
A 1 80  LYS 80  68  68  LYS LYS A . n 
A 1 81  GLU 81  69  69  GLU GLU A . n 
A 1 82  ALA 82  70  70  ALA ALA A . n 
A 1 83  VAL 83  71  71  VAL VAL A . n 
A 1 84  LEU 84  72  72  LEU LEU A . n 
A 1 85  LEU 85  73  73  LEU LEU A . n 
A 1 86  THR 86  74  74  THR THR A . n 
A 1 87  LEU 87  75  75  LEU LEU A . n 
A 1 88  LEU 88  76  76  LEU LEU A . n 
A 1 89  ASP 89  77  77  ASP ASP A . n 
A 1 90  ARG 90  78  78  ARG ARG A . n 
A 1 91  VAL 91  79  79  VAL VAL A . n 
A 1 92  VAL 92  80  80  VAL VAL A . n 
A 1 93  ASN 93  81  81  ASN ASN A . n 
A 1 94  GLN 94  82  82  GLN GLN A . n 
A 1 95  ALA 95  83  83  ALA ALA A . n 
A 1 96  ASP 96  84  84  ASP ASP A . n 
A 1 97  MET 97  85  85  MET MET A . n 
A 1 98  ALA 98  86  86  ALA ALA A . n 
A 1 99  LEU 99  87  87  LEU LEU A . n 
A 1 100 GLN 100 88  88  GLN GLN A . n 
A 1 101 THR 101 89  89  THR THR A . n 
A 1 102 LEU 102 90  90  LEU LEU A . n 
A 1 103 ALA 103 91  91  ALA ALA A . n 
A 1 104 GLU 104 92  92  GLU GLU A . n 
A 1 105 ASN 105 93  93  ASN ASN A . n 
A 1 106 PRO 106 94  ?   ?   ?   A . n 
A 1 107 ALA 107 95  ?   ?   ?   A . n 
A 1 108 ASP 108 96  ?   ?   ?   A . n 
A 1 109 THR 109 97  ?   ?   ?   A . n 
A 1 110 ASP 110 98  98  ASP ASP A . n 
A 1 111 ARG 111 99  99  ARG ARG A . n 
A 1 112 GLU 112 100 100 GLU GLU A . n 
A 1 113 ASN 113 101 101 ASN ASN A . n 
A 1 114 MET 114 102 102 MET MET A . n 
A 1 115 TRP 115 103 103 TRP TRP A . n 
A 1 116 ARG 116 104 104 ARG ARG A . n 
A 1 117 THR 117 105 105 THR THR A . n 
A 1 118 GLY 118 106 106 GLY GLY A . n 
A 1 119 ILE 119 107 107 ILE ILE A . n 
A 1 120 ASN 120 108 108 ASN ASN A . n 
A 1 121 VAL 121 109 109 VAL VAL A . n 
A 1 122 PHE 122 110 110 PHE PHE A . n 
A 1 123 PHE 123 111 111 PHE PHE A . n 
A 1 124 GLU 124 112 112 GLU GLU A . n 
A 1 125 THR 125 113 113 THR THR A . n 
A 1 126 PHE 126 114 114 PHE PHE A . n 
A 1 127 GLY 127 115 115 GLY GLY A . n 
A 1 128 SER 128 116 116 SER SER A . n 
A 1 129 HIS 129 117 117 HIS HIS A . n 
A 1 130 LYS 130 118 118 LYS LYS A . n 
A 1 131 ALA 131 119 119 ALA ALA A . n 
A 1 132 VAL 132 120 120 VAL VAL A . n 
A 1 133 THR 133 121 121 THR THR A . n 
A 1 134 ARG 134 122 122 ARG ARG A . n 
A 1 135 ALA 135 123 123 ALA ALA A . n 
A 1 136 GLY 136 124 124 GLY GLY A . n 
A 1 137 GLN 137 125 125 GLN GLN A . n 
A 1 138 ALA 138 126 126 ALA ALA A . n 
A 1 139 ALA 139 127 127 ALA ALA A . n 
A 1 140 ARG 140 128 128 ARG ARG A . n 
A 1 141 ALA 141 129 129 ALA ALA A . n 
A 1 142 THR 142 130 130 THR THR A . n 
A 1 143 SER 143 131 131 SER SER A . n 
A 1 144 VAL 144 132 132 VAL VAL A . n 
A 1 145 GLU 145 133 133 GLU GLU A . n 
A 1 146 VAL 146 134 134 VAL VAL A . n 
A 1 147 ALA 147 135 135 ALA ALA A . n 
A 1 148 GLU 148 136 136 GLU GLU A . n 
A 1 149 LEU 149 137 137 LEU LEU A . n 
A 1 150 TRP 150 138 138 TRP TRP A . n 
A 1 151 SER 151 139 139 SER SER A . n 
A 1 152 THR 152 140 140 THR THR A . n 
A 1 153 PHE 153 141 141 PHE PHE A . n 
A 1 154 MET 154 142 142 MET MET A . n 
A 1 155 GLN 155 143 143 GLN GLN A . n 
A 1 156 LYS 156 144 144 LYS LYS A . n 
A 1 157 TRP 157 145 145 TRP TRP A . n 
A 1 158 ILE 158 146 146 ILE ILE A . n 
A 1 159 ALA 159 147 147 ALA ALA A . n 
A 1 160 TYR 160 148 148 TYR TYR A . n 
A 1 161 THR 161 149 149 THR THR A . n 
A 1 162 ALA 162 150 150 ALA ALA A . n 
A 1 163 ALA 163 151 151 ALA ALA A . n 
A 1 164 VAL 164 152 152 VAL VAL A . n 
A 1 165 ILE 165 153 153 ILE ILE A . n 
A 1 166 ASP 166 154 154 ASP ASP A . n 
A 1 167 ALA 167 155 155 ALA ALA A . n 
A 1 168 GLU 168 156 156 GLU GLU A . n 
A 1 169 ARG 169 157 157 ARG ARG A . n 
A 1 170 ASP 170 158 158 ASP ASP A . n 
A 1 171 ARG 171 159 159 ARG ARG A . n 
A 1 172 GLY 172 160 160 GLY GLY A . n 
A 1 173 ALA 173 161 161 ALA ALA A . n 
A 1 174 ALA 174 162 162 ALA ALA A . n 
A 1 175 PRO 175 163 163 PRO PRO A . n 
A 1 176 ARG 176 164 164 ARG ARG A . n 
A 1 177 THR 177 165 165 THR THR A . n 
A 1 178 LEU 178 166 166 LEU LEU A . n 
A 1 179 PRO 179 167 167 PRO PRO A . n 
A 1 180 ALA 180 168 168 ALA ALA A . n 
A 1 181 HIS 181 169 169 HIS HIS A . n 
A 1 182 GLU 182 170 170 GLU GLU A . n 
A 1 183 LEU 183 171 171 LEU LEU A . n 
A 1 184 ALA 184 172 172 ALA ALA A . n 
A 1 185 THR 185 173 173 THR THR A . n 
A 1 186 ALA 186 174 174 ALA ALA A . n 
A 1 187 LEU 187 175 175 LEU LEU A . n 
A 1 188 ASN 188 176 176 ASN ASN A . n 
A 1 189 LEU 189 177 177 LEU LEU A . n 
A 1 190 MET 190 178 178 MET MET A . n 
A 1 191 ASN 191 179 179 ASN ASN A . n 
A 1 192 GLU 192 180 180 GLU GLU A . n 
A 1 193 ARG 193 181 181 ARG ARG A . n 
A 1 194 THR 194 182 182 THR THR A . n 
A 1 195 LEU 195 183 183 LEU LEU A . n 
A 1 196 PHE 196 184 184 PHE PHE A . n 
A 1 197 ALA 197 185 185 ALA ALA A . n 
A 1 198 SER 198 186 186 SER SER A . n 
A 1 199 PHE 199 187 187 PHE PHE A . n 
A 1 200 ALA 200 188 188 ALA ALA A . n 
A 1 201 GLY 201 189 189 GLY GLY A . n 
A 1 202 GLU 202 190 190 GLU GLU A . n 
A 1 203 GLN 203 191 191 GLN GLN A . n 
A 1 204 PRO 204 192 192 PRO PRO A . n 
A 1 205 SER 205 193 193 SER SER A . n 
A 1 206 VAL 206 194 194 VAL VAL A . n 
A 1 207 PRO 207 195 195 PRO PRO A . n 
A 1 208 GLU 208 196 196 GLU GLU A . n 
A 1 209 ALA 209 197 197 ALA ALA A . n 
A 1 210 ARG 210 198 198 ARG ARG A . n 
A 1 211 VAL 211 199 199 VAL VAL A . n 
A 1 212 LEU 212 200 200 LEU LEU A . n 
A 1 213 ASP 213 201 201 ASP ASP A . n 
A 1 214 THR 214 202 202 THR THR A . n 
A 1 215 LEU 215 203 203 LEU LEU A . n 
A 1 216 VAL 216 204 204 VAL VAL A . n 
A 1 217 HIS 217 205 205 HIS HIS A . n 
A 1 218 ILE 218 206 206 ILE ILE A . n 
A 1 219 TRP 219 207 207 TRP TRP A . n 
A 1 220 VAL 220 208 208 VAL VAL A . n 
A 1 221 THR 221 209 209 THR THR A . n 
A 1 222 SER 222 210 210 SER SER A . n 
A 1 223 ILE 223 211 211 ILE ILE A . n 
A 1 224 TYR 224 212 212 TYR TYR A . n 
A 1 225 GLY 225 213 213 GLY GLY A . n 
A 1 226 GLU 226 214 214 GLU GLU A . n 
A 1 227 ASN 227 215 ?   ?   ?   A . n 
A 1 228 ARG 228 216 ?   ?   ?   A . n 
# 
loop_
_pdbx_nonpoly_scheme.asym_id 
_pdbx_nonpoly_scheme.entity_id 
_pdbx_nonpoly_scheme.mon_id 
_pdbx_nonpoly_scheme.ndb_seq_num 
_pdbx_nonpoly_scheme.pdb_seq_num 
_pdbx_nonpoly_scheme.auth_seq_num 
_pdbx_nonpoly_scheme.pdb_mon_id 
_pdbx_nonpoly_scheme.auth_mon_id 
_pdbx_nonpoly_scheme.pdb_strand_id 
_pdbx_nonpoly_scheme.pdb_ins_code 
B 2 GHB 1  301 1  GHB DRG A . 
C 3 HOH 1  401 40 HOH HOH A . 
C 3 HOH 2  402 18 HOH HOH A . 
C 3 HOH 3  403 7  HOH HOH A . 
C 3 HOH 4  404 2  HOH HOH A . 
C 3 HOH 5  405 48 HOH HOH A . 
C 3 HOH 6  406 37 HOH HOH A . 
C 3 HOH 7  407 9  HOH HOH A . 
C 3 HOH 8  408 23 HOH HOH A . 
C 3 HOH 9  409 35 HOH HOH A . 
C 3 HOH 10 410 16 HOH HOH A . 
C 3 HOH 11 411 38 HOH HOH A . 
C 3 HOH 12 412 50 HOH HOH A . 
C 3 HOH 13 413 45 HOH HOH A . 
C 3 HOH 14 414 5  HOH HOH A . 
C 3 HOH 15 415 32 HOH HOH A . 
C 3 HOH 16 416 44 HOH HOH A . 
C 3 HOH 17 417 30 HOH HOH A . 
C 3 HOH 18 418 34 HOH HOH A . 
C 3 HOH 19 419 13 HOH HOH A . 
C 3 HOH 20 420 47 HOH HOH A . 
C 3 HOH 21 421 24 HOH HOH A . 
C 3 HOH 22 422 11 HOH HOH A . 
C 3 HOH 23 423 3  HOH HOH A . 
C 3 HOH 24 424 39 HOH HOH A . 
C 3 HOH 25 425 14 HOH HOH A . 
C 3 HOH 26 426 12 HOH HOH A . 
C 3 HOH 27 427 22 HOH HOH A . 
C 3 HOH 28 428 43 HOH HOH A . 
C 3 HOH 29 429 8  HOH HOH A . 
C 3 HOH 30 430 1  HOH HOH A . 
C 3 HOH 31 431 15 HOH HOH A . 
C 3 HOH 32 432 41 HOH HOH A . 
C 3 HOH 33 433 28 HOH HOH A . 
C 3 HOH 34 434 25 HOH HOH A . 
C 3 HOH 35 435 4  HOH HOH A . 
C 3 HOH 36 436 10 HOH HOH A . 
C 3 HOH 37 437 19 HOH HOH A . 
C 3 HOH 38 438 26 HOH HOH A . 
C 3 HOH 39 439 20 HOH HOH A . 
C 3 HOH 40 440 6  HOH HOH A . 
C 3 HOH 41 441 27 HOH HOH A . 
C 3 HOH 42 442 29 HOH HOH A . 
C 3 HOH 43 443 42 HOH HOH A . 
C 3 HOH 44 444 46 HOH HOH A . 
C 3 HOH 45 445 49 HOH HOH A . 
C 3 HOH 46 446 52 HOH HOH A . 
C 3 HOH 47 447 21 HOH HOH A . 
C 3 HOH 48 448 17 HOH HOH A . 
C 3 HOH 49 449 31 HOH HOH A . 
C 3 HOH 50 450 33 HOH HOH A . 
C 3 HOH 51 451 36 HOH HOH A . 
C 3 HOH 52 452 51 HOH HOH A . 
# 
loop_
_software.citation_id 
_software.classification 
_software.compiler_name 
_software.compiler_version 
_software.contact_author 
_software.contact_author_email 
_software.date 
_software.description 
_software.dependencies 
_software.hardware 
_software.language 
_software.location 
_software.mods 
_software.name 
_software.os 
_software.os_version 
_software.type 
_software.version 
_software.pdbx_ordinal 
? refinement       ? ? ? ? ? ? ? ? ? ? ? REFMAC  ? ? ? 5.8.0232 1 
? 'data reduction' ? ? ? ? ? ? ? ? ? ? ? iMOSFLM ? ? ? .        2 
? phasing          ? ? ? ? ? ? ? ? ? ? ? MOLREP  ? ? ? .        3 
# 
_cell.angle_alpha                  90.00 
_cell.angle_alpha_esd              ? 
_cell.angle_beta                   90.00 
_cell.angle_beta_esd               ? 
_cell.angle_gamma                  90.00 
_cell.angle_gamma_esd              ? 
_cell.entry_id                     6HO9 
_cell.details                      ? 
_cell.formula_units_Z              ? 
_cell.length_a                     121.796 
_cell.length_a_esd                 ? 
_cell.length_b                     121.796 
_cell.length_b_esd                 ? 
_cell.length_c                     33.647 
_cell.length_c_esd                 ? 
_cell.volume                       ? 
_cell.volume_esd                   ? 
_cell.Z_PDB                        8 
_cell.reciprocal_angle_alpha       ? 
_cell.reciprocal_angle_beta        ? 
_cell.reciprocal_angle_gamma       ? 
_cell.reciprocal_angle_alpha_esd   ? 
_cell.reciprocal_angle_beta_esd    ? 
_cell.reciprocal_angle_gamma_esd   ? 
_cell.reciprocal_length_a          ? 
_cell.reciprocal_length_b          ? 
_cell.reciprocal_length_c          ? 
_cell.reciprocal_length_a_esd      ? 
_cell.reciprocal_length_b_esd      ? 
_cell.reciprocal_length_c_esd      ? 
_cell.pdbx_unique_axis             ? 
# 
_symmetry.entry_id                         6HO9 
_symmetry.cell_setting                     ? 
_symmetry.Int_Tables_number                92 
_symmetry.space_group_name_Hall            ? 
_symmetry.space_group_name_H-M             'P 41 21 2' 
_symmetry.pdbx_full_space_group_name_H-M   ? 
# 
_exptl.absorpt_coefficient_mu     ? 
_exptl.absorpt_correction_T_max   ? 
_exptl.absorpt_correction_T_min   ? 
_exptl.absorpt_correction_type    ? 
_exptl.absorpt_process_details    ? 
_exptl.entry_id                   6HO9 
_exptl.crystals_number            1 
_exptl.details                    ? 
_exptl.method                     'X-RAY DIFFRACTION' 
_exptl.method_details             ? 
# 
_exptl_crystal.colour                      ? 
_exptl_crystal.density_diffrn              ? 
_exptl_crystal.density_Matthews            2.41 
_exptl_crystal.density_method              ? 
_exptl_crystal.density_percent_sol         48.93 
_exptl_crystal.description                 ? 
_exptl_crystal.F_000                       ? 
_exptl_crystal.id                          1 
_exptl_crystal.preparation                 ? 
_exptl_crystal.size_max                    ? 
_exptl_crystal.size_mid                    ? 
_exptl_crystal.size_min                    ? 
_exptl_crystal.size_rad                    ? 
_exptl_crystal.colour_lustre               ? 
_exptl_crystal.colour_modifier             ? 
_exptl_crystal.colour_primary              ? 
_exptl_crystal.density_meas                ? 
_exptl_crystal.density_meas_esd            ? 
_exptl_crystal.density_meas_gt             ? 
_exptl_crystal.density_meas_lt             ? 
_exptl_crystal.density_meas_temp           ? 
_exptl_crystal.density_meas_temp_esd       ? 
_exptl_crystal.density_meas_temp_gt        ? 
_exptl_crystal.density_meas_temp_lt        ? 
_exptl_crystal.pdbx_crystal_image_url      ? 
_exptl_crystal.pdbx_crystal_image_format   ? 
_exptl_crystal.pdbx_mosaicity              ? 
_exptl_crystal.pdbx_mosaicity_esd          ? 
# 
_exptl_crystal_grow.apparatus       ? 
_exptl_crystal_grow.atmosphere      ? 
_exptl_crystal_grow.crystal_id      1 
_exptl_crystal_grow.details         ? 
_exptl_crystal_grow.method          'VAPOR DIFFUSION' 
_exptl_crystal_grow.method_ref      ? 
_exptl_crystal_grow.pH              6.7 
_exptl_crystal_grow.pressure        ? 
_exptl_crystal_grow.pressure_esd    ? 
_exptl_crystal_grow.seeding         ? 
_exptl_crystal_grow.seeding_ref     ? 
_exptl_crystal_grow.temp            293 
_exptl_crystal_grow.temp_details    ? 
_exptl_crystal_grow.temp_esd        ? 
_exptl_crystal_grow.time            ? 
_exptl_crystal_grow.pdbx_details    '1.4-1.6 ammonium sulfate, 15% glycerol, 100 mM MES' 
_exptl_crystal_grow.pdbx_pH_range   ? 
# 
_diffrn.ambient_environment              ? 
_diffrn.ambient_temp                     100 
_diffrn.ambient_temp_details             ? 
_diffrn.ambient_temp_esd                 ? 
_diffrn.crystal_id                       1 
_diffrn.crystal_support                  ? 
_diffrn.crystal_treatment                ? 
_diffrn.details                          ? 
_diffrn.id                               1 
_diffrn.ambient_pressure                 ? 
_diffrn.ambient_pressure_esd             ? 
_diffrn.ambient_pressure_gt              ? 
_diffrn.ambient_pressure_lt              ? 
_diffrn.ambient_temp_gt                  ? 
_diffrn.ambient_temp_lt                  ? 
_diffrn.pdbx_serial_crystal_experiment   ? 
# 
_diffrn_detector.details                      ? 
_diffrn_detector.detector                     PIXEL 
_diffrn_detector.diffrn_id                    1 
_diffrn_detector.type                         'DECTRIS PILATUS 6M' 
_diffrn_detector.area_resol_mean              ? 
_diffrn_detector.dtime                        ? 
_diffrn_detector.pdbx_frames_total            ? 
_diffrn_detector.pdbx_collection_time_total   ? 
_diffrn_detector.pdbx_collection_date         2010-12-06 
_diffrn_detector.pdbx_frequency               ? 
# 
_diffrn_radiation.collimation                      ? 
_diffrn_radiation.diffrn_id                        1 
_diffrn_radiation.filter_edge                      ? 
_diffrn_radiation.inhomogeneity                    ? 
_diffrn_radiation.monochromator                    ? 
_diffrn_radiation.polarisn_norm                    ? 
_diffrn_radiation.polarisn_ratio                   ? 
_diffrn_radiation.probe                            ? 
_diffrn_radiation.type                             ? 
_diffrn_radiation.xray_symbol                      ? 
_diffrn_radiation.wavelength_id                    1 
_diffrn_radiation.pdbx_monochromatic_or_laue_m_l   M 
_diffrn_radiation.pdbx_wavelength_list             ? 
_diffrn_radiation.pdbx_wavelength                  ? 
_diffrn_radiation.pdbx_diffrn_protocol             'SINGLE WAVELENGTH' 
_diffrn_radiation.pdbx_analyzer                    ? 
_diffrn_radiation.pdbx_scattering_type             x-ray 
# 
_diffrn_radiation_wavelength.id           1 
_diffrn_radiation_wavelength.wavelength   1.00 
_diffrn_radiation_wavelength.wt           1.0 
# 
_diffrn_source.current                     ? 
_diffrn_source.details                     ? 
_diffrn_source.diffrn_id                   1 
_diffrn_source.power                       ? 
_diffrn_source.size                        ? 
_diffrn_source.source                      SYNCHROTRON 
_diffrn_source.target                      ? 
_diffrn_source.type                        'SLS BEAMLINE X06SA' 
_diffrn_source.voltage                     ? 
_diffrn_source.take-off_angle              ? 
_diffrn_source.pdbx_wavelength_list        1.00 
_diffrn_source.pdbx_wavelength             ? 
_diffrn_source.pdbx_synchrotron_beamline   X06SA 
_diffrn_source.pdbx_synchrotron_site       SLS 
# 
_reflns.B_iso_Wilson_estimate            ? 
_reflns.entry_id                         6HO9 
_reflns.data_reduction_details           ? 
_reflns.data_reduction_method            ? 
_reflns.d_resolution_high                1.80 
_reflns.d_resolution_low                 43.06 
_reflns.details                          ? 
_reflns.limit_h_max                      ? 
_reflns.limit_h_min                      ? 
_reflns.limit_k_max                      ? 
_reflns.limit_k_min                      ? 
_reflns.limit_l_max                      ? 
_reflns.limit_l_min                      ? 
_reflns.number_all                       ? 
_reflns.number_obs                       24112 
_reflns.observed_criterion               ? 
_reflns.observed_criterion_F_max         ? 
_reflns.observed_criterion_F_min         ? 
_reflns.observed_criterion_I_max         ? 
_reflns.observed_criterion_I_min         ? 
_reflns.observed_criterion_sigma_F       ? 
_reflns.observed_criterion_sigma_I       ? 
_reflns.percent_possible_obs             99.8 
_reflns.R_free_details                   ? 
_reflns.Rmerge_F_all                     ? 
_reflns.Rmerge_F_obs                     ? 
_reflns.Friedel_coverage                 ? 
_reflns.number_gt                        ? 
_reflns.threshold_expression             ? 
_reflns.pdbx_redundancy                  12.9 
_reflns.pdbx_Rmerge_I_obs                0.058 
_reflns.pdbx_Rmerge_I_all                ? 
_reflns.pdbx_Rsym_value                  ? 
_reflns.pdbx_netI_over_av_sigmaI         ? 
_reflns.pdbx_netI_over_sigmaI            30.8 
_reflns.pdbx_res_netI_over_av_sigmaI_2   ? 
_reflns.pdbx_res_netI_over_sigmaI_2      ? 
_reflns.pdbx_chi_squared                 ? 
_reflns.pdbx_scaling_rejects             ? 
_reflns.pdbx_d_res_high_opt              ? 
_reflns.pdbx_d_res_low_opt               ? 
_reflns.pdbx_d_res_opt_method            ? 
_reflns.phase_calculation_details        ? 
_reflns.pdbx_Rrim_I_all                  ? 
_reflns.pdbx_Rpim_I_all                  ? 
_reflns.pdbx_d_opt                       ? 
_reflns.pdbx_number_measured_all         ? 
_reflns.pdbx_diffrn_id                   1 
_reflns.pdbx_ordinal                     1 
_reflns.pdbx_CC_half                     ? 
_reflns.pdbx_R_split                     ? 
# 
_reflns_shell.d_res_high                  1.80 
_reflns_shell.d_res_low                   1.90 
_reflns_shell.meanI_over_sigI_all         ? 
_reflns_shell.meanI_over_sigI_obs         7.3 
_reflns_shell.number_measured_all         ? 
_reflns_shell.number_measured_obs         ? 
_reflns_shell.number_possible             ? 
_reflns_shell.number_unique_all           ? 
_reflns_shell.number_unique_obs           3412 
_reflns_shell.percent_possible_all        98.7 
_reflns_shell.percent_possible_obs        ? 
_reflns_shell.Rmerge_F_all                ? 
_reflns_shell.Rmerge_F_obs                ? 
_reflns_shell.Rmerge_I_all                ? 
_reflns_shell.Rmerge_I_obs                0.407 
_reflns_shell.meanI_over_sigI_gt          ? 
_reflns_shell.meanI_over_uI_all           ? 
_reflns_shell.meanI_over_uI_gt            ? 
_reflns_shell.number_measured_gt          ? 
_reflns_shell.number_unique_gt            ? 
_reflns_shell.percent_possible_gt         ? 
_reflns_shell.Rmerge_F_gt                 ? 
_reflns_shell.Rmerge_I_gt                 ? 
_reflns_shell.pdbx_redundancy             13.2 
_reflns_shell.pdbx_Rsym_value             ? 
_reflns_shell.pdbx_chi_squared            ? 
_reflns_shell.pdbx_netI_over_sigmaI_all   ? 
_reflns_shell.pdbx_netI_over_sigmaI_obs   ? 
_reflns_shell.pdbx_Rrim_I_all             ? 
_reflns_shell.pdbx_Rpim_I_all             ? 
_reflns_shell.pdbx_rejects                ? 
_reflns_shell.pdbx_ordinal                1 
_reflns_shell.pdbx_diffrn_id              1 
_reflns_shell.pdbx_CC_half                ? 
_reflns_shell.pdbx_R_split                ? 
# 
_refine.aniso_B[1][1]                            -0.00 
_refine.aniso_B[1][2]                            0.00 
_refine.aniso_B[1][3]                            0.00 
_refine.aniso_B[2][2]                            -0.00 
_refine.aniso_B[2][3]                            0.00 
_refine.aniso_B[3][3]                            0.00 
_refine.B_iso_max                                ? 
_refine.B_iso_mean                               22.977 
_refine.B_iso_min                                ? 
_refine.correlation_coeff_Fo_to_Fc               0.953 
_refine.correlation_coeff_Fo_to_Fc_free          0.936 
_refine.details                                  'HYDROGENS HAVE BEEN ADDED IN THE RIDING POSITIONS' 
_refine.diff_density_max                         ? 
_refine.diff_density_max_esd                     ? 
_refine.diff_density_min                         ? 
_refine.diff_density_min_esd                     ? 
_refine.diff_density_rms                         ? 
_refine.diff_density_rms_esd                     ? 
_refine.entry_id                                 6HO9 
_refine.pdbx_refine_id                           'X-RAY DIFFRACTION' 
_refine.ls_abs_structure_details                 ? 
_refine.ls_abs_structure_Flack                   ? 
_refine.ls_abs_structure_Flack_esd               ? 
_refine.ls_abs_structure_Rogers                  ? 
_refine.ls_abs_structure_Rogers_esd              ? 
_refine.ls_d_res_high                            1.80 
_refine.ls_d_res_low                             43.06 
_refine.ls_extinction_coef                       ? 
_refine.ls_extinction_coef_esd                   ? 
_refine.ls_extinction_expression                 ? 
_refine.ls_extinction_method                     ? 
_refine.ls_goodness_of_fit_all                   ? 
_refine.ls_goodness_of_fit_all_esd               ? 
_refine.ls_goodness_of_fit_obs                   ? 
_refine.ls_goodness_of_fit_obs_esd               ? 
_refine.ls_hydrogen_treatment                    ? 
_refine.ls_matrix_type                           ? 
_refine.ls_number_constraints                    ? 
_refine.ls_number_parameters                     ? 
_refine.ls_number_reflns_all                     ? 
_refine.ls_number_reflns_obs                     22865 
_refine.ls_number_reflns_R_free                  1204 
_refine.ls_number_reflns_R_work                  ? 
_refine.ls_number_restraints                     ? 
_refine.ls_percent_reflns_obs                    99.76 
_refine.ls_percent_reflns_R_free                 5.0 
_refine.ls_R_factor_all                          ? 
_refine.ls_R_factor_obs                          0.18253 
_refine.ls_R_factor_R_free                       0.21085 
_refine.ls_R_factor_R_free_error                 ? 
_refine.ls_R_factor_R_free_error_details         ? 
_refine.ls_R_factor_R_work                       0.18105 
_refine.ls_R_Fsqd_factor_obs                     ? 
_refine.ls_R_I_factor_obs                        ? 
_refine.ls_redundancy_reflns_all                 ? 
_refine.ls_redundancy_reflns_obs                 ? 
_refine.ls_restrained_S_all                      ? 
_refine.ls_restrained_S_obs                      ? 
_refine.ls_shift_over_esd_max                    ? 
_refine.ls_shift_over_esd_mean                   ? 
_refine.ls_structure_factor_coef                 ? 
_refine.ls_weighting_details                     ? 
_refine.ls_weighting_scheme                      ? 
_refine.ls_wR_factor_all                         ? 
_refine.ls_wR_factor_obs                         ? 
_refine.ls_wR_factor_R_free                      ? 
_refine.ls_wR_factor_R_work                      ? 
_refine.occupancy_max                            ? 
_refine.occupancy_min                            ? 
_refine.solvent_model_details                    ? 
_refine.solvent_model_param_bsol                 ? 
_refine.solvent_model_param_ksol                 ? 
_refine.ls_R_factor_gt                           ? 
_refine.ls_goodness_of_fit_gt                    ? 
_refine.ls_goodness_of_fit_ref                   ? 
_refine.ls_shift_over_su_max                     ? 
_refine.ls_shift_over_su_max_lt                  ? 
_refine.ls_shift_over_su_mean                    ? 
_refine.ls_shift_over_su_mean_lt                 ? 
_refine.pdbx_ls_sigma_I                          ? 
_refine.pdbx_ls_sigma_F                          ? 
_refine.pdbx_ls_sigma_Fsqd                       ? 
_refine.pdbx_data_cutoff_high_absF               ? 
_refine.pdbx_data_cutoff_high_rms_absF           ? 
_refine.pdbx_data_cutoff_low_absF                ? 
_refine.pdbx_isotropic_thermal_model             ? 
_refine.pdbx_ls_cross_valid_method               THROUGHOUT 
_refine.pdbx_method_to_determine_struct          'MOLECULAR REPLACEMENT' 
_refine.pdbx_starting_model                      1U9N 
_refine.pdbx_stereochemistry_target_values       ? 
_refine.pdbx_R_Free_selection_details            RANDOM 
_refine.pdbx_stereochem_target_val_spec_case     ? 
_refine.pdbx_overall_ESU_R                       0.100 
_refine.pdbx_overall_ESU_R_Free                  0.100 
_refine.pdbx_solvent_vdw_probe_radii             1.20 
_refine.pdbx_solvent_ion_probe_radii             0.80 
_refine.pdbx_solvent_shrinkage_radii             0.80 
_refine.pdbx_real_space_R                        ? 
_refine.pdbx_density_correlation                 ? 
_refine.pdbx_pd_number_of_powder_patterns        ? 
_refine.pdbx_pd_number_of_points                 ? 
_refine.pdbx_pd_meas_number_of_points            ? 
_refine.pdbx_pd_proc_ls_prof_R_factor            ? 
_refine.pdbx_pd_proc_ls_prof_wR_factor           ? 
_refine.pdbx_pd_Marquardt_correlation_coeff      ? 
_refine.pdbx_pd_Fsqrd_R_factor                   ? 
_refine.pdbx_pd_ls_matrix_band_width             ? 
_refine.pdbx_overall_phase_error                 ? 
_refine.pdbx_overall_SU_R_free_Cruickshank_DPI   ? 
_refine.pdbx_overall_SU_R_free_Blow_DPI          ? 
_refine.pdbx_overall_SU_R_Blow_DPI               ? 
_refine.pdbx_TLS_residual_ADP_flag               ? 
_refine.pdbx_diffrn_id                           1 
_refine.overall_SU_B                             1.973 
_refine.overall_SU_ML                            0.062 
_refine.overall_SU_R_Cruickshank_DPI             ? 
_refine.overall_SU_R_free                        ? 
_refine.overall_FOM_free_R_set                   ? 
_refine.overall_FOM_work_R_set                   ? 
_refine.pdbx_average_fsc_overall                 ? 
_refine.pdbx_average_fsc_work                    ? 
_refine.pdbx_average_fsc_free                    ? 
# 
_refine_hist.pdbx_refine_id                   'X-RAY DIFFRACTION' 
_refine_hist.cycle_id                         1 
_refine_hist.pdbx_number_atoms_protein        1455 
_refine_hist.pdbx_number_atoms_nucleic_acid   0 
_refine_hist.pdbx_number_atoms_ligand         24 
_refine_hist.number_atoms_solvent             52 
_refine_hist.number_atoms_total               1531 
_refine_hist.d_res_high                       1.80 
_refine_hist.d_res_low                        43.06 
# 
loop_
_refine_ls_restr.pdbx_refine_id 
_refine_ls_restr.criterion 
_refine_ls_restr.dev_ideal 
_refine_ls_restr.dev_ideal_target 
_refine_ls_restr.number 
_refine_ls_restr.rejects 
_refine_ls_restr.type 
_refine_ls_restr.weight 
_refine_ls_restr.pdbx_restraint_function 
'X-RAY DIFFRACTION' ? 0.012  0.013  1509 ? r_bond_refined_d             ? ? 
'X-RAY DIFFRACTION' ? 0.001  0.017  1403 ? r_bond_other_d               ? ? 
'X-RAY DIFFRACTION' ? 1.752  1.663  2055 ? r_angle_refined_deg          ? ? 
'X-RAY DIFFRACTION' ? 1.559  1.587  3224 ? r_angle_other_deg            ? ? 
'X-RAY DIFFRACTION' ? 4.765  5.000  184  ? r_dihedral_angle_1_deg       ? ? 
'X-RAY DIFFRACTION' ? 34.583 21.190 84   ? r_dihedral_angle_2_deg       ? ? 
'X-RAY DIFFRACTION' ? 12.076 15.000 237  ? r_dihedral_angle_3_deg       ? ? 
'X-RAY DIFFRACTION' ? 18.567 15.000 13   ? r_dihedral_angle_4_deg       ? ? 
'X-RAY DIFFRACTION' ? 0.090  0.200  201  ? r_chiral_restr               ? ? 
'X-RAY DIFFRACTION' ? 0.010  0.020  1696 ? r_gen_planes_refined         ? ? 
'X-RAY DIFFRACTION' ? 0.001  0.020  339  ? r_gen_planes_other           ? ? 
'X-RAY DIFFRACTION' ? ?      ?      ?    ? r_nbd_refined                ? ? 
'X-RAY DIFFRACTION' ? ?      ?      ?    ? r_nbd_other                  ? ? 
'X-RAY DIFFRACTION' ? ?      ?      ?    ? r_nbtor_refined              ? ? 
'X-RAY DIFFRACTION' ? ?      ?      ?    ? r_nbtor_other                ? ? 
'X-RAY DIFFRACTION' ? ?      ?      ?    ? r_xyhbond_nbd_refined        ? ? 
'X-RAY DIFFRACTION' ? ?      ?      ?    ? r_xyhbond_nbd_other          ? ? 
'X-RAY DIFFRACTION' ? ?      ?      ?    ? r_metal_ion_refined          ? ? 
'X-RAY DIFFRACTION' ? ?      ?      ?    ? r_metal_ion_other            ? ? 
'X-RAY DIFFRACTION' ? ?      ?      ?    ? r_symmetry_vdw_refined       ? ? 
'X-RAY DIFFRACTION' ? ?      ?      ?    ? r_symmetry_vdw_other         ? ? 
'X-RAY DIFFRACTION' ? ?      ?      ?    ? r_symmetry_hbond_refined     ? ? 
'X-RAY DIFFRACTION' ? ?      ?      ?    ? r_symmetry_hbond_other       ? ? 
'X-RAY DIFFRACTION' ? ?      ?      ?    ? r_symmetry_metal_ion_refined ? ? 
'X-RAY DIFFRACTION' ? ?      ?      ?    ? r_symmetry_metal_ion_other   ? ? 
'X-RAY DIFFRACTION' ? 2.333  2.199  742  ? r_mcbond_it                  ? ? 
'X-RAY DIFFRACTION' ? 2.329  2.197  741  ? r_mcbond_other               ? ? 
'X-RAY DIFFRACTION' ? 3.102  3.277  924  ? r_mcangle_it                 ? ? 
'X-RAY DIFFRACTION' ? 3.100  3.280  925  ? r_mcangle_other              ? ? 
'X-RAY DIFFRACTION' ? 3.633  2.641  767  ? r_scbond_it                  ? ? 
'X-RAY DIFFRACTION' ? 3.636  2.640  765  ? r_scbond_other               ? ? 
'X-RAY DIFFRACTION' ? ?      ?      ?    ? r_scangle_it                 ? ? 
'X-RAY DIFFRACTION' ? 5.502  3.787  1132 ? r_scangle_other              ? ? 
'X-RAY DIFFRACTION' ? 6.407  25.689 1709 ? r_long_range_B_refined       ? ? 
'X-RAY DIFFRACTION' ? 6.401  25.614 1701 ? r_long_range_B_other         ? ? 
'X-RAY DIFFRACTION' ? ?      ?      ?    ? r_rigid_bond_restr           ? ? 
'X-RAY DIFFRACTION' ? ?      ?      ?    ? r_sphericity_free            ? ? 
'X-RAY DIFFRACTION' ? ?      ?      ?    ? r_sphericity_bonded          ? ? 
# 
_refine_ls_shell.pdbx_refine_id                   'X-RAY DIFFRACTION' 
_refine_ls_shell.d_res_high                       1.801 
_refine_ls_shell.d_res_low                        1.847 
_refine_ls_shell.number_reflns_all                ? 
_refine_ls_shell.number_reflns_obs                ? 
_refine_ls_shell.number_reflns_R_free             85 
_refine_ls_shell.number_reflns_R_work             1615 
_refine_ls_shell.percent_reflns_obs               97.76 
_refine_ls_shell.percent_reflns_R_free            ? 
_refine_ls_shell.R_factor_all                     ? 
_refine_ls_shell.R_factor_obs                     ? 
_refine_ls_shell.R_factor_R_free                  0.228 
_refine_ls_shell.R_factor_R_free_error            ? 
_refine_ls_shell.R_factor_R_work                  0.200 
_refine_ls_shell.redundancy_reflns_all            ? 
_refine_ls_shell.redundancy_reflns_obs            ? 
_refine_ls_shell.wR_factor_all                    ? 
_refine_ls_shell.wR_factor_obs                    ? 
_refine_ls_shell.wR_factor_R_free                 ? 
_refine_ls_shell.wR_factor_R_work                 ? 
_refine_ls_shell.pdbx_total_number_of_bins_used   20 
_refine_ls_shell.pdbx_phase_error                 ? 
_refine_ls_shell.pdbx_fsc_work                    ? 
_refine_ls_shell.pdbx_fsc_free                    ? 
# 
_struct.entry_id                     6HO9 
_struct.title                        'TRANSCRIPTIONAL REPRESSOR ETHR FROM MYCOBACTERIUM TUBERCULOSIS IN COMPLEX WITH BDM44825' 
_struct.pdbx_model_details           ? 
_struct.pdbx_formula_weight          ? 
_struct.pdbx_formula_weight_method   ? 
_struct.pdbx_model_type_details      ? 
_struct.pdbx_CASP_flag               N 
# 
_struct_keywords.entry_id        6HO9 
_struct_keywords.text            
'HELIX-TURN-HELIX, DNA BINDING PROTEIN, TETR-FAMILY, COMPLEX, INHIBITOR, DRUG DESIGN, TUBERCULOSIS, ETHIONAMIDE' 
_struct_keywords.pdbx_keywords   'DNA BINDING PROTEIN' 
# 
loop_
_struct_asym.id 
_struct_asym.pdbx_blank_PDB_chainid_flag 
_struct_asym.pdbx_modified 
_struct_asym.entity_id 
_struct_asym.details 
A N N 1 ? 
B N N 2 ? 
C N N 3 ? 
# 
_struct_ref.id                         1 
_struct_ref.db_name                    UNP 
_struct_ref.db_code                    ETHR_MYCTO 
_struct_ref.pdbx_db_accession          P9WMC0 
_struct_ref.pdbx_db_isoform            ? 
_struct_ref.entity_id                  1 
_struct_ref.pdbx_seq_one_letter_code   
;MTTSAASQASLPRGRRTARPSGDDRELAILATAENLLEDRPLADISVDDLAKGAGISRPTFYFYFPSKEAVLLTLLDRVV
NQADMALQTLAENPADTDRENMWRTGINVFFETFGSHKAVTRAGQAARATSVEVAELWSTFMQKWIAYTAAVIDAERDRG
AAPRTLPAHELATALNLMNERTLFASFAGEQPSVPEARVLDTLVHIWVTSIYGENR
;
_struct_ref.pdbx_align_begin           1 
# 
_struct_ref_seq.align_id                      1 
_struct_ref_seq.ref_id                        1 
_struct_ref_seq.pdbx_PDB_id_code              6HO9 
_struct_ref_seq.pdbx_strand_id                A 
_struct_ref_seq.seq_align_beg                 13 
_struct_ref_seq.pdbx_seq_align_beg_ins_code   ? 
_struct_ref_seq.seq_align_end                 228 
_struct_ref_seq.pdbx_seq_align_end_ins_code   ? 
_struct_ref_seq.pdbx_db_accession             P9WMC0 
_struct_ref_seq.db_align_beg                  1 
_struct_ref_seq.pdbx_db_align_beg_ins_code    ? 
_struct_ref_seq.db_align_end                  216 
_struct_ref_seq.pdbx_db_align_end_ins_code    ? 
_struct_ref_seq.pdbx_auth_seq_align_beg       1 
_struct_ref_seq.pdbx_auth_seq_align_end       216 
# 
loop_
_struct_ref_seq_dif.align_id 
_struct_ref_seq_dif.pdbx_pdb_id_code 
_struct_ref_seq_dif.mon_id 
_struct_ref_seq_dif.pdbx_pdb_strand_id 
_struct_ref_seq_dif.seq_num 
_struct_ref_seq_dif.pdbx_pdb_ins_code 
_struct_ref_seq_dif.pdbx_seq_db_name 
_struct_ref_seq_dif.pdbx_seq_db_accession_code 
_struct_ref_seq_dif.db_mon_id 
_struct_ref_seq_dif.pdbx_seq_db_seq_num 
_struct_ref_seq_dif.details 
_struct_ref_seq_dif.pdbx_auth_seq_num 
_struct_ref_seq_dif.pdbx_ordinal 
1 6HO9 MET A 1  ? UNP P9WMC0 ? ? 'initiating methionine' -11 1  
1 6HO9 THR A 2  ? UNP P9WMC0 ? ? 'expression tag'        -10 2  
1 6HO9 THR A 3  ? UNP P9WMC0 ? ? 'expression tag'        -9  3  
1 6HO9 SER A 4  ? UNP P9WMC0 ? ? 'expression tag'        -8  4  
1 6HO9 ALA A 5  ? UNP P9WMC0 ? ? 'expression tag'        -7  5  
1 6HO9 ALA A 6  ? UNP P9WMC0 ? ? 'expression tag'        -6  6  
1 6HO9 SER A 7  ? UNP P9WMC0 ? ? 'expression tag'        -5  7  
1 6HO9 GLN A 8  ? UNP P9WMC0 ? ? 'expression tag'        -4  8  
1 6HO9 ALA A 9  ? UNP P9WMC0 ? ? 'expression tag'        -3  9  
1 6HO9 SER A 10 ? UNP P9WMC0 ? ? 'expression tag'        -2  10 
1 6HO9 LEU A 11 ? UNP P9WMC0 ? ? 'expression tag'        -1  11 
1 6HO9 PRO A 12 ? UNP P9WMC0 ? ? 'expression tag'        0   12 
# 
_pdbx_struct_assembly.id                   1 
_pdbx_struct_assembly.details              author_and_software_defined_assembly 
_pdbx_struct_assembly.method_details       PISA 
_pdbx_struct_assembly.oligomeric_details   dimeric 
_pdbx_struct_assembly.oligomeric_count     2 
# 
loop_
_pdbx_struct_assembly_prop.biol_id 
_pdbx_struct_assembly_prop.type 
_pdbx_struct_assembly_prop.value 
_pdbx_struct_assembly_prop.details 
1 'ABSA (A^2)' 2700  ? 
1 MORE         -21   ? 
1 'SSA (A^2)'  16530 ? 
# 
_pdbx_struct_assembly_gen.assembly_id       1 
_pdbx_struct_assembly_gen.oper_expression   1,2 
_pdbx_struct_assembly_gen.asym_id_list      A,B,C 
# 
_pdbx_struct_assembly_auth_evidence.id                     1 
_pdbx_struct_assembly_auth_evidence.assembly_id            1 
_pdbx_struct_assembly_auth_evidence.experimental_support   none 
_pdbx_struct_assembly_auth_evidence.details                ? 
# 
loop_
_pdbx_struct_oper_list.id 
_pdbx_struct_oper_list.type 
_pdbx_struct_oper_list.name 
_pdbx_struct_oper_list.symmetry_operation 
_pdbx_struct_oper_list.matrix[1][1] 
_pdbx_struct_oper_list.matrix[1][2] 
_pdbx_struct_oper_list.matrix[1][3] 
_pdbx_struct_oper_list.vector[1] 
_pdbx_struct_oper_list.matrix[2][1] 
_pdbx_struct_oper_list.matrix[2][2] 
_pdbx_struct_oper_list.matrix[2][3] 
_pdbx_struct_oper_list.vector[2] 
_pdbx_struct_oper_list.matrix[3][1] 
_pdbx_struct_oper_list.matrix[3][2] 
_pdbx_struct_oper_list.matrix[3][3] 
_pdbx_struct_oper_list.vector[3] 
1 'identity operation'         1_555 x,y,z  1.0000000000  0.0000000000  0.0000000000 0.0000000000  0.0000000000  1.0000000000  0.0000000000  0.0000000000  0.0000000000 0.0000000000  1.0000000000  0.0000000000   
2 'crystal symmetry operation' 7_555 y,x,-z -0.6235417593 -0.5632318454 0.5421859116 12.3079137667 -0.5632318454 -0.1573298779 -0.8111825922 -9.8259369230 0.5421859116 -0.8111825922 -0.2191283628 -18.7531544654 
# 
loop_
_struct_conf.conf_type_id 
_struct_conf.id 
_struct_conf.pdbx_PDB_helix_id 
_struct_conf.beg_label_comp_id 
_struct_conf.beg_label_asym_id 
_struct_conf.beg_label_seq_id 
_struct_conf.pdbx_beg_PDB_ins_code 
_struct_conf.end_label_comp_id 
_struct_conf.end_label_asym_id 
_struct_conf.end_label_seq_id 
_struct_conf.pdbx_end_PDB_ins_code 
_struct_conf.beg_auth_comp_id 
_struct_conf.beg_auth_asym_id 
_struct_conf.beg_auth_seq_id 
_struct_conf.end_auth_comp_id 
_struct_conf.end_auth_asym_id 
_struct_conf.end_auth_seq_id 
_struct_conf.pdbx_PDB_helix_class 
_struct_conf.details 
_struct_conf.pdbx_PDB_helix_length 
HELX_P HELX_P1  AA1 ARG A 37  ? ARG A 52  ? ARG A 25  ARG A 40  1 ? 16 
HELX_P HELX_P2  AA2 PRO A 53  ? ILE A 57  ? PRO A 41  ILE A 45  5 ? 5  
HELX_P HELX_P3  AA3 SER A 58  ? GLY A 67  ? SER A 46  GLY A 55  1 ? 10 
HELX_P HELX_P4  AA4 SER A 69  ? PHE A 77  ? SER A 57  PHE A 65  1 ? 9  
HELX_P HELX_P5  AA5 SER A 79  ? ASN A 105 ? SER A 67  ASN A 93  1 ? 27 
HELX_P HELX_P6  AA6 ARG A 111 ? SER A 128 ? ARG A 99  SER A 116 1 ? 18 
HELX_P HELX_P7  AA7 HIS A 129 ? ARG A 140 ? HIS A 117 ARG A 128 1 ? 12 
HELX_P HELX_P8  AA8 SER A 143 ? ARG A 171 ? SER A 131 ARG A 159 1 ? 29 
HELX_P HELX_P9  AA9 PRO A 179 ? ALA A 200 ? PRO A 167 ALA A 188 1 ? 22 
HELX_P HELX_P10 AB1 PRO A 207 ? GLY A 225 ? PRO A 195 GLY A 213 1 ? 19 
# 
_struct_conf_type.id          HELX_P 
_struct_conf_type.criteria    ? 
_struct_conf_type.reference   ? 
# 
_struct_mon_prot_cis.pdbx_id                1 
_struct_mon_prot_cis.label_comp_id          GLN 
_struct_mon_prot_cis.label_seq_id           203 
_struct_mon_prot_cis.label_asym_id          A 
_struct_mon_prot_cis.label_alt_id           . 
_struct_mon_prot_cis.pdbx_PDB_ins_code      ? 
_struct_mon_prot_cis.auth_comp_id           GLN 
_struct_mon_prot_cis.auth_seq_id            191 
_struct_mon_prot_cis.auth_asym_id           A 
_struct_mon_prot_cis.pdbx_label_comp_id_2   PRO 
_struct_mon_prot_cis.pdbx_label_seq_id_2    204 
_struct_mon_prot_cis.pdbx_label_asym_id_2   A 
_struct_mon_prot_cis.pdbx_PDB_ins_code_2    ? 
_struct_mon_prot_cis.pdbx_auth_comp_id_2    PRO 
_struct_mon_prot_cis.pdbx_auth_seq_id_2     192 
_struct_mon_prot_cis.pdbx_auth_asym_id_2    A 
_struct_mon_prot_cis.pdbx_PDB_model_num     1 
_struct_mon_prot_cis.pdbx_omega_angle       4.56 
# 
_struct_site.id                   AC1 
_struct_site.pdbx_evidence_code   Software 
_struct_site.pdbx_auth_asym_id    A 
_struct_site.pdbx_auth_comp_id    GHB 
_struct_site.pdbx_auth_seq_id     301 
_struct_site.pdbx_auth_ins_code   ? 
_struct_site.pdbx_num_residues    15 
_struct_site.details              'binding site for residue GHB A 301' 
# 
loop_
_struct_site_gen.id 
_struct_site_gen.site_id 
_struct_site_gen.pdbx_num_res 
_struct_site_gen.label_comp_id 
_struct_site_gen.label_asym_id 
_struct_site_gen.label_seq_id 
_struct_site_gen.pdbx_auth_ins_code 
_struct_site_gen.auth_comp_id 
_struct_site_gen.auth_asym_id 
_struct_site_gen.auth_seq_id 
_struct_site_gen.label_atom_id 
_struct_site_gen.label_alt_id 
_struct_site_gen.symmetry 
_struct_site_gen.details 
1  AC1 15 LEU A 102 ? LEU A 90  . ? 1_555 ? 
2  AC1 15 MET A 114 ? MET A 102 . ? 1_555 ? 
3  AC1 15 TRP A 115 ? TRP A 103 . ? 1_555 ? 
4  AC1 15 PHE A 122 ? PHE A 110 . ? 1_555 ? 
5  AC1 15 PHE A 126 ? PHE A 114 . ? 1_555 ? 
6  AC1 15 TRP A 150 ? TRP A 138 . ? 1_555 ? 
7  AC1 15 MET A 154 ? MET A 142 . ? 1_555 ? 
8  AC1 15 TYR A 160 ? TYR A 148 . ? 1_555 ? 
9  AC1 15 THR A 161 ? THR A 149 . ? 1_555 ? 
10 AC1 15 ASN A 188 ? ASN A 176 . ? 1_555 ? 
11 AC1 15 ASN A 191 ? ASN A 179 . ? 1_555 ? 
12 AC1 15 GLU A 192 ? GLU A 180 . ? 1_555 ? 
13 AC1 15 LEU A 195 ? LEU A 183 . ? 1_555 ? 
14 AC1 15 PHE A 196 ? PHE A 184 . ? 1_555 ? 
15 AC1 15 TRP A 219 ? TRP A 207 . ? 1_555 ? 
# 
_pdbx_validate_close_contact.id               1 
_pdbx_validate_close_contact.PDB_model_num    1 
_pdbx_validate_close_contact.auth_atom_id_1   NH1 
_pdbx_validate_close_contact.auth_asym_id_1   A 
_pdbx_validate_close_contact.auth_comp_id_1   ARG 
_pdbx_validate_close_contact.auth_seq_id_1    181 
_pdbx_validate_close_contact.PDB_ins_code_1   ? 
_pdbx_validate_close_contact.label_alt_id_1   ? 
_pdbx_validate_close_contact.auth_atom_id_2   O 
_pdbx_validate_close_contact.auth_asym_id_2   A 
_pdbx_validate_close_contact.auth_comp_id_2   HOH 
_pdbx_validate_close_contact.auth_seq_id_2    401 
_pdbx_validate_close_contact.PDB_ins_code_2   ? 
_pdbx_validate_close_contact.label_alt_id_2   ? 
_pdbx_validate_close_contact.dist             2.10 
# 
_pdbx_validate_rmsd_angle.id                         1 
_pdbx_validate_rmsd_angle.PDB_model_num              1 
_pdbx_validate_rmsd_angle.auth_atom_id_1             NE 
_pdbx_validate_rmsd_angle.auth_asym_id_1             A 
_pdbx_validate_rmsd_angle.auth_comp_id_1             ARG 
_pdbx_validate_rmsd_angle.auth_seq_id_1              181 
_pdbx_validate_rmsd_angle.PDB_ins_code_1             ? 
_pdbx_validate_rmsd_angle.label_alt_id_1             ? 
_pdbx_validate_rmsd_angle.auth_atom_id_2             CZ 
_pdbx_validate_rmsd_angle.auth_asym_id_2             A 
_pdbx_validate_rmsd_angle.auth_comp_id_2             ARG 
_pdbx_validate_rmsd_angle.auth_seq_id_2              181 
_pdbx_validate_rmsd_angle.PDB_ins_code_2             ? 
_pdbx_validate_rmsd_angle.label_alt_id_2             ? 
_pdbx_validate_rmsd_angle.auth_atom_id_3             NH1 
_pdbx_validate_rmsd_angle.auth_asym_id_3             A 
_pdbx_validate_rmsd_angle.auth_comp_id_3             ARG 
_pdbx_validate_rmsd_angle.auth_seq_id_3              181 
_pdbx_validate_rmsd_angle.PDB_ins_code_3             ? 
_pdbx_validate_rmsd_angle.label_alt_id_3             ? 
_pdbx_validate_rmsd_angle.angle_value                117.22 
_pdbx_validate_rmsd_angle.angle_target_value         120.30 
_pdbx_validate_rmsd_angle.angle_deviation            -3.08 
_pdbx_validate_rmsd_angle.angle_standard_deviation   0.50 
_pdbx_validate_rmsd_angle.linker_flag                N 
# 
_pdbx_validate_torsion.id              1 
_pdbx_validate_torsion.PDB_model_num   1 
_pdbx_validate_torsion.auth_comp_id    THR 
_pdbx_validate_torsion.auth_asym_id    A 
_pdbx_validate_torsion.auth_seq_id     165 
_pdbx_validate_torsion.PDB_ins_code    ? 
_pdbx_validate_torsion.label_alt_id    ? 
_pdbx_validate_torsion.phi             -103.53 
_pdbx_validate_torsion.psi             -108.18 
# 
loop_
_pdbx_struct_special_symmetry.id 
_pdbx_struct_special_symmetry.PDB_model_num 
_pdbx_struct_special_symmetry.auth_asym_id 
_pdbx_struct_special_symmetry.auth_comp_id 
_pdbx_struct_special_symmetry.auth_seq_id 
_pdbx_struct_special_symmetry.PDB_ins_code 
_pdbx_struct_special_symmetry.label_asym_id 
_pdbx_struct_special_symmetry.label_comp_id 
_pdbx_struct_special_symmetry.label_seq_id 
1 1 A HOH 412 ? C HOH . 
2 1 A HOH 448 ? C HOH . 
# 
loop_
_pdbx_unobs_or_zero_occ_residues.id 
_pdbx_unobs_or_zero_occ_residues.PDB_model_num 
_pdbx_unobs_or_zero_occ_residues.polymer_flag 
_pdbx_unobs_or_zero_occ_residues.occupancy_flag 
_pdbx_unobs_or_zero_occ_residues.auth_asym_id 
_pdbx_unobs_or_zero_occ_residues.auth_comp_id 
_pdbx_unobs_or_zero_occ_residues.auth_seq_id 
_pdbx_unobs_or_zero_occ_residues.PDB_ins_code 
_pdbx_unobs_or_zero_occ_residues.label_asym_id 
_pdbx_unobs_or_zero_occ_residues.label_comp_id 
_pdbx_unobs_or_zero_occ_residues.label_seq_id 
1  1 Y 1 A MET -11 ? A MET 1   
2  1 Y 1 A THR -10 ? A THR 2   
3  1 Y 1 A THR -9  ? A THR 3   
4  1 Y 1 A SER -8  ? A SER 4   
5  1 Y 1 A ALA -7  ? A ALA 5   
6  1 Y 1 A ALA -6  ? A ALA 6   
7  1 Y 1 A SER -5  ? A SER 7   
8  1 Y 1 A GLN -4  ? A GLN 8   
9  1 Y 1 A ALA -3  ? A ALA 9   
10 1 Y 1 A SER -2  ? A SER 10  
11 1 Y 1 A LEU -1  ? A LEU 11  
12 1 Y 1 A PRO 0   ? A PRO 12  
13 1 Y 1 A MET 1   ? A MET 13  
14 1 Y 1 A THR 2   ? A THR 14  
15 1 Y 1 A THR 3   ? A THR 15  
16 1 Y 1 A SER 4   ? A SER 16  
17 1 Y 1 A ALA 5   ? A ALA 17  
18 1 Y 1 A ALA 6   ? A ALA 18  
19 1 Y 1 A SER 7   ? A SER 19  
20 1 Y 1 A GLN 8   ? A GLN 20  
21 1 Y 1 A ALA 9   ? A ALA 21  
22 1 Y 1 A SER 10  ? A SER 22  
23 1 Y 1 A LEU 11  ? A LEU 23  
24 1 Y 1 A PRO 12  ? A PRO 24  
25 1 Y 1 A ARG 13  ? A ARG 25  
26 1 Y 1 A GLY 14  ? A GLY 26  
27 1 Y 1 A ARG 15  ? A ARG 27  
28 1 Y 1 A ARG 16  ? A ARG 28  
29 1 Y 1 A THR 17  ? A THR 29  
30 1 Y 1 A ALA 18  ? A ALA 30  
31 1 Y 1 A ARG 19  ? A ARG 31  
32 1 Y 1 A PRO 20  ? A PRO 32  
33 1 Y 1 A SER 21  ? A SER 33  
34 1 Y 1 A GLY 22  ? A GLY 34  
35 1 Y 1 A ASP 23  ? A ASP 35  
36 1 Y 1 A ASP 24  ? A ASP 36  
37 1 Y 1 A PRO 94  ? A PRO 106 
38 1 Y 1 A ALA 95  ? A ALA 107 
39 1 Y 1 A ASP 96  ? A ASP 108 
40 1 Y 1 A THR 97  ? A THR 109 
41 1 Y 1 A ASN 215 ? A ASN 227 
42 1 Y 1 A ARG 216 ? A ARG 228 
# 
loop_
_chem_comp_atom.comp_id 
_chem_comp_atom.atom_id 
_chem_comp_atom.type_symbol 
_chem_comp_atom.pdbx_aromatic_flag 
_chem_comp_atom.pdbx_stereo_config 
_chem_comp_atom.pdbx_ordinal 
ALA N    N N N 1   
ALA CA   C N S 2   
ALA C    C N N 3   
ALA O    O N N 4   
ALA CB   C N N 5   
ALA OXT  O N N 6   
ALA H    H N N 7   
ALA H2   H N N 8   
ALA HA   H N N 9   
ALA HB1  H N N 10  
ALA HB2  H N N 11  
ALA HB3  H N N 12  
ALA HXT  H N N 13  
ARG N    N N N 14  
ARG CA   C N S 15  
ARG C    C N N 16  
ARG O    O N N 17  
ARG CB   C N N 18  
ARG CG   C N N 19  
ARG CD   C N N 20  
ARG NE   N N N 21  
ARG CZ   C N N 22  
ARG NH1  N N N 23  
ARG NH2  N N N 24  
ARG OXT  O N N 25  
ARG H    H N N 26  
ARG H2   H N N 27  
ARG HA   H N N 28  
ARG HB2  H N N 29  
ARG HB3  H N N 30  
ARG HG2  H N N 31  
ARG HG3  H N N 32  
ARG HD2  H N N 33  
ARG HD3  H N N 34  
ARG HE   H N N 35  
ARG HH11 H N N 36  
ARG HH12 H N N 37  
ARG HH21 H N N 38  
ARG HH22 H N N 39  
ARG HXT  H N N 40  
ASN N    N N N 41  
ASN CA   C N S 42  
ASN C    C N N 43  
ASN O    O N N 44  
ASN CB   C N N 45  
ASN CG   C N N 46  
ASN OD1  O N N 47  
ASN ND2  N N N 48  
ASN OXT  O N N 49  
ASN H    H N N 50  
ASN H2   H N N 51  
ASN HA   H N N 52  
ASN HB2  H N N 53  
ASN HB3  H N N 54  
ASN HD21 H N N 55  
ASN HD22 H N N 56  
ASN HXT  H N N 57  
ASP N    N N N 58  
ASP CA   C N S 59  
ASP C    C N N 60  
ASP O    O N N 61  
ASP CB   C N N 62  
ASP CG   C N N 63  
ASP OD1  O N N 64  
ASP OD2  O N N 65  
ASP OXT  O N N 66  
ASP H    H N N 67  
ASP H2   H N N 68  
ASP HA   H N N 69  
ASP HB2  H N N 70  
ASP HB3  H N N 71  
ASP HD2  H N N 72  
ASP HXT  H N N 73  
GHB C4   C N N 74  
GHB C14  C N N 75  
GHB C5   C Y N 76  
GHB C6   C Y N 77  
GHB C11  C Y N 78  
GHB C7   C Y N 79  
GHB C8   C Y N 80  
GHB C9   C Y N 81  
GHB C10  C Y N 82  
GHB C12  C Y N 83  
GHB C13  C N N 84  
GHB N1   N Y N 85  
GHB N2   N Y N 86  
GHB C3   C N N 87  
GHB N3   N Y N 88  
GHB C1   C N N 89  
GHB C2   C N N 90  
GHB O1   O N N 91  
GHB N4   N N N 92  
GHB C15  C N N 93  
GHB C16  C N N 94  
GHB F1   F N N 95  
GHB F2   F N N 96  
GHB F3   F N N 97  
GHB H1   H N N 98  
GHB H2   H N N 99  
GHB H3   H N N 100 
GHB H4   H N N 101 
GHB H5   H N N 102 
GHB H6   H N N 103 
GHB H7   H N N 104 
GHB H8   H N N 105 
GHB H9   H N N 106 
GHB H10  H N N 107 
GHB H11  H N N 108 
GHB H12  H N N 109 
GHB H13  H N N 110 
GHB H14  H N N 111 
GHB H15  H N N 112 
GHB H16  H N N 113 
GHB H17  H N N 114 
GHB H18  H N N 115 
GHB H19  H N N 116 
GLN N    N N N 117 
GLN CA   C N S 118 
GLN C    C N N 119 
GLN O    O N N 120 
GLN CB   C N N 121 
GLN CG   C N N 122 
GLN CD   C N N 123 
GLN OE1  O N N 124 
GLN NE2  N N N 125 
GLN OXT  O N N 126 
GLN H    H N N 127 
GLN H2   H N N 128 
GLN HA   H N N 129 
GLN HB2  H N N 130 
GLN HB3  H N N 131 
GLN HG2  H N N 132 
GLN HG3  H N N 133 
GLN HE21 H N N 134 
GLN HE22 H N N 135 
GLN HXT  H N N 136 
GLU N    N N N 137 
GLU CA   C N S 138 
GLU C    C N N 139 
GLU O    O N N 140 
GLU CB   C N N 141 
GLU CG   C N N 142 
GLU CD   C N N 143 
GLU OE1  O N N 144 
GLU OE2  O N N 145 
GLU OXT  O N N 146 
GLU H    H N N 147 
GLU H2   H N N 148 
GLU HA   H N N 149 
GLU HB2  H N N 150 
GLU HB3  H N N 151 
GLU HG2  H N N 152 
GLU HG3  H N N 153 
GLU HE2  H N N 154 
GLU HXT  H N N 155 
GLY N    N N N 156 
GLY CA   C N N 157 
GLY C    C N N 158 
GLY O    O N N 159 
GLY OXT  O N N 160 
GLY H    H N N 161 
GLY H2   H N N 162 
GLY HA2  H N N 163 
GLY HA3  H N N 164 
GLY HXT  H N N 165 
HIS N    N N N 166 
HIS CA   C N S 167 
HIS C    C N N 168 
HIS O    O N N 169 
HIS CB   C N N 170 
HIS CG   C Y N 171 
HIS ND1  N Y N 172 
HIS CD2  C Y N 173 
HIS CE1  C Y N 174 
HIS NE2  N Y N 175 
HIS OXT  O N N 176 
HIS H    H N N 177 
HIS H2   H N N 178 
HIS HA   H N N 179 
HIS HB2  H N N 180 
HIS HB3  H N N 181 
HIS HD1  H N N 182 
HIS HD2  H N N 183 
HIS HE1  H N N 184 
HIS HE2  H N N 185 
HIS HXT  H N N 186 
HOH O    O N N 187 
HOH H1   H N N 188 
HOH H2   H N N 189 
ILE N    N N N 190 
ILE CA   C N S 191 
ILE C    C N N 192 
ILE O    O N N 193 
ILE CB   C N S 194 
ILE CG1  C N N 195 
ILE CG2  C N N 196 
ILE CD1  C N N 197 
ILE OXT  O N N 198 
ILE H    H N N 199 
ILE H2   H N N 200 
ILE HA   H N N 201 
ILE HB   H N N 202 
ILE HG12 H N N 203 
ILE HG13 H N N 204 
ILE HG21 H N N 205 
ILE HG22 H N N 206 
ILE HG23 H N N 207 
ILE HD11 H N N 208 
ILE HD12 H N N 209 
ILE HD13 H N N 210 
ILE HXT  H N N 211 
LEU N    N N N 212 
LEU CA   C N S 213 
LEU C    C N N 214 
LEU O    O N N 215 
LEU CB   C N N 216 
LEU CG   C N N 217 
LEU CD1  C N N 218 
LEU CD2  C N N 219 
LEU OXT  O N N 220 
LEU H    H N N 221 
LEU H2   H N N 222 
LEU HA   H N N 223 
LEU HB2  H N N 224 
LEU HB3  H N N 225 
LEU HG   H N N 226 
LEU HD11 H N N 227 
LEU HD12 H N N 228 
LEU HD13 H N N 229 
LEU HD21 H N N 230 
LEU HD22 H N N 231 
LEU HD23 H N N 232 
LEU HXT  H N N 233 
LYS N    N N N 234 
LYS CA   C N S 235 
LYS C    C N N 236 
LYS O    O N N 237 
LYS CB   C N N 238 
LYS CG   C N N 239 
LYS CD   C N N 240 
LYS CE   C N N 241 
LYS NZ   N N N 242 
LYS OXT  O N N 243 
LYS H    H N N 244 
LYS H2   H N N 245 
LYS HA   H N N 246 
LYS HB2  H N N 247 
LYS HB3  H N N 248 
LYS HG2  H N N 249 
LYS HG3  H N N 250 
LYS HD2  H N N 251 
LYS HD3  H N N 252 
LYS HE2  H N N 253 
LYS HE3  H N N 254 
LYS HZ1  H N N 255 
LYS HZ2  H N N 256 
LYS HZ3  H N N 257 
LYS HXT  H N N 258 
MET N    N N N 259 
MET CA   C N S 260 
MET C    C N N 261 
MET O    O N N 262 
MET CB   C N N 263 
MET CG   C N N 264 
MET SD   S N N 265 
MET CE   C N N 266 
MET OXT  O N N 267 
MET H    H N N 268 
MET H2   H N N 269 
MET HA   H N N 270 
MET HB2  H N N 271 
MET HB3  H N N 272 
MET HG2  H N N 273 
MET HG3  H N N 274 
MET HE1  H N N 275 
MET HE2  H N N 276 
MET HE3  H N N 277 
MET HXT  H N N 278 
PHE N    N N N 279 
PHE CA   C N S 280 
PHE C    C N N 281 
PHE O    O N N 282 
PHE CB   C N N 283 
PHE CG   C Y N 284 
PHE CD1  C Y N 285 
PHE CD2  C Y N 286 
PHE CE1  C Y N 287 
PHE CE2  C Y N 288 
PHE CZ   C Y N 289 
PHE OXT  O N N 290 
PHE H    H N N 291 
PHE H2   H N N 292 
PHE HA   H N N 293 
PHE HB2  H N N 294 
PHE HB3  H N N 295 
PHE HD1  H N N 296 
PHE HD2  H N N 297 
PHE HE1  H N N 298 
PHE HE2  H N N 299 
PHE HZ   H N N 300 
PHE HXT  H N N 301 
PRO N    N N N 302 
PRO CA   C N S 303 
PRO C    C N N 304 
PRO O    O N N 305 
PRO CB   C N N 306 
PRO CG   C N N 307 
PRO CD   C N N 308 
PRO OXT  O N N 309 
PRO H    H N N 310 
PRO HA   H N N 311 
PRO HB2  H N N 312 
PRO HB3  H N N 313 
PRO HG2  H N N 314 
PRO HG3  H N N 315 
PRO HD2  H N N 316 
PRO HD3  H N N 317 
PRO HXT  H N N 318 
SER N    N N N 319 
SER CA   C N S 320 
SER C    C N N 321 
SER O    O N N 322 
SER CB   C N N 323 
SER OG   O N N 324 
SER OXT  O N N 325 
SER H    H N N 326 
SER H2   H N N 327 
SER HA   H N N 328 
SER HB2  H N N 329 
SER HB3  H N N 330 
SER HG   H N N 331 
SER HXT  H N N 332 
THR N    N N N 333 
THR CA   C N S 334 
THR C    C N N 335 
THR O    O N N 336 
THR CB   C N R 337 
THR OG1  O N N 338 
THR CG2  C N N 339 
THR OXT  O N N 340 
THR H    H N N 341 
THR H2   H N N 342 
THR HA   H N N 343 
THR HB   H N N 344 
THR HG1  H N N 345 
THR HG21 H N N 346 
THR HG22 H N N 347 
THR HG23 H N N 348 
THR HXT  H N N 349 
TRP N    N N N 350 
TRP CA   C N S 351 
TRP C    C N N 352 
TRP O    O N N 353 
TRP CB   C N N 354 
TRP CG   C Y N 355 
TRP CD1  C Y N 356 
TRP CD2  C Y N 357 
TRP NE1  N Y N 358 
TRP CE2  C Y N 359 
TRP CE3  C Y N 360 
TRP CZ2  C Y N 361 
TRP CZ3  C Y N 362 
TRP CH2  C Y N 363 
TRP OXT  O N N 364 
TRP H    H N N 365 
TRP H2   H N N 366 
TRP HA   H N N 367 
TRP HB2  H N N 368 
TRP HB3  H N N 369 
TRP HD1  H N N 370 
TRP HE1  H N N 371 
TRP HE3  H N N 372 
TRP HZ2  H N N 373 
TRP HZ3  H N N 374 
TRP HH2  H N N 375 
TRP HXT  H N N 376 
TYR N    N N N 377 
TYR CA   C N S 378 
TYR C    C N N 379 
TYR O    O N N 380 
TYR CB   C N N 381 
TYR CG   C Y N 382 
TYR CD1  C Y N 383 
TYR CD2  C Y N 384 
TYR CE1  C Y N 385 
TYR CE2  C Y N 386 
TYR CZ   C Y N 387 
TYR OH   O N N 388 
TYR OXT  O N N 389 
TYR H    H N N 390 
TYR H2   H N N 391 
TYR HA   H N N 392 
TYR HB2  H N N 393 
TYR HB3  H N N 394 
TYR HD1  H N N 395 
TYR HD2  H N N 396 
TYR HE1  H N N 397 
TYR HE2  H N N 398 
TYR HH   H N N 399 
TYR HXT  H N N 400 
VAL N    N N N 401 
VAL CA   C N S 402 
VAL C    C N N 403 
VAL O    O N N 404 
VAL CB   C N N 405 
VAL CG1  C N N 406 
VAL CG2  C N N 407 
VAL OXT  O N N 408 
VAL H    H N N 409 
VAL H2   H N N 410 
VAL HA   H N N 411 
VAL HB   H N N 412 
VAL HG11 H N N 413 
VAL HG12 H N N 414 
VAL HG13 H N N 415 
VAL HG21 H N N 416 
VAL HG22 H N N 417 
VAL HG23 H N N 418 
VAL HXT  H N N 419 
# 
loop_
_chem_comp_bond.comp_id 
_chem_comp_bond.atom_id_1 
_chem_comp_bond.atom_id_2 
_chem_comp_bond.value_order 
_chem_comp_bond.pdbx_aromatic_flag 
_chem_comp_bond.pdbx_stereo_config 
_chem_comp_bond.pdbx_ordinal 
ALA N   CA   sing N N 1   
ALA N   H    sing N N 2   
ALA N   H2   sing N N 3   
ALA CA  C    sing N N 4   
ALA CA  CB   sing N N 5   
ALA CA  HA   sing N N 6   
ALA C   O    doub N N 7   
ALA C   OXT  sing N N 8   
ALA CB  HB1  sing N N 9   
ALA CB  HB2  sing N N 10  
ALA CB  HB3  sing N N 11  
ALA OXT HXT  sing N N 12  
ARG N   CA   sing N N 13  
ARG N   H    sing N N 14  
ARG N   H2   sing N N 15  
ARG CA  C    sing N N 16  
ARG CA  CB   sing N N 17  
ARG CA  HA   sing N N 18  
ARG C   O    doub N N 19  
ARG C   OXT  sing N N 20  
ARG CB  CG   sing N N 21  
ARG CB  HB2  sing N N 22  
ARG CB  HB3  sing N N 23  
ARG CG  CD   sing N N 24  
ARG CG  HG2  sing N N 25  
ARG CG  HG3  sing N N 26  
ARG CD  NE   sing N N 27  
ARG CD  HD2  sing N N 28  
ARG CD  HD3  sing N N 29  
ARG NE  CZ   sing N N 30  
ARG NE  HE   sing N N 31  
ARG CZ  NH1  sing N N 32  
ARG CZ  NH2  doub N N 33  
ARG NH1 HH11 sing N N 34  
ARG NH1 HH12 sing N N 35  
ARG NH2 HH21 sing N N 36  
ARG NH2 HH22 sing N N 37  
ARG OXT HXT  sing N N 38  
ASN N   CA   sing N N 39  
ASN N   H    sing N N 40  
ASN N   H2   sing N N 41  
ASN CA  C    sing N N 42  
ASN CA  CB   sing N N 43  
ASN CA  HA   sing N N 44  
ASN C   O    doub N N 45  
ASN C   OXT  sing N N 46  
ASN CB  CG   sing N N 47  
ASN CB  HB2  sing N N 48  
ASN CB  HB3  sing N N 49  
ASN CG  OD1  doub N N 50  
ASN CG  ND2  sing N N 51  
ASN ND2 HD21 sing N N 52  
ASN ND2 HD22 sing N N 53  
ASN OXT HXT  sing N N 54  
ASP N   CA   sing N N 55  
ASP N   H    sing N N 56  
ASP N   H2   sing N N 57  
ASP CA  C    sing N N 58  
ASP CA  CB   sing N N 59  
ASP CA  HA   sing N N 60  
ASP C   O    doub N N 61  
ASP C   OXT  sing N N 62  
ASP CB  CG   sing N N 63  
ASP CB  HB2  sing N N 64  
ASP CB  HB3  sing N N 65  
ASP CG  OD1  doub N N 66  
ASP CG  OD2  sing N N 67  
ASP OD2 HD2  sing N N 68  
ASP OXT HXT  sing N N 69  
GHB F3  C16  sing N N 70  
GHB F1  C16  sing N N 71  
GHB O1  C13  doub N N 72  
GHB C16 F2   sing N N 73  
GHB C16 C15  sing N N 74  
GHB C11 C12  doub Y N 75  
GHB C11 C10  sing Y N 76  
GHB C15 C14  sing N N 77  
GHB C13 C10  sing N N 78  
GHB C13 N4   sing N N 79  
GHB C12 C7   sing Y N 80  
GHB C14 N4   sing N N 81  
GHB C10 C9   doub Y N 82  
GHB C1  C2   sing N N 83  
GHB C6  N1   sing Y N 84  
GHB C6  C5   doub Y N 85  
GHB C7  N1   sing N N 86  
GHB C7  C8   doub Y N 87  
GHB C9  C8   sing Y N 88  
GHB N1  N2   sing Y N 89  
GHB C4  C5   sing N N 90  
GHB C4  C2   sing N N 91  
GHB C5  N3   sing Y N 92  
GHB C2  C3   sing N N 93  
GHB N2  N3   doub Y N 94  
GHB C4  H1   sing N N 95  
GHB C4  H2   sing N N 96  
GHB C14 H3   sing N N 97  
GHB C14 H4   sing N N 98  
GHB C6  H5   sing N N 99  
GHB C11 H6   sing N N 100 
GHB C8  H7   sing N N 101 
GHB C9  H8   sing N N 102 
GHB C12 H9   sing N N 103 
GHB C3  H10  sing N N 104 
GHB C3  H11  sing N N 105 
GHB C3  H12  sing N N 106 
GHB C1  H13  sing N N 107 
GHB C1  H14  sing N N 108 
GHB C1  H15  sing N N 109 
GHB C2  H16  sing N N 110 
GHB N4  H17  sing N N 111 
GHB C15 H18  sing N N 112 
GHB C15 H19  sing N N 113 
GLN N   CA   sing N N 114 
GLN N   H    sing N N 115 
GLN N   H2   sing N N 116 
GLN CA  C    sing N N 117 
GLN CA  CB   sing N N 118 
GLN CA  HA   sing N N 119 
GLN C   O    doub N N 120 
GLN C   OXT  sing N N 121 
GLN CB  CG   sing N N 122 
GLN CB  HB2  sing N N 123 
GLN CB  HB3  sing N N 124 
GLN CG  CD   sing N N 125 
GLN CG  HG2  sing N N 126 
GLN CG  HG3  sing N N 127 
GLN CD  OE1  doub N N 128 
GLN CD  NE2  sing N N 129 
GLN NE2 HE21 sing N N 130 
GLN NE2 HE22 sing N N 131 
GLN OXT HXT  sing N N 132 
GLU N   CA   sing N N 133 
GLU N   H    sing N N 134 
GLU N   H2   sing N N 135 
GLU CA  C    sing N N 136 
GLU CA  CB   sing N N 137 
GLU CA  HA   sing N N 138 
GLU C   O    doub N N 139 
GLU C   OXT  sing N N 140 
GLU CB  CG   sing N N 141 
GLU CB  HB2  sing N N 142 
GLU CB  HB3  sing N N 143 
GLU CG  CD   sing N N 144 
GLU CG  HG2  sing N N 145 
GLU CG  HG3  sing N N 146 
GLU CD  OE1  doub N N 147 
GLU CD  OE2  sing N N 148 
GLU OE2 HE2  sing N N 149 
GLU OXT HXT  sing N N 150 
GLY N   CA   sing N N 151 
GLY N   H    sing N N 152 
GLY N   H2   sing N N 153 
GLY CA  C    sing N N 154 
GLY CA  HA2  sing N N 155 
GLY CA  HA3  sing N N 156 
GLY C   O    doub N N 157 
GLY C   OXT  sing N N 158 
GLY OXT HXT  sing N N 159 
HIS N   CA   sing N N 160 
HIS N   H    sing N N 161 
HIS N   H2   sing N N 162 
HIS CA  C    sing N N 163 
HIS CA  CB   sing N N 164 
HIS CA  HA   sing N N 165 
HIS C   O    doub N N 166 
HIS C   OXT  sing N N 167 
HIS CB  CG   sing N N 168 
HIS CB  HB2  sing N N 169 
HIS CB  HB3  sing N N 170 
HIS CG  ND1  sing Y N 171 
HIS CG  CD2  doub Y N 172 
HIS ND1 CE1  doub Y N 173 
HIS ND1 HD1  sing N N 174 
HIS CD2 NE2  sing Y N 175 
HIS CD2 HD2  sing N N 176 
HIS CE1 NE2  sing Y N 177 
HIS CE1 HE1  sing N N 178 
HIS NE2 HE2  sing N N 179 
HIS OXT HXT  sing N N 180 
HOH O   H1   sing N N 181 
HOH O   H2   sing N N 182 
ILE N   CA   sing N N 183 
ILE N   H    sing N N 184 
ILE N   H2   sing N N 185 
ILE CA  C    sing N N 186 
ILE CA  CB   sing N N 187 
ILE CA  HA   sing N N 188 
ILE C   O    doub N N 189 
ILE C   OXT  sing N N 190 
ILE CB  CG1  sing N N 191 
ILE CB  CG2  sing N N 192 
ILE CB  HB   sing N N 193 
ILE CG1 CD1  sing N N 194 
ILE CG1 HG12 sing N N 195 
ILE CG1 HG13 sing N N 196 
ILE CG2 HG21 sing N N 197 
ILE CG2 HG22 sing N N 198 
ILE CG2 HG23 sing N N 199 
ILE CD1 HD11 sing N N 200 
ILE CD1 HD12 sing N N 201 
ILE CD1 HD13 sing N N 202 
ILE OXT HXT  sing N N 203 
LEU N   CA   sing N N 204 
LEU N   H    sing N N 205 
LEU N   H2   sing N N 206 
LEU CA  C    sing N N 207 
LEU CA  CB   sing N N 208 
LEU CA  HA   sing N N 209 
LEU C   O    doub N N 210 
LEU C   OXT  sing N N 211 
LEU CB  CG   sing N N 212 
LEU CB  HB2  sing N N 213 
LEU CB  HB3  sing N N 214 
LEU CG  CD1  sing N N 215 
LEU CG  CD2  sing N N 216 
LEU CG  HG   sing N N 217 
LEU CD1 HD11 sing N N 218 
LEU CD1 HD12 sing N N 219 
LEU CD1 HD13 sing N N 220 
LEU CD2 HD21 sing N N 221 
LEU CD2 HD22 sing N N 222 
LEU CD2 HD23 sing N N 223 
LEU OXT HXT  sing N N 224 
LYS N   CA   sing N N 225 
LYS N   H    sing N N 226 
LYS N   H2   sing N N 227 
LYS CA  C    sing N N 228 
LYS CA  CB   sing N N 229 
LYS CA  HA   sing N N 230 
LYS C   O    doub N N 231 
LYS C   OXT  sing N N 232 
LYS CB  CG   sing N N 233 
LYS CB  HB2  sing N N 234 
LYS CB  HB3  sing N N 235 
LYS CG  CD   sing N N 236 
LYS CG  HG2  sing N N 237 
LYS CG  HG3  sing N N 238 
LYS CD  CE   sing N N 239 
LYS CD  HD2  sing N N 240 
LYS CD  HD3  sing N N 241 
LYS CE  NZ   sing N N 242 
LYS CE  HE2  sing N N 243 
LYS CE  HE3  sing N N 244 
LYS NZ  HZ1  sing N N 245 
LYS NZ  HZ2  sing N N 246 
LYS NZ  HZ3  sing N N 247 
LYS OXT HXT  sing N N 248 
MET N   CA   sing N N 249 
MET N   H    sing N N 250 
MET N   H2   sing N N 251 
MET CA  C    sing N N 252 
MET CA  CB   sing N N 253 
MET CA  HA   sing N N 254 
MET C   O    doub N N 255 
MET C   OXT  sing N N 256 
MET CB  CG   sing N N 257 
MET CB  HB2  sing N N 258 
MET CB  HB3  sing N N 259 
MET CG  SD   sing N N 260 
MET CG  HG2  sing N N 261 
MET CG  HG3  sing N N 262 
MET SD  CE   sing N N 263 
MET CE  HE1  sing N N 264 
MET CE  HE2  sing N N 265 
MET CE  HE3  sing N N 266 
MET OXT HXT  sing N N 267 
PHE N   CA   sing N N 268 
PHE N   H    sing N N 269 
PHE N   H2   sing N N 270 
PHE CA  C    sing N N 271 
PHE CA  CB   sing N N 272 
PHE CA  HA   sing N N 273 
PHE C   O    doub N N 274 
PHE C   OXT  sing N N 275 
PHE CB  CG   sing N N 276 
PHE CB  HB2  sing N N 277 
PHE CB  HB3  sing N N 278 
PHE CG  CD1  doub Y N 279 
PHE CG  CD2  sing Y N 280 
PHE CD1 CE1  sing Y N 281 
PHE CD1 HD1  sing N N 282 
PHE CD2 CE2  doub Y N 283 
PHE CD2 HD2  sing N N 284 
PHE CE1 CZ   doub Y N 285 
PHE CE1 HE1  sing N N 286 
PHE CE2 CZ   sing Y N 287 
PHE CE2 HE2  sing N N 288 
PHE CZ  HZ   sing N N 289 
PHE OXT HXT  sing N N 290 
PRO N   CA   sing N N 291 
PRO N   CD   sing N N 292 
PRO N   H    sing N N 293 
PRO CA  C    sing N N 294 
PRO CA  CB   sing N N 295 
PRO CA  HA   sing N N 296 
PRO C   O    doub N N 297 
PRO C   OXT  sing N N 298 
PRO CB  CG   sing N N 299 
PRO CB  HB2  sing N N 300 
PRO CB  HB3  sing N N 301 
PRO CG  CD   sing N N 302 
PRO CG  HG2  sing N N 303 
PRO CG  HG3  sing N N 304 
PRO CD  HD2  sing N N 305 
PRO CD  HD3  sing N N 306 
PRO OXT HXT  sing N N 307 
SER N   CA   sing N N 308 
SER N   H    sing N N 309 
SER N   H2   sing N N 310 
SER CA  C    sing N N 311 
SER CA  CB   sing N N 312 
SER CA  HA   sing N N 313 
SER C   O    doub N N 314 
SER C   OXT  sing N N 315 
SER CB  OG   sing N N 316 
SER CB  HB2  sing N N 317 
SER CB  HB3  sing N N 318 
SER OG  HG   sing N N 319 
SER OXT HXT  sing N N 320 
THR N   CA   sing N N 321 
THR N   H    sing N N 322 
THR N   H2   sing N N 323 
THR CA  C    sing N N 324 
THR CA  CB   sing N N 325 
THR CA  HA   sing N N 326 
THR C   O    doub N N 327 
THR C   OXT  sing N N 328 
THR CB  OG1  sing N N 329 
THR CB  CG2  sing N N 330 
THR CB  HB   sing N N 331 
THR OG1 HG1  sing N N 332 
THR CG2 HG21 sing N N 333 
THR CG2 HG22 sing N N 334 
THR CG2 HG23 sing N N 335 
THR OXT HXT  sing N N 336 
TRP N   CA   sing N N 337 
TRP N   H    sing N N 338 
TRP N   H2   sing N N 339 
TRP CA  C    sing N N 340 
TRP CA  CB   sing N N 341 
TRP CA  HA   sing N N 342 
TRP C   O    doub N N 343 
TRP C   OXT  sing N N 344 
TRP CB  CG   sing N N 345 
TRP CB  HB2  sing N N 346 
TRP CB  HB3  sing N N 347 
TRP CG  CD1  doub Y N 348 
TRP CG  CD2  sing Y N 349 
TRP CD1 NE1  sing Y N 350 
TRP CD1 HD1  sing N N 351 
TRP CD2 CE2  doub Y N 352 
TRP CD2 CE3  sing Y N 353 
TRP NE1 CE2  sing Y N 354 
TRP NE1 HE1  sing N N 355 
TRP CE2 CZ2  sing Y N 356 
TRP CE3 CZ3  doub Y N 357 
TRP CE3 HE3  sing N N 358 
TRP CZ2 CH2  doub Y N 359 
TRP CZ2 HZ2  sing N N 360 
TRP CZ3 CH2  sing Y N 361 
TRP CZ3 HZ3  sing N N 362 
TRP CH2 HH2  sing N N 363 
TRP OXT HXT  sing N N 364 
TYR N   CA   sing N N 365 
TYR N   H    sing N N 366 
TYR N   H2   sing N N 367 
TYR CA  C    sing N N 368 
TYR CA  CB   sing N N 369 
TYR CA  HA   sing N N 370 
TYR C   O    doub N N 371 
TYR C   OXT  sing N N 372 
TYR CB  CG   sing N N 373 
TYR CB  HB2  sing N N 374 
TYR CB  HB3  sing N N 375 
TYR CG  CD1  doub Y N 376 
TYR CG  CD2  sing Y N 377 
TYR CD1 CE1  sing Y N 378 
TYR CD1 HD1  sing N N 379 
TYR CD2 CE2  doub Y N 380 
TYR CD2 HD2  sing N N 381 
TYR CE1 CZ   doub Y N 382 
TYR CE1 HE1  sing N N 383 
TYR CE2 CZ   sing Y N 384 
TYR CE2 HE2  sing N N 385 
TYR CZ  OH   sing N N 386 
TYR OH  HH   sing N N 387 
TYR OXT HXT  sing N N 388 
VAL N   CA   sing N N 389 
VAL N   H    sing N N 390 
VAL N   H2   sing N N 391 
VAL CA  C    sing N N 392 
VAL CA  CB   sing N N 393 
VAL CA  HA   sing N N 394 
VAL C   O    doub N N 395 
VAL C   OXT  sing N N 396 
VAL CB  CG1  sing N N 397 
VAL CB  CG2  sing N N 398 
VAL CB  HB   sing N N 399 
VAL CG1 HG11 sing N N 400 
VAL CG1 HG12 sing N N 401 
VAL CG1 HG13 sing N N 402 
VAL CG2 HG21 sing N N 403 
VAL CG2 HG22 sing N N 404 
VAL CG2 HG23 sing N N 405 
VAL OXT HXT  sing N N 406 
# 
_pdbx_initial_refinement_model.id               1 
_pdbx_initial_refinement_model.entity_id_list   ? 
_pdbx_initial_refinement_model.type             'experimental model' 
_pdbx_initial_refinement_model.source_name      PDB 
_pdbx_initial_refinement_model.accession_code   1U9N 
_pdbx_initial_refinement_model.details          ? 
# 
_atom_sites.entry_id                    6HO9 
_atom_sites.fract_transf_matrix[1][1]   0.00049518 
_atom_sites.fract_transf_matrix[1][2]   0.00152326 
_atom_sites.fract_transf_matrix[1][3]   -0.00805224 
_atom_sites.fract_transf_matrix[2][1]   -0.00553252 
_atom_sites.fract_transf_matrix[2][2]   0.00601328 
_atom_sites.fract_transf_matrix[2][3]   0.00079732 
_atom_sites.fract_transf_matrix[3][1]   0.02188517 
_atom_sites.fract_transf_matrix[3][2]   0.01946868 
_atom_sites.fract_transf_matrix[3][3]   0.00502877 
_atom_sites.fract_transf_vector[1]      0.146070 
_atom_sites.fract_transf_vector[2]      0.288203 
_atom_sites.fract_transf_vector[3]      0.008121 
# 
loop_
_atom_type.symbol 
C 
F 
N 
O 
S 
# 
loop_
_atom_site.group_PDB 
_atom_site.id 
_atom_site.type_symbol 
_atom_site.label_atom_id 
_atom_site.label_alt_id 
_atom_site.label_comp_id 
_atom_site.label_asym_id 
_atom_site.label_entity_id 
_atom_site.label_seq_id 
_atom_site.pdbx_PDB_ins_code 
_atom_site.Cartn_x 
_atom_site.Cartn_y 
_atom_site.Cartn_z 
_atom_site.occupancy 
_atom_site.B_iso_or_equiv 
_atom_site.pdbx_formal_charge 
_atom_site.auth_seq_id 
_atom_site.auth_comp_id 
_atom_site.auth_asym_id 
_atom_site.auth_atom_id 
_atom_site.pdbx_PDB_model_num 
ATOM   1    N N   . ARG A 1 37  ? -18.644 17.785  2.190   1.00 38.84 ? 25  ARG A N   1 
ATOM   2    C CA  . ARG A 1 37  ? -18.678 17.648  0.747   1.00 40.07 ? 25  ARG A CA  1 
ATOM   3    C C   . ARG A 1 37  ? -17.347 17.081  0.224   1.00 34.65 ? 25  ARG A C   1 
ATOM   4    O O   . ARG A 1 37  ? -17.404 16.324  -0.765  1.00 28.97 ? 25  ARG A O   1 
ATOM   5    C CB  . ARG A 1 37  ? -19.081 18.970  0.100   1.00 46.85 ? 25  ARG A CB  1 
ATOM   6    C CG  . ARG A 1 37  ? -20.523 19.319  0.443   1.00 52.53 ? 25  ARG A CG  1 
ATOM   7    C CD  . ARG A 1 37  ? -21.159 20.383  -0.421  1.00 59.50 ? 25  ARG A CD  1 
ATOM   8    N NE  . ARG A 1 37  ? -20.542 21.682  -0.222  1.00 61.18 ? 25  ARG A NE  1 
ATOM   9    C CZ  . ARG A 1 37  ? -20.988 22.819  -0.738  1.00 59.15 ? 25  ARG A CZ  1 
ATOM   10   N NH1 . ARG A 1 37  ? -22.062 22.830  -1.508  1.00 62.47 ? 25  ARG A NH1 1 
ATOM   11   N NH2 . ARG A 1 37  ? -20.332 23.939  -0.507  1.00 61.96 ? 25  ARG A NH2 1 
ATOM   12   N N   . GLU A 1 38  ? -16.214 17.395  0.855   1.00 34.22 ? 26  GLU A N   1 
ATOM   13   C CA  . GLU A 1 38  ? -14.912 16.758  0.502   1.00 34.27 ? 26  GLU A CA  1 
ATOM   14   C C   . GLU A 1 38  ? -15.033 15.241  0.716   1.00 32.95 ? 26  GLU A C   1 
ATOM   15   O O   . GLU A 1 38  ? -14.668 14.496  -0.188  1.00 29.87 ? 26  GLU A O   1 
ATOM   16   C CB  . GLU A 1 38  ? -13.734 17.305  1.301   1.00 36.33 ? 26  GLU A CB  1 
ATOM   17   C CG  . GLU A 1 38  ? -12.418 17.042  0.585   1.00 45.90 ? 26  GLU A CG  1 
ATOM   18   C CD  . GLU A 1 38  ? -11.133 17.285  1.366   1.00 51.98 ? 26  GLU A CD  1 
ATOM   19   O OE1 . GLU A 1 38  ? -11.139 18.182  2.204   1.00 51.45 ? 26  GLU A OE1 1 
ATOM   20   O OE2 . GLU A 1 38  ? -10.115 16.582  1.098   1.00 57.27 ? 26  GLU A OE2 1 
ATOM   21   N N   . LEU A 1 39  ? -15.547 14.817  1.868   1.00 33.36 ? 27  LEU A N   1 
ATOM   22   C CA  . LEU A 1 39  ? -15.679 13.387  2.239   1.00 33.49 ? 27  LEU A CA  1 
ATOM   23   C C   . LEU A 1 39  ? -16.622 12.692  1.265   1.00 32.49 ? 27  LEU A C   1 
ATOM   24   O O   . LEU A 1 39  ? -16.349 11.530  0.846   1.00 27.41 ? 27  LEU A O   1 
ATOM   25   C CB  . LEU A 1 39  ? -16.168 13.275  3.689   1.00 40.62 ? 27  LEU A CB  1 
ATOM   26   C CG  . LEU A 1 39  ? -15.132 13.581  4.771   1.00 43.21 ? 27  LEU A CG  1 
ATOM   27   C CD1 . LEU A 1 39  ? -15.723 13.329  6.153   1.00 48.86 ? 27  LEU A CD1 1 
ATOM   28   C CD2 . LEU A 1 39  ? -13.863 12.747  4.597   1.00 46.39 ? 27  LEU A CD2 1 
ATOM   29   N N   . ALA A 1 40  ? -17.701 13.368  0.863   1.00 31.76 ? 28  ALA A N   1 
ATOM   30   C CA  . ALA A 1 40  ? -18.652 12.841  -0.124  1.00 29.36 ? 28  ALA A CA  1 
ATOM   31   C C   . ALA A 1 40  ? -17.954 12.631  -1.475  1.00 25.52 ? 28  ALA A C   1 
ATOM   32   O O   . ALA A 1 40  ? -18.277 11.665  -2.164  1.00 26.98 ? 28  ALA A O   1 
ATOM   33   C CB  . ALA A 1 40  ? -19.834 13.789  -0.252  1.00 31.85 ? 28  ALA A CB  1 
ATOM   34   N N   . ILE A 1 41  ? -17.118 13.570  -1.933  1.00 24.21 ? 29  ILE A N   1 
ATOM   35   C CA  . ILE A 1 41  ? -16.424 13.429  -3.251  1.00 23.22 ? 29  ILE A CA  1 
ATOM   36   C C   . ILE A 1 41  ? -15.505 12.188  -3.141  1.00 21.45 ? 29  ILE A C   1 
ATOM   37   O O   . ILE A 1 41  ? -15.484 11.400  -4.075  1.00 22.46 ? 29  ILE A O   1 
ATOM   38   C CB  . ILE A 1 41  ? -15.625 14.702  -3.594  1.00 23.29 ? 29  ILE A CB  1 
ATOM   39   C CG1 . ILE A 1 41  ? -16.574 15.879  -3.901  1.00 25.44 ? 29  ILE A CG1 1 
ATOM   40   C CG2 . ILE A 1 41  ? -14.677 14.470  -4.745  1.00 22.59 ? 29  ILE A CG2 1 
ATOM   41   C CD1 . ILE A 1 41  ? -15.868 17.247  -3.960  1.00 26.28 ? 29  ILE A CD1 1 
ATOM   42   N N   . LEU A 1 42  ? -14.776 12.085  -2.034  1.00 22.94 ? 30  LEU A N   1 
ATOM   43   C CA  . LEU A 1 42  ? -13.785 10.983  -1.809  1.00 23.05 ? 30  LEU A CA  1 
ATOM   44   C C   . LEU A 1 42  ? -14.518 9.638   -1.794  1.00 24.43 ? 30  LEU A C   1 
ATOM   45   O O   . LEU A 1 42  ? -14.082 8.752   -2.551  1.00 23.01 ? 30  LEU A O   1 
ATOM   46   C CB  . LEU A 1 42  ? -13.003 11.204  -0.524  1.00 23.69 ? 30  LEU A CB  1 
ATOM   47   C CG  . LEU A 1 42  ? -12.023 12.371  -0.601  1.00 24.46 ? 30  LEU A CG  1 
ATOM   48   C CD1 . LEU A 1 42  ? -11.550 12.744  0.793   1.00 27.84 ? 30  LEU A CD1 1 
ATOM   49   C CD2 . LEU A 1 42  ? -10.880 12.086  -1.560  1.00 26.52 ? 30  LEU A CD2 1 
ATOM   50   N N   . ALA A 1 43  ? -15.631 9.516   -1.048  1.00 25.49 ? 31  ALA A N   1 
ATOM   51   C CA  . ALA A 1 43  ? -16.449 8.277   -0.996  1.00 25.20 ? 31  ALA A CA  1 
ATOM   52   C C   . ALA A 1 43  ? -17.022 7.936   -2.383  1.00 26.95 ? 31  ALA A C   1 
ATOM   53   O O   . ALA A 1 43  ? -16.952 6.753   -2.805  1.00 26.70 ? 31  ALA A O   1 
ATOM   54   C CB  . ALA A 1 43  ? -17.504 8.391   0.072   1.00 26.02 ? 31  ALA A CB  1 
ATOM   55   N N   . THR A 1 44  ? -17.554 8.912   -3.128  1.00 23.86 ? 32  THR A N   1 
ATOM   56   C CA  . THR A 1 44  ? -18.080 8.708   -4.495  1.00 25.38 ? 32  THR A CA  1 
ATOM   57   C C   . THR A 1 44  ? -16.954 8.179   -5.375  1.00 24.43 ? 32  THR A C   1 
ATOM   58   O O   . THR A 1 44  ? -17.191 7.207   -6.114  1.00 25.87 ? 32  THR A O   1 
ATOM   59   C CB  . THR A 1 44  ? -18.651 10.000  -5.103  1.00 25.47 ? 32  THR A CB  1 
ATOM   60   O OG1 . THR A 1 44  ? -19.653 10.438  -4.197  1.00 28.80 ? 32  THR A OG1 1 
ATOM   61   C CG2 . THR A 1 44  ? -19.178 9.808   -6.493  1.00 27.53 ? 32  THR A CG2 1 
ATOM   62   N N   . ALA A 1 45  ? -15.764 8.794   -5.340  1.00 23.14 ? 33  ALA A N   1 
ATOM   63   C CA  . ALA A 1 45  ? -14.651 8.380   -6.223  1.00 22.75 ? 33  ALA A CA  1 
ATOM   64   C C   . ALA A 1 45  ? -14.256 6.908   -5.893  1.00 22.29 ? 33  ALA A C   1 
ATOM   65   O O   . ALA A 1 45  ? -14.083 6.127   -6.827  1.00 24.63 ? 33  ALA A O   1 
ATOM   66   C CB  . ALA A 1 45  ? -13.485 9.321   -6.064  1.00 22.36 ? 33  ALA A CB  1 
ATOM   67   N N   . GLU A 1 46  ? -14.174 6.551   -4.606  1.00 23.94 ? 34  GLU A N   1 
ATOM   68   C CA  . GLU A 1 46  ? -13.764 5.178   -4.182  1.00 24.21 ? 34  GLU A CA  1 
ATOM   69   C C   . GLU A 1 46  ? -14.836 4.191   -4.695  1.00 27.17 ? 34  GLU A C   1 
ATOM   70   O O   . GLU A 1 46  ? -14.474 3.154   -5.303  1.00 24.40 ? 34  GLU A O   1 
ATOM   71   C CB  . GLU A 1 46  ? -13.538 5.126   -2.669  1.00 25.39 ? 34  GLU A CB  1 
ATOM   72   C CG  . GLU A 1 46  ? -13.163 3.721   -2.168  1.00 30.77 ? 34  GLU A CG  1 
ATOM   73   C CD  . GLU A 1 46  ? -12.390 3.661   -0.869  1.00 31.17 ? 34  GLU A CD  1 
ATOM   74   O OE1 . GLU A 1 46  ? -12.556 4.556   -0.031  1.00 28.80 ? 34  GLU A OE1 1 
ATOM   75   O OE2 . GLU A 1 46  ? -11.568 2.731   -0.714  1.00 28.18 ? 34  GLU A OE2 1 
ATOM   76   N N   . ASN A 1 47  ? -16.115 4.540   -4.555  1.00 28.81 ? 35  ASN A N   1 
ATOM   77   C CA  . ASN A 1 47  ? -17.240 3.705   -5.068  1.00 31.22 ? 35  ASN A CA  1 
ATOM   78   C C   . ASN A 1 47  ? -17.123 3.517   -6.575  1.00 30.27 ? 35  ASN A C   1 
ATOM   79   O O   . ASN A 1 47  ? -17.181 2.375   -7.030  1.00 30.19 ? 35  ASN A O   1 
ATOM   80   C CB  . ASN A 1 47  ? -18.608 4.283   -4.722  1.00 35.94 ? 35  ASN A CB  1 
ATOM   81   C CG  . ASN A 1 47  ? -18.911 4.222   -3.240  1.00 44.48 ? 35  ASN A CG  1 
ATOM   82   O OD1 . ASN A 1 47  ? -18.362 3.398   -2.509  1.00 49.74 ? 35  ASN A OD1 1 
ATOM   83   N ND2 . ASN A 1 47  ? -19.812 5.081   -2.784  1.00 54.95 ? 35  ASN A ND2 1 
ATOM   84   N N   . LEU A 1 48  ? -16.949 4.578   -7.349  1.00 27.30 ? 36  LEU A N   1 
ATOM   85   C CA  . LEU A 1 48  ? -16.908 4.462   -8.828  1.00 28.74 ? 36  LEU A CA  1 
ATOM   86   C C   . LEU A 1 48  ? -15.652 3.712   -9.314  1.00 29.74 ? 36  LEU A C   1 
ATOM   87   O O   . LEU A 1 48  ? -15.732 3.021   -10.336 1.00 27.60 ? 36  LEU A O   1 
ATOM   88   C CB  . LEU A 1 48  ? -17.003 5.853   -9.452  1.00 29.46 ? 36  LEU A CB  1 
ATOM   89   C CG  . LEU A 1 48  ? -18.344 6.544   -9.185  1.00 33.52 ? 36  LEU A CG  1 
ATOM   90   C CD1 . LEU A 1 48  ? -18.339 7.926   -9.799  1.00 31.84 ? 36  LEU A CD1 1 
ATOM   91   C CD2 . LEU A 1 48  ? -19.517 5.714   -9.690  1.00 34.77 ? 36  LEU A CD2 1 
ATOM   92   N N   . LEU A 1 49  ? -14.522 3.847   -8.624  1.00 27.93 ? 37  LEU A N   1 
ATOM   93   C CA  . LEU A 1 49  ? -13.280 3.154   -9.009  1.00 25.99 ? 37  LEU A CA  1 
ATOM   94   C C   . LEU A 1 49  ? -13.433 1.635   -8.871  1.00 26.09 ? 37  LEU A C   1 
ATOM   95   O O   . LEU A 1 49  ? -12.693 0.946   -9.588  1.00 29.20 ? 37  LEU A O   1 
ATOM   96   C CB  . LEU A 1 49  ? -12.142 3.696   -8.151  1.00 25.01 ? 37  LEU A CB  1 
ATOM   97   C CG  . LEU A 1 49  ? -11.622 5.056   -8.641  1.00 22.49 ? 37  LEU A CG  1 
ATOM   98   C CD1 . LEU A 1 49  ? -10.686 5.655   -7.633  1.00 21.90 ? 37  LEU A CD1 1 
ATOM   99   C CD2 . LEU A 1 49  ? -10.968 4.976   -10.007 1.00 24.42 ? 37  LEU A CD2 1 
ATOM   100  N N   . GLU A 1 50  ? -14.347 1.150   -8.031  1.00 28.80 ? 38  GLU A N   1 
ATOM   101  C CA  . GLU A 1 50  ? -14.631 -0.308  -7.877  1.00 35.81 ? 38  GLU A CA  1 
ATOM   102  C C   . GLU A 1 50  ? -15.239 -0.826  -9.187  1.00 41.29 ? 38  GLU A C   1 
ATOM   103  O O   . GLU A 1 50  ? -14.983 -1.958  -9.534  1.00 41.47 ? 38  GLU A O   1 
ATOM   104  C CB  . GLU A 1 50  ? -15.495 -0.534  -6.631  1.00 40.02 ? 38  GLU A CB  1 
ATOM   105  C CG  . GLU A 1 50  ? -14.658 -0.624  -5.353  1.00 50.05 ? 38  GLU A CG  1 
ATOM   106  C CD  . GLU A 1 50  ? -15.294 -0.089  -4.083  1.00 59.74 ? 38  GLU A CD  1 
ATOM   107  O OE1 . GLU A 1 50  ? -16.409 -0.545  -3.754  1.00 64.81 ? 38  GLU A OE1 1 
ATOM   108  O OE2 . GLU A 1 50  ? -14.679 0.811   -3.434  1.00 60.48 ? 38  GLU A OE2 1 
ATOM   109  N N   . ASP A 1 51  ? -15.895 0.043   -9.954  1.00 44.90 ? 39  ASP A N   1 
ATOM   110  C CA  . ASP A 1 51  ? -16.705 -0.311  -11.150 1.00 48.95 ? 39  ASP A CA  1 
ATOM   111  C C   . ASP A 1 51  ? -15.888 -0.033  -12.428 1.00 41.48 ? 39  ASP A C   1 
ATOM   112  O O   . ASP A 1 51  ? -16.082 -0.740  -13.426 1.00 40.66 ? 39  ASP A O   1 
ATOM   113  C CB  . ASP A 1 51  ? -18.049 0.416   -10.987 1.00 58.96 ? 39  ASP A CB  1 
ATOM   114  C CG  . ASP A 1 51  ? -18.800 0.761   -12.257 1.00 69.06 ? 39  ASP A CG  1 
ATOM   115  O OD1 . ASP A 1 51  ? -19.508 -0.125  -12.755 1.00 74.04 ? 39  ASP A OD1 1 
ATOM   116  O OD2 . ASP A 1 51  ? -18.696 1.927   -12.718 1.00 71.24 ? 39  ASP A OD2 1 
ATOM   117  N N   . ARG A 1 52  ? -14.977 0.938   -12.447 1.00 37.05 ? 40  ARG A N   1 
ATOM   118  C CA  . ARG A 1 52  ? -14.261 1.298   -13.696 1.00 37.61 ? 40  ARG A CA  1 
ATOM   119  C C   . ARG A 1 52  ? -13.045 2.159   -13.404 1.00 34.79 ? 40  ARG A C   1 
ATOM   120  O O   . ARG A 1 52  ? -12.887 2.641   -12.288 1.00 32.74 ? 40  ARG A O   1 
ATOM   121  C CB  . ARG A 1 52  ? -15.205 2.033   -14.654 1.00 48.10 ? 40  ARG A CB  1 
ATOM   122  C CG  . ARG A 1 52  ? -15.885 3.257   -14.068 1.00 46.85 ? 40  ARG A CG  1 
ATOM   123  C CD  . ARG A 1 52  ? -16.942 3.677   -15.080 1.00 53.26 ? 40  ARG A CD  1 
ATOM   124  N NE  . ARG A 1 52  ? -17.397 5.029   -14.827 1.00 54.46 ? 40  ARG A NE  1 
ATOM   125  C CZ  . ARG A 1 52  ? -18.424 5.364   -14.056 1.00 51.76 ? 40  ARG A CZ  1 
ATOM   126  N NH1 . ARG A 1 52  ? -19.163 4.447   -13.458 1.00 49.83 ? 40  ARG A NH1 1 
ATOM   127  N NH2 . ARG A 1 52  ? -18.703 6.641   -13.888 1.00 48.92 ? 40  ARG A NH2 1 
ATOM   128  N N   . PRO A 1 53  ? -12.135 2.284   -14.395 1.00 33.42 ? 41  PRO A N   1 
ATOM   129  C CA  . PRO A 1 53  ? -10.913 3.079   -14.262 1.00 34.60 ? 41  PRO A CA  1 
ATOM   130  C C   . PRO A 1 53  ? -11.162 4.594   -14.164 1.00 38.57 ? 41  PRO A C   1 
ATOM   131  O O   . PRO A 1 53  ? -12.195 5.071   -14.640 1.00 36.69 ? 41  PRO A O   1 
ATOM   132  C CB  . PRO A 1 53  ? -10.128 2.775   -15.552 1.00 37.41 ? 41  PRO A CB  1 
ATOM   133  C CG  . PRO A 1 53  ? -11.167 2.289   -16.530 1.00 38.89 ? 41  PRO A CG  1 
ATOM   134  C CD  . PRO A 1 53  ? -12.201 1.569   -15.689 1.00 37.59 ? 41  PRO A CD  1 
ATOM   135  N N   . LEU A 1 54  ? -10.199 5.312   -13.592 1.00 37.05 ? 42  LEU A N   1 
ATOM   136  C CA  . LEU A 1 54  ? -10.317 6.767   -13.374 1.00 40.16 ? 42  LEU A CA  1 
ATOM   137  C C   . LEU A 1 54  ? -10.575 7.471   -14.722 1.00 41.78 ? 42  LEU A C   1 
ATOM   138  O O   . LEU A 1 54  ? -11.382 8.410   -14.743 1.00 41.16 ? 42  LEU A O   1 
ATOM   139  C CB  . LEU A 1 54  ? -9.043  7.291   -12.724 1.00 36.85 ? 42  LEU A CB  1 
ATOM   140  C CG  . LEU A 1 54  ? -9.148  8.753   -12.309 1.00 36.95 ? 42  LEU A CG  1 
ATOM   141  C CD1 . LEU A 1 54  ? -10.137 8.939   -11.148 1.00 36.18 ? 42  LEU A CD1 1 
ATOM   142  C CD2 . LEU A 1 54  ? -7.787  9.314   -11.983 1.00 37.00 ? 42  LEU A CD2 1 
ATOM   143  N N   . ALA A 1 55  ? -9.932  7.007   -15.794 1.00 45.99 ? 43  ALA A N   1 
ATOM   144  C CA  . ALA A 1 55  ? -10.107 7.487   -17.188 1.00 45.43 ? 43  ALA A CA  1 
ATOM   145  C C   . ALA A 1 55  ? -11.590 7.501   -17.585 1.00 45.46 ? 43  ALA A C   1 
ATOM   146  O O   . ALA A 1 55  ? -11.979 8.402   -18.353 1.00 50.34 ? 43  ALA A O   1 
ATOM   147  C CB  . ALA A 1 55  ? -9.298  6.628   -18.136 1.00 43.13 ? 43  ALA A CB  1 
ATOM   148  N N   . ASP A 1 56  ? -12.394 6.560   -17.098 1.00 39.84 ? 44  ASP A N   1 
ATOM   149  C CA  . ASP A 1 56  ? -13.822 6.416   -17.478 1.00 39.41 ? 44  ASP A CA  1 
ATOM   150  C C   . ASP A 1 56  ? -14.757 7.055   -16.450 1.00 35.36 ? 44  ASP A C   1 
ATOM   151  O O   . ASP A 1 56  ? -15.970 6.792   -16.534 1.00 38.20 ? 44  ASP A O   1 
ATOM   152  C CB  . ASP A 1 56  ? -14.216 4.950   -17.638 1.00 42.75 ? 44  ASP A CB  1 
ATOM   153  C CG  . ASP A 1 56  ? -13.512 4.244   -18.781 1.00 45.68 ? 44  ASP A CG  1 
ATOM   154  O OD1 . ASP A 1 56  ? -12.539 4.817   -19.325 1.00 52.72 ? 44  ASP A OD1 1 
ATOM   155  O OD2 . ASP A 1 56  ? -13.935 3.119   -19.102 1.00 53.88 ? 44  ASP A OD2 1 
ATOM   156  N N   . ILE A 1 57  ? -14.219 7.801   -15.477 1.00 34.91 ? 45  ILE A N   1 
ATOM   157  C CA  . ILE A 1 57  ? -15.000 8.583   -14.470 1.00 37.22 ? 45  ILE A CA  1 
ATOM   158  C C   . ILE A 1 57  ? -14.782 10.071  -14.783 1.00 36.44 ? 45  ILE A C   1 
ATOM   159  O O   . ILE A 1 57  ? -13.601 10.489  -14.973 1.00 37.15 ? 45  ILE A O   1 
ATOM   160  C CB  . ILE A 1 57  ? -14.575 8.223   -13.028 1.00 34.15 ? 45  ILE A CB  1 
ATOM   161  C CG1 . ILE A 1 57  ? -14.668 6.714   -12.776 1.00 35.91 ? 45  ILE A CG1 1 
ATOM   162  C CG2 . ILE A 1 57  ? -15.372 8.991   -11.990 1.00 39.07 ? 45  ILE A CG2 1 
ATOM   163  C CD1 . ILE A 1 57  ? -14.048 6.279   -11.475 1.00 31.71 ? 45  ILE A CD1 1 
ATOM   164  N N   . SER A 1 58  ? -15.870 10.844  -14.898 1.00 40.30 ? 46  SER A N   1 
ATOM   165  C CA  . SER A 1 58  ? -15.801 12.295  -15.249 1.00 40.13 ? 46  SER A CA  1 
ATOM   166  C C   . SER A 1 58  ? -15.877 13.108  -13.955 1.00 35.34 ? 46  SER A C   1 
ATOM   167  O O   . SER A 1 58  ? -16.394 12.593  -12.942 1.00 34.16 ? 46  SER A O   1 
ATOM   168  C CB  . SER A 1 58  ? -16.900 12.710  -16.234 1.00 32.88 ? 46  SER A CB  1 
ATOM   169  O OG  . SER A 1 58  ? -18.164 12.303  -15.721 1.00 34.92 ? 46  SER A OG  1 
ATOM   170  N N   . VAL A 1 59  ? -15.410 14.354  -13.973 1.00 39.54 ? 47  VAL A N   1 
ATOM   171  C CA  . VAL A 1 59  ? -15.635 15.263  -12.808 1.00 35.38 ? 47  VAL A CA  1 
ATOM   172  C C   . VAL A 1 59  ? -17.147 15.306  -12.557 1.00 32.57 ? 47  VAL A C   1 
ATOM   173  O O   . VAL A 1 59  ? -17.607 15.324  -11.391 1.00 36.65 ? 47  VAL A O   1 
ATOM   174  C CB  . VAL A 1 59  ? -14.981 16.633  -13.059 1.00 38.27 ? 47  VAL A CB  1 
ATOM   175  C CG1 . VAL A 1 59  ? -15.401 17.665  -12.028 1.00 39.46 ? 47  VAL A CG1 1 
ATOM   176  C CG2 . VAL A 1 59  ? -13.465 16.523  -13.114 1.00 40.81 ? 47  VAL A CG2 1 
ATOM   177  N N   . ASP A 1 60  ? -17.923 15.262  -13.635 1.00 40.33 ? 48  ASP A N   1 
ATOM   178  C CA  . ASP A 1 60  ? -19.409 15.277  -13.609 1.00 43.69 ? 48  ASP A CA  1 
ATOM   179  C C   . ASP A 1 60  ? -19.960 14.085  -12.812 1.00 38.75 ? 48  ASP A C   1 
ATOM   180  O O   . ASP A 1 60  ? -20.863 14.287  -11.944 1.00 33.30 ? 48  ASP A O   1 
ATOM   181  C CB  . ASP A 1 60  ? -19.970 15.293  -15.032 1.00 52.17 ? 48  ASP A CB  1 
ATOM   182  C CG  . ASP A 1 60  ? -21.276 16.057  -15.121 1.00 63.16 ? 48  ASP A CG  1 
ATOM   183  O OD1 . ASP A 1 60  ? -22.205 15.761  -14.312 1.00 61.32 ? 48  ASP A OD1 1 
ATOM   184  O OD2 . ASP A 1 60  ? -21.331 16.977  -15.951 1.00 72.04 ? 48  ASP A OD2 1 
ATOM   185  N N   . ASP A 1 61  ? -19.434 12.878  -13.075 1.00 41.99 ? 49  ASP A N   1 
ATOM   186  C CA  . ASP A 1 61  ? -19.789 11.673  -12.282 1.00 38.86 ? 49  ASP A CA  1 
ATOM   187  C C   . ASP A 1 61  ? -19.477 11.938  -10.807 1.00 31.59 ? 49  ASP A C   1 
ATOM   188  O O   . ASP A 1 61  ? -20.320 11.651  -9.944  1.00 32.86 ? 49  ASP A O   1 
ATOM   189  C CB  . ASP A 1 61  ? -19.051 10.427  -12.797 1.00 44.53 ? 49  ASP A CB  1 
ATOM   190  C CG  . ASP A 1 61  ? -19.456 9.982   -14.186 1.00 46.55 ? 49  ASP A CG  1 
ATOM   191  O OD1 . ASP A 1 61  ? -20.628 10.147  -14.511 1.00 48.61 ? 49  ASP A OD1 1 
ATOM   192  O OD2 . ASP A 1 61  ? -18.580 9.482   -14.928 1.00 49.16 ? 49  ASP A OD2 1 
ATOM   193  N N   . LEU A 1 62  ? -18.311 12.486  -10.478 1.00 33.57 ? 50  LEU A N   1 
ATOM   194  C CA  . LEU A 1 62  ? -17.949 12.696  -9.041  1.00 27.44 ? 50  LEU A CA  1 
ATOM   195  C C   . LEU A 1 62  ? -18.857 13.735  -8.397  1.00 26.61 ? 50  LEU A C   1 
ATOM   196  O O   . LEU A 1 62  ? -19.249 13.579  -7.237  1.00 26.77 ? 50  LEU A O   1 
ATOM   197  C CB  . LEU A 1 62  ? -16.486 13.122  -8.955  1.00 28.70 ? 50  LEU A CB  1 
ATOM   198  C CG  . LEU A 1 62  ? -15.487 12.094  -9.471  1.00 30.54 ? 50  LEU A CG  1 
ATOM   199  C CD1 . LEU A 1 62  ? -14.091 12.691  -9.470  1.00 32.01 ? 50  LEU A CD1 1 
ATOM   200  C CD2 . LEU A 1 62  ? -15.570 10.822  -8.623  1.00 34.36 ? 50  LEU A CD2 1 
ATOM   201  N N   . ALA A 1 63  ? -19.135 14.835  -9.106  1.00 31.63 ? 51  ALA A N   1 
ATOM   202  C CA  . ALA A 1 63  ? -20.006 15.912  -8.575  1.00 31.76 ? 51  ALA A CA  1 
ATOM   203  C C   . ALA A 1 63  ? -21.392 15.324  -8.279  1.00 27.29 ? 51  ALA A C   1 
ATOM   204  O O   . ALA A 1 63  ? -21.899 15.483  -7.155  1.00 28.92 ? 51  ALA A O   1 
ATOM   205  C CB  . ALA A 1 63  ? -20.060 17.049  -9.589  1.00 31.58 ? 51  ALA A CB  1 
ATOM   206  N N   . LYS A 1 64  ? -21.972 14.651  -9.255  1.00 36.35 ? 52  LYS A N   1 
ATOM   207  C CA  . LYS A 1 64  ? -23.359 14.103  -9.157  1.00 38.81 ? 52  LYS A CA  1 
ATOM   208  C C   . LYS A 1 64  ? -23.418 13.142  -7.964  1.00 36.32 ? 52  LYS A C   1 
ATOM   209  O O   . LYS A 1 64  ? -24.253 13.323  -7.090  1.00 32.55 ? 52  LYS A O   1 
ATOM   210  C CB  . LYS A 1 64  ? -23.711 13.497  -10.517 1.00 44.28 ? 52  LYS A CB  1 
ATOM   211  C CG  . LYS A 1 64  ? -25.098 12.886  -10.675 1.00 51.14 ? 52  LYS A CG  1 
ATOM   212  C CD  . LYS A 1 64  ? -25.166 11.991  -11.912 1.00 59.53 ? 52  LYS A CD  1 
ATOM   213  C CE  . LYS A 1 64  ? -24.680 10.566  -11.690 1.00 64.26 ? 52  LYS A CE  1 
ATOM   214  N NZ  . LYS A 1 64  ? -25.810 9.604   -11.705 1.00 69.47 ? 52  LYS A NZ  1 
ATOM   215  N N   . GLY A 1 65  ? -22.450 12.216  -7.841  1.00 42.07 ? 53  GLY A N   1 
ATOM   216  C CA  . GLY A 1 65  ? -22.405 11.301  -6.681  1.00 33.94 ? 53  GLY A CA  1 
ATOM   217  C C   . GLY A 1 65  ? -22.326 12.046  -5.373  1.00 33.70 ? 53  GLY A C   1 
ATOM   218  O O   . GLY A 1 65  ? -22.896 11.561  -4.381  1.00 33.50 ? 53  GLY A O   1 
ATOM   219  N N   . ALA A 1 66  ? -21.628 13.181  -5.314  1.00 29.18 ? 54  ALA A N   1 
ATOM   220  C CA  . ALA A 1 66  ? -21.451 13.942  -4.049  1.00 29.96 ? 54  ALA A CA  1 
ATOM   221  C C   . ALA A 1 66  ? -22.579 14.953  -3.824  1.00 29.89 ? 54  ALA A C   1 
ATOM   222  O O   . ALA A 1 66  ? -22.564 15.603  -2.756  1.00 34.43 ? 54  ALA A O   1 
ATOM   223  C CB  . ALA A 1 66  ? -20.111 14.644  -4.060  1.00 34.97 ? 54  ALA A CB  1 
ATOM   224  N N   . GLY A 1 67  ? -23.530 15.043  -4.749  1.00 35.31 ? 55  GLY A N   1 
ATOM   225  C CA  . GLY A 1 67  ? -24.698 15.955  -4.628  1.00 34.83 ? 55  GLY A CA  1 
ATOM   226  C C   . GLY A 1 67  ? -24.291 17.430  -4.745  1.00 32.95 ? 55  GLY A C   1 
ATOM   227  O O   . GLY A 1 67  ? -24.858 18.288  -4.022  1.00 32.22 ? 55  GLY A O   1 
ATOM   228  N N   . ILE A 1 68  ? -23.290 17.718  -5.576  1.00 31.57 ? 56  ILE A N   1 
ATOM   229  C CA  . ILE A 1 68  ? -22.806 19.123  -5.784  1.00 30.02 ? 56  ILE A CA  1 
ATOM   230  C C   . ILE A 1 68  ? -22.723 19.384  -7.269  1.00 26.56 ? 56  ILE A C   1 
ATOM   231  O O   . ILE A 1 68  ? -22.727 18.432  -8.026  1.00 26.20 ? 56  ILE A O   1 
ATOM   232  C CB  . ILE A 1 68  ? -21.441 19.348  -5.116  1.00 26.54 ? 56  ILE A CB  1 
ATOM   233  C CG1 . ILE A 1 68  ? -20.361 18.500  -5.792  1.00 28.64 ? 56  ILE A CG1 1 
ATOM   234  C CG2 . ILE A 1 68  ? -21.568 19.124  -3.634  1.00 29.85 ? 56  ILE A CG2 1 
ATOM   235  C CD1 . ILE A 1 68  ? -18.980 18.630  -5.175  1.00 28.73 ? 56  ILE A CD1 1 
ATOM   236  N N   . SER A 1 69  ? -22.508 20.646  -7.679  1.00 24.18 ? 57  SER A N   1 
ATOM   237  C CA  . SER A 1 69  ? -22.319 20.980  -9.104  1.00 24.57 ? 57  SER A CA  1 
ATOM   238  C C   . SER A 1 69  ? -20.857 20.748  -9.448  1.00 25.58 ? 57  SER A C   1 
ATOM   239  O O   . SER A 1 69  ? -19.992 20.713  -8.533  1.00 25.63 ? 57  SER A O   1 
ATOM   240  C CB  . SER A 1 69  ? -22.686 22.422  -9.377  1.00 25.73 ? 57  SER A CB  1 
ATOM   241  O OG  . SER A 1 69  ? -21.717 23.244  -8.738  1.00 22.21 ? 57  SER A OG  1 
ATOM   242  N N   . ARG A 1 70  ? -20.582 20.711  -10.731 1.00 23.48 ? 58  ARG A N   1 
ATOM   243  C CA  . ARG A 1 70  ? -19.232 20.687  -11.281 1.00 27.96 ? 58  ARG A CA  1 
ATOM   244  C C   . ARG A 1 70  ? -18.395 21.845  -10.767 1.00 30.31 ? 58  ARG A C   1 
ATOM   245  O O   . ARG A 1 70  ? -17.241 21.610  -10.360 1.00 23.22 ? 58  ARG A O   1 
ATOM   246  C CB  . ARG A 1 70  ? -19.333 20.601  -12.801 1.00 38.79 ? 58  ARG A CB  1 
ATOM   247  C CG  . ARG A 1 70  ? -18.005 20.783  -13.518 1.00 47.05 ? 58  ARG A CG  1 
ATOM   248  C CD  . ARG A 1 70  ? -18.202 20.943  -15.018 1.00 55.45 ? 58  ARG A CD  1 
ATOM   249  N NE  . ARG A 1 70  ? -16.932 20.725  -15.689 1.00 56.60 ? 58  ARG A NE  1 
ATOM   250  C CZ  . ARG A 1 70  ? -16.405 19.525  -15.926 1.00 58.73 ? 58  ARG A CZ  1 
ATOM   251  N NH1 . ARG A 1 70  ? -15.232 19.423  -16.525 1.00 62.97 ? 58  ARG A NH1 1 
ATOM   252  N NH2 . ARG A 1 70  ? -17.041 18.432  -15.550 1.00 63.55 ? 58  ARG A NH2 1 
ATOM   253  N N   . PRO A 1 71  ? -18.809 23.152  -10.827 1.00 24.22 ? 59  PRO A N   1 
ATOM   254  C CA  . PRO A 1 71  ? -17.890 24.171  -10.370 1.00 22.01 ? 59  PRO A CA  1 
ATOM   255  C C   . PRO A 1 71  ? -17.664 24.058  -8.866  1.00 18.06 ? 59  PRO A C   1 
ATOM   256  O O   . PRO A 1 71  ? -16.601 24.407  -8.410  1.00 19.50 ? 59  PRO A O   1 
ATOM   257  C CB  . PRO A 1 71  ? -18.530 25.526  -10.791 1.00 24.26 ? 59  PRO A CB  1 
ATOM   258  C CG  . PRO A 1 71  ? -19.936 25.155  -11.007 1.00 24.00 ? 59  PRO A CG  1 
ATOM   259  C CD  . PRO A 1 71  ? -19.931 23.737  -11.579 1.00 28.99 ? 59  PRO A CD  1 
ATOM   260  N N   . THR A 1 72  ? -18.653 23.563  -8.124  1.00 18.05 ? 60  THR A N   1 
ATOM   261  C CA  . THR A 1 72  ? -18.481 23.362  -6.668  1.00 18.74 ? 60  THR A CA  1 
ATOM   262  C C   . THR A 1 72  ? -17.395 22.293  -6.426  1.00 19.96 ? 60  THR A C   1 
ATOM   263  O O   . THR A 1 72  ? -16.594 22.514  -5.510  1.00 20.61 ? 60  THR A O   1 
ATOM   264  C CB  . THR A 1 72  ? -19.796 23.043  -5.963  1.00 20.32 ? 60  THR A CB  1 
ATOM   265  O OG1 . THR A 1 72  ? -20.613 24.225  -6.009  1.00 18.99 ? 60  THR A OG1 1 
ATOM   266  C CG2 . THR A 1 72  ? -19.547 22.684  -4.515  1.00 23.44 ? 60  THR A CG2 1 
ATOM   267  N N   . PHE A 1 73  ? -17.367 21.244  -7.239  1.00 19.97 ? 61  PHE A N   1 
ATOM   268  C CA  . PHE A 1 73  ? -16.293 20.209  -7.186  1.00 21.25 ? 61  PHE A CA  1 
ATOM   269  C C   . PHE A 1 73  ? -14.922 20.889  -7.279  1.00 26.25 ? 61  PHE A C   1 
ATOM   270  O O   . PHE A 1 73  ? -14.042 20.568  -6.448  1.00 26.91 ? 61  PHE A O   1 
ATOM   271  C CB  . PHE A 1 73  ? -16.410 19.218  -8.332  1.00 23.38 ? 61  PHE A CB  1 
ATOM   272  C CG  . PHE A 1 73  ? -15.206 18.323  -8.498  1.00 23.42 ? 61  PHE A CG  1 
ATOM   273  C CD1 . PHE A 1 73  ? -14.100 18.732  -9.224  1.00 25.89 ? 61  PHE A CD1 1 
ATOM   274  C CD2 . PHE A 1 73  ? -15.196 17.056  -7.939  1.00 25.69 ? 61  PHE A CD2 1 
ATOM   275  C CE1 . PHE A 1 73  ? -12.976 17.918  -9.356  1.00 29.88 ? 61  PHE A CE1 1 
ATOM   276  C CE2 . PHE A 1 73  ? -14.105 16.220  -8.121  1.00 23.94 ? 61  PHE A CE2 1 
ATOM   277  C CZ  . PHE A 1 73  ? -12.986 16.651  -8.791  1.00 25.82 ? 61  PHE A CZ  1 
ATOM   278  N N   . TYR A 1 74  ? -14.757 21.821  -8.242  1.00 26.18 ? 62  TYR A N   1 
ATOM   279  C CA  . TYR A 1 74  ? -13.439 22.430  -8.581  1.00 28.08 ? 62  TYR A CA  1 
ATOM   280  C C   . TYR A 1 74  ? -12.975 23.312  -7.438  1.00 28.77 ? 62  TYR A C   1 
ATOM   281  O O   . TYR A 1 74  ? -11.799 23.657  -7.328  1.00 29.45 ? 62  TYR A O   1 
ATOM   282  C CB  . TYR A 1 74  ? -13.525 23.167  -9.903  1.00 27.30 ? 62  TYR A CB  1 
ATOM   283  C CG  . TYR A 1 74  ? -13.423 22.259  -11.087 1.00 29.75 ? 62  TYR A CG  1 
ATOM   284  C CD1 . TYR A 1 74  ? -12.262 21.516  -11.290 1.00 28.38 ? 62  TYR A CD1 1 
ATOM   285  C CD2 . TYR A 1 74  ? -14.468 22.111  -11.977 1.00 34.20 ? 62  TYR A CD2 1 
ATOM   286  C CE1 . TYR A 1 74  ? -12.139 20.691  -12.389 1.00 27.68 ? 62  TYR A CE1 1 
ATOM   287  C CE2 . TYR A 1 74  ? -14.360 21.260  -13.062 1.00 38.19 ? 62  TYR A CE2 1 
ATOM   288  C CZ  . TYR A 1 74  ? -13.189 20.551  -13.262 1.00 32.48 ? 62  TYR A CZ  1 
ATOM   289  O OH  . TYR A 1 74  ? -13.094 19.760  -14.350 1.00 36.20 ? 62  TYR A OH  1 
ATOM   290  N N   . PHE A 1 75  ? -13.887 23.650  -6.551  1.00 26.20 ? 63  PHE A N   1 
ATOM   291  C CA  . PHE A 1 75  ? -13.556 24.353  -5.304  1.00 25.64 ? 63  PHE A CA  1 
ATOM   292  C C   . PHE A 1 75  ? -12.790 23.444  -4.331  1.00 34.93 ? 63  PHE A C   1 
ATOM   293  O O   . PHE A 1 75  ? -11.943 23.977  -3.584  1.00 31.27 ? 63  PHE A O   1 
ATOM   294  C CB  . PHE A 1 75  ? -14.806 24.881  -4.624  1.00 28.45 ? 63  PHE A CB  1 
ATOM   295  C CG  . PHE A 1 75  ? -14.475 25.684  -3.403  1.00 28.36 ? 63  PHE A CG  1 
ATOM   296  C CD1 . PHE A 1 75  ? -13.961 26.969  -3.544  1.00 32.46 ? 63  PHE A CD1 1 
ATOM   297  C CD2 . PHE A 1 75  ? -14.628 25.156  -2.134  1.00 33.72 ? 63  PHE A CD2 1 
ATOM   298  C CE1 . PHE A 1 75  ? -13.573 27.707  -2.439  1.00 29.99 ? 63  PHE A CE1 1 
ATOM   299  C CE2 . PHE A 1 75  ? -14.269 25.902  -1.015  1.00 36.41 ? 63  PHE A CE2 1 
ATOM   300  C CZ  . PHE A 1 75  ? -13.750 27.178  -1.173  1.00 35.96 ? 63  PHE A CZ  1 
ATOM   301  N N   . TYR A 1 76  ? -13.118 22.144  -4.271  1.00 28.61 ? 64  TYR A N   1 
ATOM   302  C CA  . TYR A 1 76  ? -12.494 21.168  -3.330  1.00 27.04 ? 64  TYR A CA  1 
ATOM   303  C C   . TYR A 1 76  ? -11.252 20.509  -3.956  1.00 26.55 ? 64  TYR A C   1 
ATOM   304  O O   . TYR A 1 76  ? -10.343 20.234  -3.183  1.00 27.91 ? 64  TYR A O   1 
ATOM   305  C CB  . TYR A 1 76  ? -13.532 20.120  -2.908  1.00 26.43 ? 64  TYR A CB  1 
ATOM   306  C CG  . TYR A 1 76  ? -14.586 20.720  -2.026  1.00 27.55 ? 64  TYR A CG  1 
ATOM   307  C CD1 . TYR A 1 76  ? -14.301 21.052  -0.714  1.00 31.15 ? 64  TYR A CD1 1 
ATOM   308  C CD2 . TYR A 1 76  ? -15.809 21.113  -2.548  1.00 25.88 ? 64  TYR A CD2 1 
ATOM   309  C CE1 . TYR A 1 76  ? -15.243 21.675  0.099   1.00 33.83 ? 64  TYR A CE1 1 
ATOM   310  C CE2 . TYR A 1 76  ? -16.765 21.711  -1.745  1.00 27.17 ? 64  TYR A CE2 1 
ATOM   311  C CZ  . TYR A 1 76  ? -16.482 21.998  -0.422  1.00 32.93 ? 64  TYR A CZ  1 
ATOM   312  O OH  . TYR A 1 76  ? -17.421 22.610  0.344   1.00 34.89 ? 64  TYR A OH  1 
ATOM   313  N N   . PHE A 1 77  ? -11.225 20.268  -5.270  1.00 26.62 ? 65  PHE A N   1 
ATOM   314  C CA  . PHE A 1 77  ? -10.140 19.560  -5.991  1.00 30.37 ? 65  PHE A CA  1 
ATOM   315  C C   . PHE A 1 77  ? -9.953  20.165  -7.374  1.00 31.71 ? 65  PHE A C   1 
ATOM   316  O O   . PHE A 1 77  ? -10.924 20.449  -8.083  1.00 28.96 ? 65  PHE A O   1 
ATOM   317  C CB  . PHE A 1 77  ? -10.479 18.066  -6.185  1.00 27.39 ? 65  PHE A CB  1 
ATOM   318  C CG  . PHE A 1 77  ? -10.632 17.311  -4.894  1.00 25.70 ? 65  PHE A CG  1 
ATOM   319  C CD1 . PHE A 1 77  ? -9.518  16.774  -4.251  1.00 24.48 ? 65  PHE A CD1 1 
ATOM   320  C CD2 . PHE A 1 77  ? -11.878 17.092  -4.339  1.00 23.21 ? 65  PHE A CD2 1 
ATOM   321  C CE1 . PHE A 1 77  ? -9.652  16.061  -3.075  1.00 25.82 ? 65  PHE A CE1 1 
ATOM   322  C CE2 . PHE A 1 77  ? -12.009 16.412  -3.143  1.00 25.11 ? 65  PHE A CE2 1 
ATOM   323  C CZ  . PHE A 1 77  ? -10.895 15.867  -2.532  1.00 26.01 ? 65  PHE A CZ  1 
ATOM   324  N N   . PRO A 1 78  ? -8.687  20.322  -7.821  1.00 31.61 ? 66  PRO A N   1 
ATOM   325  C CA  . PRO A 1 78  ? -8.410  20.805  -9.169  1.00 33.01 ? 66  PRO A CA  1 
ATOM   326  C C   . PRO A 1 78  ? -8.699  19.825  -10.295 1.00 34.09 ? 66  PRO A C   1 
ATOM   327  O O   . PRO A 1 78  ? -8.829  20.270  -11.394 1.00 34.89 ? 66  PRO A O   1 
ATOM   328  C CB  . PRO A 1 78  ? -6.916  21.179  -9.144  1.00 38.57 ? 66  PRO A CB  1 
ATOM   329  C CG  . PRO A 1 78  ? -6.338  20.439  -7.941  1.00 37.14 ? 66  PRO A CG  1 
ATOM   330  C CD  . PRO A 1 78  ? -7.487  20.243  -6.968  1.00 36.40 ? 66  PRO A CD  1 
ATOM   331  N N   . SER A 1 79  ? -8.838  18.517  -10.006 1.00 30.07 ? 67  SER A N   1 
ATOM   332  C CA  . SER A 1 79  ? -8.923  17.440  -11.021 1.00 30.14 ? 67  SER A CA  1 
ATOM   333  C C   . SER A 1 79  ? -9.417  16.127  -10.379 1.00 25.22 ? 67  SER A C   1 
ATOM   334  O O   . SER A 1 79  ? -9.324  16.018  -9.137  1.00 23.01 ? 67  SER A O   1 
ATOM   335  C CB  . SER A 1 79  ? -7.550  17.230  -11.601 1.00 33.94 ? 67  SER A CB  1 
ATOM   336  O OG  . SER A 1 79  ? -6.648  16.939  -10.546 1.00 30.63 ? 67  SER A OG  1 
ATOM   337  N N   . LYS A 1 80  ? -9.893  15.197  -11.187 1.00 28.51 ? 68  LYS A N   1 
ATOM   338  C CA  . LYS A 1 80  ? -10.183 13.815  -10.717 1.00 30.66 ? 68  LYS A CA  1 
ATOM   339  C C   . LYS A 1 80  ? -8.867  13.149  -10.265 1.00 30.95 ? 68  LYS A C   1 
ATOM   340  O O   . LYS A 1 80  ? -8.922  12.408  -9.237  1.00 27.62 ? 68  LYS A O   1 
ATOM   341  C CB  . LYS A 1 80  ? -10.955 13.016  -11.765 1.00 30.37 ? 68  LYS A CB  1 
ATOM   342  C CG  . LYS A 1 80  ? -10.222 12.773  -13.066 1.00 33.57 ? 68  LYS A CG  1 
ATOM   343  C CD  . LYS A 1 80  ? -11.091 12.067  -14.071 1.00 35.69 ? 68  LYS A CD  1 
ATOM   344  C CE  . LYS A 1 80  ? -10.419 11.874  -15.410 1.00 41.20 ? 68  LYS A CE  1 
ATOM   345  N NZ  . LYS A 1 80  ? -11.217 10.963  -16.257 1.00 45.97 ? 68  LYS A NZ  1 
ATOM   346  N N   . GLU A 1 81  ? -7.727  13.536  -10.853 1.00 31.14 ? 69  GLU A N   1 
ATOM   347  C CA  . GLU A 1 81  ? -6.370  13.026  -10.496 1.00 29.83 ? 69  GLU A CA  1 
ATOM   348  C C   . GLU A 1 81  ? -6.043  13.430  -9.064  1.00 29.55 ? 69  GLU A C   1 
ATOM   349  O O   . GLU A 1 81  ? -5.494  12.613  -8.323  1.00 28.42 ? 69  GLU A O   1 
ATOM   350  C CB  . GLU A 1 81  ? -5.278  13.489  -11.474 1.00 28.97 ? 69  GLU A CB  1 
ATOM   351  C CG  . GLU A 1 81  ? -5.398  12.863  -12.856 1.00 33.37 ? 69  GLU A CG  1 
ATOM   352  C CD  . GLU A 1 81  ? -6.454  13.413  -13.806 1.00 36.04 ? 69  GLU A CD  1 
ATOM   353  O OE1 . GLU A 1 81  ? -7.012  14.490  -13.530 1.00 31.55 ? 69  GLU A OE1 1 
ATOM   354  O OE2 . GLU A 1 81  ? -6.755  12.730  -14.792 1.00 42.63 ? 69  GLU A OE2 1 
ATOM   355  N N   . ALA A 1 82  ? -6.383  14.648  -8.627  1.00 24.41 ? 70  ALA A N   1 
ATOM   356  C CA  . ALA A 1 82  ? -6.137  15.097  -7.245  1.00 22.91 ? 70  ALA A CA  1 
ATOM   357  C C   . ALA A 1 82  ? -6.977  14.271  -6.270  1.00 19.47 ? 70  ALA A C   1 
ATOM   358  O O   . ALA A 1 82  ? -6.596  14.122  -5.081  1.00 20.95 ? 70  ALA A O   1 
ATOM   359  C CB  . ALA A 1 82  ? -6.470  16.576  -7.084  1.00 25.98 ? 70  ALA A CB  1 
ATOM   360  N N   . VAL A 1 83  ? -8.181  13.896  -6.683  1.00 19.49 ? 71  VAL A N   1 
ATOM   361  C CA  . VAL A 1 83  ? -9.084  13.095  -5.823  1.00 20.71 ? 71  VAL A CA  1 
ATOM   362  C C   . VAL A 1 83  ? -8.379  11.749  -5.560  1.00 18.97 ? 71  VAL A C   1 
ATOM   363  O O   . VAL A 1 83  ? -8.369  11.323  -4.392  1.00 20.59 ? 71  VAL A O   1 
ATOM   364  C CB  . VAL A 1 83  ? -10.482 12.892  -6.426  1.00 22.39 ? 71  VAL A CB  1 
ATOM   365  C CG1 . VAL A 1 83  ? -11.367 12.051  -5.535  1.00 22.03 ? 71  VAL A CG1 1 
ATOM   366  C CG2 . VAL A 1 83  ? -11.149 14.256  -6.661  1.00 24.11 ? 71  VAL A CG2 1 
ATOM   367  N N   . LEU A 1 84  ? -7.894  11.132  -6.605  1.00 19.31 ? 72  LEU A N   1 
ATOM   368  C CA  . LEU A 1 84  ? -7.187  9.808   -6.457  1.00 22.86 ? 72  LEU A CA  1 
ATOM   369  C C   . LEU A 1 84  ? -5.952  9.963   -5.565  1.00 23.61 ? 72  LEU A C   1 
ATOM   370  O O   . LEU A 1 84  ? -5.725  9.078   -4.686  1.00 23.51 ? 72  LEU A O   1 
ATOM   371  C CB  . LEU A 1 84  ? -6.813  9.260   -7.820  1.00 22.50 ? 72  LEU A CB  1 
ATOM   372  C CG  . LEU A 1 84  ? -5.975  7.973   -7.772  1.00 25.04 ? 72  LEU A CG  1 
ATOM   373  C CD1 . LEU A 1 84  ? -6.718  6.893   -6.974  1.00 24.16 ? 72  LEU A CD1 1 
ATOM   374  C CD2 . LEU A 1 84  ? -5.681  7.509   -9.177  1.00 24.35 ? 72  LEU A CD2 1 
ATOM   375  N N   . LEU A 1 85  ? -5.165  11.020  -5.749  1.00 23.94 ? 73  LEU A N   1 
ATOM   376  C CA  . LEU A 1 85  ? -3.990  11.295  -4.884  1.00 22.29 ? 73  LEU A CA  1 
ATOM   377  C C   . LEU A 1 85  ? -4.412  11.373  -3.438  1.00 24.18 ? 73  LEU A C   1 
ATOM   378  O O   . LEU A 1 85  ? -3.748  10.744  -2.556  1.00 22.17 ? 73  LEU A O   1 
ATOM   379  C CB  . LEU A 1 85  ? -3.249  12.553  -5.351  1.00 22.78 ? 73  LEU A CB  1 
ATOM   380  C CG  . LEU A 1 85  ? -2.116  13.015  -4.445  1.00 25.63 ? 73  LEU A CG  1 
ATOM   381  C CD1 . LEU A 1 85  ? -0.990  11.986  -4.447  1.00 22.87 ? 73  LEU A CD1 1 
ATOM   382  C CD2 . LEU A 1 85  ? -1.604  14.392  -4.880  1.00 26.46 ? 73  LEU A CD2 1 
ATOM   383  N N   . THR A 1 86  ? -5.516  12.069  -3.120  1.00 22.42 ? 74  THR A N   1 
ATOM   384  C CA  . THR A 1 86  ? -5.959  12.165  -1.719  1.00 21.03 ? 74  THR A CA  1 
ATOM   385  C C   . THR A 1 86  ? -6.400  10.782  -1.208  1.00 21.93 ? 74  THR A C   1 
ATOM   386  O O   . THR A 1 86  ? -6.138  10.501  -0.045  1.00 19.81 ? 74  THR A O   1 
ATOM   387  C CB  . THR A 1 86  ? -7.114  13.175  -1.566  1.00 22.56 ? 74  THR A CB  1 
ATOM   388  O OG1 . THR A 1 86  ? -6.640  14.428  -2.069  1.00 26.91 ? 74  THR A OG1 1 
ATOM   389  C CG2 . THR A 1 86  ? -7.565  13.312  -0.143  1.00 24.83 ? 74  THR A CG2 1 
ATOM   390  N N   . LEU A 1 87  ? -7.130  10.001  -2.011  1.00 22.14 ? 75  LEU A N   1 
ATOM   391  C CA  . LEU A 1 87  ? -7.595  8.650   -1.580  1.00 20.97 ? 75  LEU A CA  1 
ATOM   392  C C   . LEU A 1 87  ? -6.355  7.777   -1.292  1.00 19.28 ? 75  LEU A C   1 
ATOM   393  O O   . LEU A 1 87  ? -6.346  7.163   -0.225  1.00 18.86 ? 75  LEU A O   1 
ATOM   394  C CB  . LEU A 1 87  ? -8.429  7.967   -2.641  1.00 21.03 ? 75  LEU A CB  1 
ATOM   395  C CG  . LEU A 1 87  ? -9.860  8.494   -2.781  1.00 22.08 ? 75  LEU A CG  1 
ATOM   396  C CD1 . LEU A 1 87  ? -10.466 7.930   -4.041  1.00 26.44 ? 75  LEU A CD1 1 
ATOM   397  C CD2 . LEU A 1 87  ? -10.673 8.134   -1.566  1.00 25.17 ? 75  LEU A CD2 1 
ATOM   398  N N   . LEU A 1 88  ? -5.374  7.813   -2.180  1.00 20.29 ? 76  LEU A N   1 
ATOM   399  C CA  . LEU A 1 88  ? -4.138  6.979   -2.000  1.00 20.40 ? 76  LEU A CA  1 
ATOM   400  C C   . LEU A 1 88  ? -3.418  7.446   -0.739  1.00 20.74 ? 76  LEU A C   1 
ATOM   401  O O   . LEU A 1 88  ? -3.014  6.608   0.079   1.00 20.30 ? 76  LEU A O   1 
ATOM   402  C CB  . LEU A 1 88  ? -3.254  7.037   -3.229  1.00 20.41 ? 76  LEU A CB  1 
ATOM   403  C CG  . LEU A 1 88  ? -2.005  6.153   -3.153  1.00 22.15 ? 76  LEU A CG  1 
ATOM   404  C CD1 . LEU A 1 88  ? -2.417  4.695   -2.984  1.00 22.42 ? 76  LEU A CD1 1 
ATOM   405  C CD2 . LEU A 1 88  ? -1.161  6.342   -4.408  1.00 21.67 ? 76  LEU A CD2 1 
ATOM   406  N N   . ASP A 1 89  ? -3.295  8.751   -0.536  1.00 21.15 ? 77  ASP A N   1 
ATOM   407  C CA  . ASP A 1 89  ? -2.634  9.334   0.657   1.00 21.17 ? 77  ASP A CA  1 
ATOM   408  C C   . ASP A 1 89  ? -3.320  8.827   1.911   1.00 21.11 ? 77  ASP A C   1 
ATOM   409  O O   . ASP A 1 89  ? -2.637  8.502   2.864   1.00 19.40 ? 77  ASP A O   1 
ATOM   410  C CB  . ASP A 1 89  ? -2.618  10.863  0.595   1.00 23.53 ? 77  ASP A CB  1 
ATOM   411  C CG  . ASP A 1 89  ? -1.900  11.495  1.760   1.00 29.07 ? 77  ASP A CG  1 
ATOM   412  O OD1 . ASP A 1 89  ? -2.501  11.592  2.801   1.00 37.86 ? 77  ASP A OD1 1 
ATOM   413  O OD2 . ASP A 1 89  ? -0.752  11.826  1.619   1.00 35.81 ? 77  ASP A OD2 1 
ATOM   414  N N   . ARG A 1 90  ? -4.646  8.785   1.936   1.00 20.49 ? 78  ARG A N   1 
ATOM   415  C CA  . ARG A 1 90  ? -5.350  8.307   3.137   1.00 21.30 ? 78  ARG A CA  1 
ATOM   416  C C   . ARG A 1 90  ? -5.032  6.823   3.388   1.00 17.99 ? 78  ARG A C   1 
ATOM   417  O O   . ARG A 1 90  ? -4.785  6.476   4.536   1.00 19.48 ? 78  ARG A O   1 
ATOM   418  C CB  . ARG A 1 90  ? -6.856  8.555   2.961   1.00 29.14 ? 78  ARG A CB  1 
ATOM   419  C CG  . ARG A 1 90  ? -7.671  8.158   4.186   1.00 40.18 ? 78  ARG A CG  1 
ATOM   420  C CD  . ARG A 1 90  ? -9.193  8.314   4.026   1.00 50.26 ? 78  ARG A CD  1 
ATOM   421  N NE  . ARG A 1 90  ? -9.816  7.512   2.959   1.00 61.69 ? 78  ARG A NE  1 
ATOM   422  C CZ  . ARG A 1 90  ? -9.897  6.170   2.912   1.00 62.18 ? 78  ARG A CZ  1 
ATOM   423  N NH1 . ARG A 1 90  ? -9.369  5.416   3.868   1.00 63.89 ? 78  ARG A NH1 1 
ATOM   424  N NH2 . ARG A 1 90  ? -10.502 5.584   1.886   1.00 55.49 ? 78  ARG A NH2 1 
ATOM   425  N N   . VAL A 1 91  ? -5.036  5.978   2.354   1.00 20.08 ? 79  VAL A N   1 
ATOM   426  C CA  . VAL A 1 91  ? -4.822  4.509   2.540   1.00 19.02 ? 79  VAL A CA  1 
ATOM   427  C C   . VAL A 1 91  ? -3.364  4.275   2.988   1.00 19.41 ? 79  VAL A C   1 
ATOM   428  O O   . VAL A 1 91  ? -3.112  3.512   3.910   1.00 18.60 ? 79  VAL A O   1 
ATOM   429  C CB  . VAL A 1 91  ? -5.207  3.762   1.254   1.00 20.35 ? 79  VAL A CB  1 
ATOM   430  C CG1 . VAL A 1 91  ? -4.835  2.273   1.299   1.00 22.77 ? 79  VAL A CG1 1 
ATOM   431  C CG2 . VAL A 1 91  ? -6.690  3.944   0.988   1.00 21.65 ? 79  VAL A CG2 1 
ATOM   432  N N   . VAL A 1 92  ? -2.420  4.960   2.353   1.00 16.96 ? 80  VAL A N   1 
ATOM   433  C CA  . VAL A 1 92  ? -0.964  4.805   2.640   1.00 18.03 ? 80  VAL A CA  1 
ATOM   434  C C   . VAL A 1 92  ? -0.710  5.227   4.073   1.00 18.54 ? 80  VAL A C   1 
ATOM   435  O O   . VAL A 1 92  ? -0.019  4.543   4.878   1.00 15.79 ? 80  VAL A O   1 
ATOM   436  C CB  . VAL A 1 92  ? -0.215  5.637   1.601   1.00 20.91 ? 80  VAL A CB  1 
ATOM   437  C CG1 . VAL A 1 92  ? 1.137   6.092   2.064   1.00 25.72 ? 80  VAL A CG1 1 
ATOM   438  C CG2 . VAL A 1 92  ? -0.190  4.941   0.247   1.00 21.55 ? 80  VAL A CG2 1 
ATOM   439  N N   . ASN A 1 93  ? -1.302  6.362   4.459   1.00 19.95 ? 81  ASN A N   1 
ATOM   440  C CA  . ASN A 1 93  ? -1.143  6.837   5.851   1.00 19.05 ? 81  ASN A CA  1 
ATOM   441  C C   . ASN A 1 93  ? -1.836  5.892   6.849   1.00 19.61 ? 81  ASN A C   1 
ATOM   442  O O   . ASN A 1 93  ? -1.309  5.717   7.982   1.00 20.60 ? 81  ASN A O   1 
ATOM   443  C CB  . ASN A 1 93  ? -1.576  8.312   5.971   1.00 22.33 ? 81  ASN A CB  1 
ATOM   444  C CG  . ASN A 1 93  ? -0.442  9.249   5.600   1.00 23.08 ? 81  ASN A CG  1 
ATOM   445  O OD1 . ASN A 1 93  ? 0.504   9.451   6.362   1.00 25.17 ? 81  ASN A OD1 1 
ATOM   446  N ND2 . ASN A 1 93  ? -0.487  9.765   4.394   1.00 25.00 ? 81  ASN A ND2 1 
ATOM   447  N N   . GLN A 1 94  ? -2.977  5.322   6.508   1.00 19.59 ? 82  GLN A N   1 
ATOM   448  C CA  . GLN A 1 94  ? -3.633  4.323   7.376   1.00 18.93 ? 82  GLN A CA  1 
ATOM   449  C C   . GLN A 1 94  ? -2.683  3.134   7.598   1.00 19.39 ? 82  GLN A C   1 
ATOM   450  O O   . GLN A 1 94  ? -2.574  2.668   8.721   1.00 17.46 ? 82  GLN A O   1 
ATOM   451  C CB  . GLN A 1 94  ? -4.970  3.898   6.754   1.00 23.20 ? 82  GLN A CB  1 
ATOM   452  C CG  . GLN A 1 94  ? -5.762  2.946   7.624   1.00 28.62 ? 82  GLN A CG  1 
ATOM   453  C CD  . GLN A 1 94  ? -7.008  2.471   6.904   1.00 37.90 ? 82  GLN A CD  1 
ATOM   454  O OE1 . GLN A 1 94  ? -7.437  3.039   5.885   1.00 43.92 ? 82  GLN A OE1 1 
ATOM   455  N NE2 . GLN A 1 94  ? -7.540  1.365   7.382   1.00 36.41 ? 82  GLN A NE2 1 
ATOM   456  N N   . ALA A 1 95  ? -2.041  2.623   6.540   1.00 17.45 ? 83  ALA A N   1 
ATOM   457  C CA  . ALA A 1 95  ? -1.124  1.481   6.698   1.00 17.37 ? 83  ALA A CA  1 
ATOM   458  C C   . ALA A 1 95  ? 0.047   1.916   7.611   1.00 16.10 ? 83  ALA A C   1 
ATOM   459  O O   . ALA A 1 95  ? 0.450   1.187   8.483   1.00 18.55 ? 83  ALA A O   1 
ATOM   460  C CB  . ALA A 1 95  ? -0.648  1.026   5.326   1.00 17.65 ? 83  ALA A CB  1 
ATOM   461  N N   . ASP A 1 96  ? 0.599   3.095   7.351   1.00 17.74 ? 84  ASP A N   1 
ATOM   462  C CA  . ASP A 1 96  ? 1.781   3.595   8.055   1.00 16.94 ? 84  ASP A CA  1 
ATOM   463  C C   . ASP A 1 96  ? 1.464   3.727   9.555   1.00 18.83 ? 84  ASP A C   1 
ATOM   464  O O   . ASP A 1 96  ? 2.290   3.314   10.369  1.00 18.04 ? 84  ASP A O   1 
ATOM   465  C CB  . ASP A 1 96  ? 2.233   4.919   7.455   1.00 18.28 ? 84  ASP A CB  1 
ATOM   466  C CG  . ASP A 1 96  ? 3.600   5.266   7.998   1.00 20.76 ? 84  ASP A CG  1 
ATOM   467  O OD1 . ASP A 1 96  ? 4.522   4.419   7.867   1.00 18.68 ? 84  ASP A OD1 1 
ATOM   468  O OD2 . ASP A 1 96  ? 3.706   6.348   8.629   1.00 21.31 ? 84  ASP A OD2 1 
ATOM   469  N N   . MET A 1 97  ? 0.316   4.313   9.899   1.00 20.08 ? 85  MET A N   1 
ATOM   470  C CA  . MET A 1 97  ? -0.075  4.494   11.330  1.00 24.14 ? 85  MET A CA  1 
ATOM   471  C C   . MET A 1 97  ? -0.305  3.128   11.972  1.00 19.80 ? 85  MET A C   1 
ATOM   472  O O   . MET A 1 97  ? 0.052   2.945   13.138  1.00 22.73 ? 85  MET A O   1 
ATOM   473  C CB  . MET A 1 97  ? -1.343  5.357   11.427  1.00 27.33 ? 85  MET A CB  1 
ATOM   474  C CG  . MET A 1 97  ? -1.075  6.783   10.968  1.00 37.16 ? 85  MET A CG  1 
ATOM   475  S SD  . MET A 1 97  ? -2.553  7.846   11.083  1.00 50.81 ? 85  MET A SD  1 
ATOM   476  C CE  . MET A 1 97  ? -2.913  7.806   12.847  1.00 49.06 ? 85  MET A CE  1 
ATOM   477  N N   . ALA A 1 98  ? -0.899  2.174   11.250  1.00 20.20 ? 86  ALA A N   1 
ATOM   478  C CA  . ALA A 1 98  ? -1.105  0.810   11.780  1.00 18.94 ? 86  ALA A CA  1 
ATOM   479  C C   . ALA A 1 98  ? 0.268   0.207   12.077  1.00 20.59 ? 86  ALA A C   1 
ATOM   480  O O   . ALA A 1 98  ? 0.446   -0.459  13.076  1.00 20.41 ? 86  ALA A O   1 
ATOM   481  C CB  . ALA A 1 98  ? -1.874  -0.034  10.803  1.00 18.51 ? 86  ALA A CB  1 
ATOM   482  N N   . LEU A 1 99  ? 1.236   0.398   11.200  1.00 18.56 ? 87  LEU A N   1 
ATOM   483  C CA  . LEU A 1 99  ? 2.567   -0.213  11.431  1.00 19.87 ? 87  LEU A CA  1 
ATOM   484  C C   . LEU A 1 99  ? 3.255   0.477   12.617  1.00 22.62 ? 87  LEU A C   1 
ATOM   485  O O   . LEU A 1 99  ? 3.833   -0.229  13.459  1.00 25.61 ? 87  LEU A O   1 
ATOM   486  C CB  . LEU A 1 99  ? 3.372   -0.101  10.133  1.00 20.85 ? 87  LEU A CB  1 
ATOM   487  C CG  . LEU A 1 99  ? 4.718   -0.791  10.129  1.00 21.86 ? 87  LEU A CG  1 
ATOM   488  C CD1 . LEU A 1 99  ? 4.538   -2.308  10.248  1.00 23.62 ? 87  LEU A CD1 1 
ATOM   489  C CD2 . LEU A 1 99  ? 5.493   -0.434  8.863   1.00 22.63 ? 87  LEU A CD2 1 
ATOM   490  N N   . GLN A 1 100 ? 3.121   1.790   12.734  1.00 24.04 ? 88  GLN A N   1 
ATOM   491  C CA  . GLN A 1 100 ? 3.681   2.554   13.893  1.00 26.57 ? 88  GLN A CA  1 
ATOM   492  C C   . GLN A 1 100 ? 3.043   2.078   15.196  1.00 25.27 ? 88  GLN A C   1 
ATOM   493  O O   . GLN A 1 100 ? 3.794   1.960   16.152  1.00 30.89 ? 88  GLN A O   1 
ATOM   494  C CB  . GLN A 1 100 ? 3.504   4.067   13.723  1.00 31.72 ? 88  GLN A CB  1 
ATOM   495  C CG  . GLN A 1 100 ? 4.666   4.685   12.954  1.00 42.22 ? 88  GLN A CG  1 
ATOM   496  C CD  . GLN A 1 100 ? 4.571   6.183   12.784  1.00 53.13 ? 88  GLN A CD  1 
ATOM   497  O OE1 . GLN A 1 100 ? 4.938   6.728   11.739  1.00 56.71 ? 88  GLN A OE1 1 
ATOM   498  N NE2 . GLN A 1 100 ? 4.072   6.862   13.809  1.00 47.16 ? 88  GLN A NE2 1 
ATOM   499  N N   . THR A 1 101 ? 1.753   1.716   15.196  1.00 25.79 ? 89  THR A N   1 
ATOM   500  C CA  . THR A 1 101 ? 1.029   1.241   16.395  1.00 26.89 ? 89  THR A CA  1 
ATOM   501  C C   . THR A 1 101 ? 1.625   -0.090  16.835  1.00 34.15 ? 89  THR A C   1 
ATOM   502  O O   . THR A 1 101 ? 1.943   -0.277  18.051  1.00 29.54 ? 89  THR A O   1 
ATOM   503  C CB  . THR A 1 101 ? -0.472  1.107   16.134  1.00 31.71 ? 89  THR A CB  1 
ATOM   504  O OG1 . THR A 1 101 ? -0.978  2.430   15.963  1.00 31.35 ? 89  THR A OG1 1 
ATOM   505  C CG2 . THR A 1 101 ? -1.209  0.415   17.263  1.00 34.19 ? 89  THR A CG2 1 
ATOM   506  N N   . LEU A 1 102 ? 1.800   -1.006  15.880  1.00 30.85 ? 90  LEU A N   1 
ATOM   507  C CA  . LEU A 1 102 ? 2.461   -2.305  16.137  1.00 31.65 ? 90  LEU A CA  1 
ATOM   508  C C   . LEU A 1 102 ? 3.844   -2.117  16.746  1.00 32.08 ? 90  LEU A C   1 
ATOM   509  O O   . LEU A 1 102 ? 4.195   -2.885  17.649  1.00 39.23 ? 90  LEU A O   1 
ATOM   510  C CB  . LEU A 1 102 ? 2.627   -3.048  14.809  1.00 31.32 ? 90  LEU A CB  1 
ATOM   511  C CG  . LEU A 1 102 ? 1.717   -4.235  14.600  1.00 37.33 ? 90  LEU A CG  1 
ATOM   512  C CD1 . LEU A 1 102 ? 2.114   -4.928  13.299  1.00 30.35 ? 90  LEU A CD1 1 
ATOM   513  C CD2 . LEU A 1 102 ? 1.794   -5.192  15.801  1.00 34.56 ? 90  LEU A CD2 1 
ATOM   514  N N   . ALA A 1 103 ? 4.643   -1.221  16.172  1.00 35.35 ? 91  ALA A N   1 
ATOM   515  C CA  . ALA A 1 103 ? 6.054   -0.963  16.536  1.00 37.44 ? 91  ALA A CA  1 
ATOM   516  C C   . ALA A 1 103 ? 6.126   -0.452  17.978  1.00 45.31 ? 91  ALA A C   1 
ATOM   517  O O   . ALA A 1 103 ? 7.159   -0.667  18.595  1.00 41.07 ? 91  ALA A O   1 
ATOM   518  C CB  . ALA A 1 103 ? 6.672   0.047   15.602  1.00 36.40 ? 91  ALA A CB  1 
ATOM   519  N N   . GLU A 1 104 ? 5.081   0.231   18.460  1.00 44.82 ? 92  GLU A N   1 
ATOM   520  C CA  . GLU A 1 104 ? 5.038   0.826   19.826  1.00 51.25 ? 92  GLU A CA  1 
ATOM   521  C C   . GLU A 1 104 ? 4.650   -0.228  20.872  1.00 50.84 ? 92  GLU A C   1 
ATOM   522  O O   . GLU A 1 104 ? 4.977   -0.008  22.028  1.00 53.62 ? 92  GLU A O   1 
ATOM   523  C CB  . GLU A 1 104 ? 4.043   1.984   19.879  1.00 49.44 ? 92  GLU A CB  1 
ATOM   524  C CG  . GLU A 1 104 ? 4.583   3.252   19.247  1.00 53.14 ? 92  GLU A CG  1 
ATOM   525  C CD  . GLU A 1 104 ? 3.523   4.312   19.007  1.00 56.82 ? 92  GLU A CD  1 
ATOM   526  O OE1 . GLU A 1 104 ? 2.458   4.234   19.650  1.00 53.48 ? 92  GLU A OE1 1 
ATOM   527  O OE2 . GLU A 1 104 ? 3.757   5.197   18.168  1.00 56.35 ? 92  GLU A OE2 1 
ATOM   528  N N   . ASN A 1 105 ? 3.970   -1.301  20.471  1.00 52.66 ? 93  ASN A N   1 
ATOM   529  C CA  . ASN A 1 105 ? 3.473   -2.388  21.361  1.00 60.01 ? 93  ASN A CA  1 
ATOM   530  C C   . ASN A 1 105 ? 4.324   -3.645  21.135  1.00 54.78 ? 93  ASN A C   1 
ATOM   531  O O   . ASN A 1 105 ? 3.791   -4.555  20.484  1.00 61.74 ? 93  ASN A O   1 
ATOM   532  C CB  . ASN A 1 105 ? 1.966   -2.569  21.151  1.00 51.75 ? 93  ASN A CB  1 
ATOM   533  C CG  . ASN A 1 105 ? 1.225   -1.280  21.450  1.00 56.39 ? 93  ASN A CG  1 
ATOM   534  O OD1 . ASN A 1 105 ? 1.363   -0.737  22.533  1.00 58.42 ? 93  ASN A OD1 1 
ATOM   535  N ND2 . ASN A 1 105 ? 0.494   -0.737  20.492  1.00 52.44 ? 93  ASN A ND2 1 
ATOM   536  N N   . ASP A 1 110 ? 6.635   -15.050 19.113  1.00 39.57 ? 98  ASP A N   1 
ATOM   537  C CA  . ASP A 1 110 ? 7.709   -15.678 18.305  1.00 36.51 ? 98  ASP A CA  1 
ATOM   538  C C   . ASP A 1 110 ? 7.965   -14.814 17.055  1.00 32.54 ? 98  ASP A C   1 
ATOM   539  O O   . ASP A 1 110 ? 7.095   -14.012 16.676  1.00 29.12 ? 98  ASP A O   1 
ATOM   540  C CB  . ASP A 1 110 ? 7.457   -17.177 18.062  1.00 41.78 ? 98  ASP A CB  1 
ATOM   541  C CG  . ASP A 1 110 ? 6.417   -17.619 17.041  1.00 43.75 ? 98  ASP A CG  1 
ATOM   542  O OD1 . ASP A 1 110 ? 6.189   -16.909 16.059  1.00 36.26 ? 98  ASP A OD1 1 
ATOM   543  O OD2 . ASP A 1 110 ? 5.883   -18.724 17.228  1.00 53.15 ? 98  ASP A OD2 1 
ATOM   544  N N   . ARG A 1 111 ? 9.140   -14.967 16.465  1.00 28.34 ? 99  ARG A N   1 
ATOM   545  C CA  . ARG A 1 111 ? 9.659   -14.102 15.383  1.00 30.53 ? 99  ARG A CA  1 
ATOM   546  C C   . ARG A 1 111 ? 8.782   -14.288 14.137  1.00 28.19 ? 99  ARG A C   1 
ATOM   547  O O   . ARG A 1 111 ? 8.536   -13.285 13.473  1.00 29.01 ? 99  ARG A O   1 
ATOM   548  C CB  . ARG A 1 111 ? 11.144  -14.395 15.153  1.00 33.44 ? 99  ARG A CB  1 
ATOM   549  C CG  . ARG A 1 111 ? 11.413  -15.759 14.544  1.00 36.29 ? 99  ARG A CG  1 
ATOM   550  C CD  . ARG A 1 111 ? 12.797  -16.344 14.789  1.00 38.80 ? 99  ARG A CD  1 
ATOM   551  N NE  . ARG A 1 111 ? 12.913  -17.518 13.938  1.00 40.37 ? 99  ARG A NE  1 
ATOM   552  C CZ  . ARG A 1 111 ? 14.046  -18.188 13.706  1.00 41.09 ? 99  ARG A CZ  1 
ATOM   553  N NH1 . ARG A 1 111 ? 15.173  -17.799 14.263  1.00 37.94 ? 99  ARG A NH1 1 
ATOM   554  N NH2 . ARG A 1 111 ? 14.044  -19.242 12.910  1.00 44.90 ? 99  ARG A NH2 1 
ATOM   555  N N   . GLU A 1 112 ? 8.278   -15.492 13.854  1.00 24.80 ? 100 GLU A N   1 
ATOM   556  C CA  . GLU A 1 112 ? 7.452   -15.697 12.645  1.00 26.71 ? 100 GLU A CA  1 
ATOM   557  C C   . GLU A 1 112 ? 6.156   -14.890 12.797  1.00 26.47 ? 100 GLU A C   1 
ATOM   558  O O   . GLU A 1 112 ? 5.724   -14.202 11.861  1.00 21.99 ? 100 GLU A O   1 
ATOM   559  C CB  . GLU A 1 112 ? 7.162   -17.168 12.396  1.00 29.15 ? 100 GLU A CB  1 
ATOM   560  C CG  . GLU A 1 112 ? 6.119   -17.319 11.318  1.00 34.25 ? 100 GLU A CG  1 
ATOM   561  C CD  . GLU A 1 112 ? 5.803   -18.719 10.866  1.00 41.94 ? 100 GLU A CD  1 
ATOM   562  O OE1 . GLU A 1 112 ? 6.615   -19.621 11.152  1.00 54.24 ? 100 GLU A OE1 1 
ATOM   563  O OE2 . GLU A 1 112 ? 4.750   -18.883 10.216  1.00 47.76 ? 100 GLU A OE2 1 
ATOM   564  N N   . ASN A 1 113 ? 5.532   -14.962 13.960  1.00 22.96 ? 101 ASN A N   1 
ATOM   565  C CA  . ASN A 1 113 ? 4.297   -14.182 14.249  1.00 24.04 ? 101 ASN A CA  1 
ATOM   566  C C   . ASN A 1 113 ? 4.530   -12.664 14.226  1.00 22.97 ? 101 ASN A C   1 
ATOM   567  O O   . ASN A 1 113 ? 3.607   -11.902 13.760  1.00 24.48 ? 101 ASN A O   1 
ATOM   568  C CB  . ASN A 1 113 ? 3.709   -14.618 15.602  1.00 28.01 ? 101 ASN A CB  1 
ATOM   569  C CG  . ASN A 1 113 ? 2.210   -14.452 15.596  1.00 33.53 ? 101 ASN A CG  1 
ATOM   570  O OD1 . ASN A 1 113 ? 1.528   -15.074 14.771  1.00 37.82 ? 101 ASN A OD1 1 
ATOM   571  N ND2 . ASN A 1 113 ? 1.721   -13.591 16.482  1.00 36.23 ? 101 ASN A ND2 1 
ATOM   572  N N   . MET A 1 114 ? 5.680   -12.206 14.699  1.00 20.53 ? 102 MET A N   1 
ATOM   573  C CA  . MET A 1 114 ? 6.066   -10.778 14.712  1.00 20.50 ? 102 MET A CA  1 
ATOM   574  C C   . MET A 1 114 ? 6.063   -10.278 13.241  1.00 20.26 ? 102 MET A C   1 
ATOM   575  O O   . MET A 1 114 ? 5.443   -9.222  12.922  1.00 18.04 ? 102 MET A O   1 
ATOM   576  C CB  . MET A 1 114 ? 7.462   -10.594 15.328  1.00 27.07 ? 102 MET A CB  1 
ATOM   577  C CG  . MET A 1 114 ? 8.010   -9.168  15.200  1.00 34.99 ? 102 MET A CG  1 
ATOM   578  S SD  . MET A 1 114 ? 9.712   -8.873  15.904  1.00 41.37 ? 102 MET A SD  1 
ATOM   579  C CE  . MET A 1 114 ? 10.788  -9.868  14.863  1.00 32.71 ? 102 MET A CE  1 
ATOM   580  N N   . TRP A 1 115 ? 6.658   -11.041 12.330  1.00 19.23 ? 103 TRP A N   1 
ATOM   581  C CA  . TRP A 1 115 ? 6.721   -10.602 10.907  1.00 15.38 ? 103 TRP A CA  1 
ATOM   582  C C   . TRP A 1 115 ? 5.318   -10.717 10.308  1.00 16.29 ? 103 TRP A C   1 
ATOM   583  O O   . TRP A 1 115 ? 4.920   -9.847  9.554   1.00 16.78 ? 103 TRP A O   1 
ATOM   584  C CB  . TRP A 1 115 ? 7.787   -11.368 10.113  1.00 17.10 ? 103 TRP A CB  1 
ATOM   585  C CG  . TRP A 1 115 ? 9.171   -10.972 10.527  1.00 16.31 ? 103 TRP A CG  1 
ATOM   586  C CD1 . TRP A 1 115 ? 10.033  -11.708 11.277  1.00 18.72 ? 103 TRP A CD1 1 
ATOM   587  C CD2 . TRP A 1 115 ? 9.842   -9.735  10.263  1.00 18.18 ? 103 TRP A CD2 1 
ATOM   588  N NE1 . TRP A 1 115 ? 11.203  -11.023 11.477  1.00 19.62 ? 103 TRP A NE1 1 
ATOM   589  C CE2 . TRP A 1 115 ? 11.109  -9.799  10.898  1.00 19.30 ? 103 TRP A CE2 1 
ATOM   590  C CE3 . TRP A 1 115 ? 9.499   -8.572  9.602   1.00 17.17 ? 103 TRP A CE3 1 
ATOM   591  C CZ2 . TRP A 1 115 ? 12.052  -8.780  10.817  1.00 18.92 ? 103 TRP A CZ2 1 
ATOM   592  C CZ3 . TRP A 1 115 ? 10.416  -7.539  9.574   1.00 19.62 ? 103 TRP A CZ3 1 
ATOM   593  C CH2 . TRP A 1 115 ? 11.676  -7.650  10.154  1.00 18.71 ? 103 TRP A CH2 1 
ATOM   594  N N   . ARG A 1 116 ? 4.588   -11.767 10.622  1.00 15.91 ? 104 ARG A N   1 
ATOM   595  C CA  . ARG A 1 116 ? 3.265   -11.990 10.028  1.00 15.73 ? 104 ARG A CA  1 
ATOM   596  C C   . ARG A 1 116 ? 2.343   -10.821 10.412  1.00 16.40 ? 104 ARG A C   1 
ATOM   597  O O   . ARG A 1 116 ? 1.576   -10.332 9.581   1.00 15.05 ? 104 ARG A O   1 
ATOM   598  C CB  . ARG A 1 116 ? 2.722   -13.344 10.473  1.00 17.36 ? 104 ARG A CB  1 
ATOM   599  C CG  . ARG A 1 116 ? 1.354   -13.674 9.916   1.00 18.66 ? 104 ARG A CG  1 
ATOM   600  C CD  . ARG A 1 116 ? 0.825   -14.987 10.451  1.00 21.18 ? 104 ARG A CD  1 
ATOM   601  N NE  . ARG A 1 116 ? 1.664   -16.098 10.021  1.00 25.98 ? 104 ARG A NE  1 
ATOM   602  C CZ  . ARG A 1 116 ? 1.569   -16.727 8.847   1.00 28.76 ? 104 ARG A CZ  1 
ATOM   603  N NH1 . ARG A 1 116 ? 0.641   -16.393 7.958   1.00 29.69 ? 104 ARG A NH1 1 
ATOM   604  N NH2 . ARG A 1 116 ? 2.400   -17.729 8.586   1.00 26.50 ? 104 ARG A NH2 1 
ATOM   605  N N   . THR A 1 117 ? 2.331   -10.401 11.696  1.00 16.69 ? 105 THR A N   1 
ATOM   606  C CA  . THR A 1 117 ? 1.449   -9.295  12.127  1.00 16.37 ? 105 THR A CA  1 
ATOM   607  C C   . THR A 1 117 ? 1.809   -8.043  11.357  1.00 16.38 ? 105 THR A C   1 
ATOM   608  O O   . THR A 1 117 ? 0.893   -7.295  10.955  1.00 17.43 ? 105 THR A O   1 
ATOM   609  C CB  . THR A 1 117 ? 1.536   -9.074  13.648  1.00 19.56 ? 105 THR A CB  1 
ATOM   610  O OG1 . THR A 1 117 ? 1.329   -10.352 14.234  1.00 19.62 ? 105 THR A OG1 1 
ATOM   611  C CG2 . THR A 1 117 ? 0.483   -8.099  14.129  1.00 22.66 ? 105 THR A CG2 1 
ATOM   612  N N   . GLY A 1 118 ? 3.098   -7.779  11.145  1.00 16.89 ? 106 GLY A N   1 
ATOM   613  C CA  . GLY A 1 118 ? 3.531   -6.618  10.341  1.00 17.45 ? 106 GLY A CA  1 
ATOM   614  C C   . GLY A 1 118 ? 3.132   -6.692  8.869   1.00 14.69 ? 106 GLY A C   1 
ATOM   615  O O   . GLY A 1 118 ? 2.536   -5.727  8.336   1.00 16.29 ? 106 GLY A O   1 
ATOM   616  N N   . ILE A 1 119 ? 3.400   -7.798  8.187   1.00 13.06 ? 107 ILE A N   1 
ATOM   617  C CA  . ILE A 1 119 ? 2.989   -7.932  6.756   1.00 13.11 ? 107 ILE A CA  1 
ATOM   618  C C   . ILE A 1 119 ? 1.463   -7.787  6.681   1.00 12.88 ? 107 ILE A C   1 
ATOM   619  O O   . ILE A 1 119 ? 0.938   -7.227  5.704   1.00 14.22 ? 107 ILE A O   1 
ATOM   620  C CB  . ILE A 1 119 ? 3.492   -9.266  6.158   1.00 13.81 ? 107 ILE A CB  1 
ATOM   621  C CG1 . ILE A 1 119 ? 5.029   -9.316  6.165   1.00 13.95 ? 107 ILE A CG1 1 
ATOM   622  C CG2 . ILE A 1 119 ? 2.880   -9.458  4.796   1.00 13.19 ? 107 ILE A CG2 1 
ATOM   623  C CD1 . ILE A 1 119 ? 5.593   -10.683 5.835   1.00 16.19 ? 107 ILE A CD1 1 
ATOM   624  N N   . ASN A 1 120 ? 0.743   -8.327  7.660   1.00 13.70 ? 108 ASN A N   1 
ATOM   625  C CA  . ASN A 1 120 ? -0.749  -8.322  7.704   1.00 14.30 ? 108 ASN A CA  1 
ATOM   626  C C   . ASN A 1 120 ? -1.276  -6.879  7.674   1.00 13.99 ? 108 ASN A C   1 
ATOM   627  O O   . ASN A 1 120 ? -2.384  -6.642  7.163   1.00 14.19 ? 108 ASN A O   1 
ATOM   628  C CB  . ASN A 1 120 ? -1.284  -9.112  8.908   1.00 15.78 ? 108 ASN A CB  1 
ATOM   629  C CG  . ASN A 1 120 ? -2.787  -9.302  8.837   1.00 16.95 ? 108 ASN A CG  1 
ATOM   630  O OD1 . ASN A 1 120 ? -3.293  -9.839  7.828   1.00 15.11 ? 108 ASN A OD1 1 
ATOM   631  N ND2 . ASN A 1 120 ? -3.509  -8.755  9.839   1.00 15.33 ? 108 ASN A ND2 1 
ATOM   632  N N   . VAL A 1 121 ? -0.530  -5.911  8.213   1.00 14.56 ? 109 VAL A N   1 
ATOM   633  C CA  . VAL A 1 121 ? -0.974  -4.496  8.127   1.00 15.78 ? 109 VAL A CA  1 
ATOM   634  C C   . VAL A 1 121 ? -1.245  -4.164  6.666   1.00 14.45 ? 109 VAL A C   1 
ATOM   635  O O   . VAL A 1 121 ? -2.263  -3.468  6.342   1.00 14.22 ? 109 VAL A O   1 
ATOM   636  C CB  . VAL A 1 121 ? 0.058   -3.538  8.759   1.00 17.06 ? 109 VAL A CB  1 
ATOM   637  C CG1 . VAL A 1 121 ? -0.172  -2.102  8.350   1.00 19.11 ? 109 VAL A CG1 1 
ATOM   638  C CG2 . VAL A 1 121 ? 0.045   -3.707  10.265  1.00 19.23 ? 109 VAL A CG2 1 
ATOM   639  N N   . PHE A 1 122 ? -0.316  -4.528  5.785   1.00 14.59 ? 110 PHE A N   1 
ATOM   640  C CA  . PHE A 1 122 ? -0.395  -4.143  4.362   1.00 13.23 ? 110 PHE A CA  1 
ATOM   641  C C   . PHE A 1 122 ? -1.462  -4.976  3.647   1.00 13.87 ? 110 PHE A C   1 
ATOM   642  O O   . PHE A 1 122 ? -2.236  -4.439  2.832   1.00 14.31 ? 110 PHE A O   1 
ATOM   643  C CB  . PHE A 1 122 ? 1.000   -4.256  3.742   1.00 14.54 ? 110 PHE A CB  1 
ATOM   644  C CG  . PHE A 1 122 ? 1.915   -3.232  4.349   1.00 14.20 ? 110 PHE A CG  1 
ATOM   645  C CD1 . PHE A 1 122 ? 1.892   -1.921  3.932   1.00 15.63 ? 110 PHE A CD1 1 
ATOM   646  C CD2 . PHE A 1 122 ? 2.741   -3.575  5.413   1.00 14.78 ? 110 PHE A CD2 1 
ATOM   647  C CE1 . PHE A 1 122 ? 2.713   -0.973  4.544   1.00 14.42 ? 110 PHE A CE1 1 
ATOM   648  C CE2 . PHE A 1 122 ? 3.539   -2.636  6.026   1.00 15.44 ? 110 PHE A CE2 1 
ATOM   649  C CZ  . PHE A 1 122 ? 3.492   -1.315  5.615   1.00 15.16 ? 110 PHE A CZ  1 
ATOM   650  N N   . PHE A 1 123 ? -1.492  -6.276  3.937   1.00 14.72 ? 111 PHE A N   1 
ATOM   651  C CA  . PHE A 1 123 ? -2.514  -7.201  3.381   1.00 15.02 ? 111 PHE A CA  1 
ATOM   652  C C   . PHE A 1 123 ? -3.929  -6.665  3.701   1.00 15.39 ? 111 PHE A C   1 
ATOM   653  O O   . PHE A 1 123 ? -4.759  -6.578  2.782   1.00 14.33 ? 111 PHE A O   1 
ATOM   654  C CB  . PHE A 1 123 ? -2.287  -8.598  3.956   1.00 16.05 ? 111 PHE A CB  1 
ATOM   655  C CG  . PHE A 1 123 ? -3.275  -9.640  3.517   1.00 15.06 ? 111 PHE A CG  1 
ATOM   656  C CD1 . PHE A 1 123 ? -3.294  -10.114 2.214   1.00 16.29 ? 111 PHE A CD1 1 
ATOM   657  C CD2 . PHE A 1 123 ? -4.181  -10.175 4.427   1.00 20.06 ? 111 PHE A CD2 1 
ATOM   658  C CE1 . PHE A 1 123 ? -4.200  -11.089 1.820   1.00 14.66 ? 111 PHE A CE1 1 
ATOM   659  C CE2 . PHE A 1 123 ? -5.108  -11.120 4.013   1.00 17.41 ? 111 PHE A CE2 1 
ATOM   660  C CZ  . PHE A 1 123 ? -5.103  -11.580 2.727   1.00 14.48 ? 111 PHE A CZ  1 
ATOM   661  N N   . GLU A 1 124 ? -4.201  -6.369  4.979   1.00 15.45 ? 112 GLU A N   1 
ATOM   662  C CA  . GLU A 1 124 ? -5.561  -5.915  5.397   1.00 17.00 ? 112 GLU A CA  1 
ATOM   663  C C   . GLU A 1 124 ? -5.810  -4.490  4.900   1.00 17.51 ? 112 GLU A C   1 
ATOM   664  O O   . GLU A 1 124 ? -6.949  -4.202  4.431   1.00 19.28 ? 112 GLU A O   1 
ATOM   665  C CB  . GLU A 1 124 ? -5.723  -5.968  6.914   1.00 19.64 ? 112 GLU A CB  1 
ATOM   666  C CG  . GLU A 1 124 ? -5.972  -7.372  7.383   1.00 21.25 ? 112 GLU A CG  1 
ATOM   667  C CD  . GLU A 1 124 ? -7.296  -7.958  6.922   1.00 26.76 ? 112 GLU A CD  1 
ATOM   668  O OE1 . GLU A 1 124 ? -8.220  -7.175  6.603   1.00 26.32 ? 112 GLU A OE1 1 
ATOM   669  O OE2 . GLU A 1 124 ? -7.353  -9.175  6.819   1.00 26.86 ? 112 GLU A OE2 1 
ATOM   670  N N   . THR A 1 125 ? -4.845  -3.584  5.029   1.00 15.93 ? 113 THR A N   1 
ATOM   671  C CA  . THR A 1 125 ? -5.120  -2.165  4.723   1.00 17.71 ? 113 THR A CA  1 
ATOM   672  C C   . THR A 1 125 ? -5.354  -2.035  3.221   1.00 18.62 ? 113 THR A C   1 
ATOM   673  O O   . THR A 1 125 ? -6.395  -1.441  2.821   1.00 18.09 ? 113 THR A O   1 
ATOM   674  C CB  . THR A 1 125 ? -4.046  -1.194  5.225   1.00 19.18 ? 113 THR A CB  1 
ATOM   675  O OG1 . THR A 1 125 ? -3.895  -1.374  6.636   1.00 17.92 ? 113 THR A OG1 1 
ATOM   676  C CG2 . THR A 1 125 ? -4.394  0.230   4.864   1.00 24.38 ? 113 THR A CG2 1 
ATOM   677  N N   . PHE A 1 126 ? -4.409  -2.469  2.397   1.00 16.64 ? 114 PHE A N   1 
ATOM   678  C CA  . PHE A 1 126 ? -4.545  -2.300  0.925   1.00 15.59 ? 114 PHE A CA  1 
ATOM   679  C C   . PHE A 1 126 ? -5.620  -3.265  0.451   1.00 16.29 ? 114 PHE A C   1 
ATOM   680  O O   . PHE A 1 126 ? -6.323  -2.955  -0.505  1.00 14.61 ? 114 PHE A O   1 
ATOM   681  C CB  . PHE A 1 126 ? -3.196  -2.443  0.210   1.00 16.28 ? 114 PHE A CB  1 
ATOM   682  C CG  . PHE A 1 126 ? -2.302  -1.249  0.444   1.00 16.75 ? 114 PHE A CG  1 
ATOM   683  C CD1 . PHE A 1 126 ? -2.439  -0.103  -0.337  1.00 20.32 ? 114 PHE A CD1 1 
ATOM   684  C CD2 . PHE A 1 126 ? -1.279  -1.306  1.353   1.00 18.49 ? 114 PHE A CD2 1 
ATOM   685  C CE1 . PHE A 1 126 ? -1.616  1.003   -0.136  1.00 20.76 ? 114 PHE A CE1 1 
ATOM   686  C CE2 . PHE A 1 126 ? -0.482  -0.178  1.597   1.00 20.47 ? 114 PHE A CE2 1 
ATOM   687  C CZ  . PHE A 1 126 ? -0.656  0.969   0.870   1.00 20.34 ? 114 PHE A CZ  1 
ATOM   688  N N   . GLY A 1 127 ? -5.752  -4.422  1.110   1.00 16.42 ? 115 GLY A N   1 
ATOM   689  C CA  . GLY A 1 127 ? -6.713  -5.436  0.627   1.00 19.16 ? 115 GLY A CA  1 
ATOM   690  C C   . GLY A 1 127 ? -8.155  -5.036  0.929   1.00 19.57 ? 115 GLY A C   1 
ATOM   691  O O   . GLY A 1 127 ? -9.050  -5.533  0.239   1.00 23.42 ? 115 GLY A O   1 
ATOM   692  N N   . SER A 1 128 ? -8.334  -4.097  1.835   1.00 20.20 ? 116 SER A N   1 
ATOM   693  C CA  . SER A 1 128 ? -9.643  -3.476  2.193   1.00 22.75 ? 116 SER A CA  1 
ATOM   694  C C   . SER A 1 128 ? -9.964  -2.297  1.267   1.00 23.89 ? 116 SER A C   1 
ATOM   695  O O   . SER A 1 128 ? -11.081 -1.723  1.357   1.00 22.50 ? 116 SER A O   1 
ATOM   696  C CB  . SER A 1 128 ? -9.633  -3.060  3.647   1.00 23.82 ? 116 SER A CB  1 
ATOM   697  O OG  . SER A 1 128 ? -9.674  -4.235  4.412   1.00 27.54 ? 116 SER A OG  1 
ATOM   698  N N   . HIS A 1 129 ? -8.992  -1.844  0.493   1.00 18.99 ? 117 HIS A N   1 
ATOM   699  C CA  . HIS A 1 129 ? -9.145  -0.719  -0.454  1.00 20.14 ? 117 HIS A CA  1 
ATOM   700  C C   . HIS A 1 129 ? -8.572  -1.120  -1.815  1.00 18.62 ? 117 HIS A C   1 
ATOM   701  O O   . HIS A 1 129 ? -7.646  -0.448  -2.326  1.00 18.38 ? 117 HIS A O   1 
ATOM   702  C CB  . HIS A 1 129 ? -8.505  0.551   0.117   1.00 20.48 ? 117 HIS A CB  1 
ATOM   703  C CG  . HIS A 1 129 ? -9.095  0.996   1.396   1.00 23.87 ? 117 HIS A CG  1 
ATOM   704  N ND1 . HIS A 1 129 ? -10.289 1.727   1.437   1.00 25.40 ? 117 HIS A ND1 1 
ATOM   705  C CD2 . HIS A 1 129 ? -8.744  0.760   2.682   1.00 27.61 ? 117 HIS A CD2 1 
ATOM   706  C CE1 . HIS A 1 129 ? -10.624 1.919   2.710   1.00 27.08 ? 117 HIS A CE1 1 
ATOM   707  N NE2 . HIS A 1 129 ? -9.701  1.343   3.492   1.00 28.97 ? 117 HIS A NE2 1 
ATOM   708  N N   . LYS A 1 130 ? -9.115  -2.185  -2.405  1.00 19.15 ? 118 LYS A N   1 
ATOM   709  C CA  . LYS A 1 130 ? -8.543  -2.742  -3.649  1.00 19.60 ? 118 LYS A CA  1 
ATOM   710  C C   . LYS A 1 130 ? -8.604  -1.749  -4.799  1.00 21.53 ? 118 LYS A C   1 
ATOM   711  O O   . LYS A 1 130 ? -7.667  -1.740  -5.591  1.00 17.77 ? 118 LYS A O   1 
ATOM   712  C CB  . LYS A 1 130 ? -9.223  -4.043  -4.042  1.00 20.47 ? 118 LYS A CB  1 
ATOM   713  C CG  . LYS A 1 130 ? -8.839  -5.192  -3.127  1.00 23.75 ? 118 LYS A CG  1 
ATOM   714  C CD  . LYS A 1 130 ? -9.428  -6.456  -3.659  1.00 25.74 ? 118 LYS A CD  1 
ATOM   715  C CE  . LYS A 1 130 ? -8.948  -7.707  -3.003  1.00 29.92 ? 118 LYS A CE  1 
ATOM   716  N NZ  . LYS A 1 130 ? -9.288  -7.738  -1.583  1.00 30.15 ? 118 LYS A NZ  1 
ATOM   717  N N   . ALA A 1 131 ? -9.727  -1.056  -4.966  1.00 20.14 ? 119 ALA A N   1 
ATOM   718  C CA  . ALA A 1 131 ? -9.923  -0.154  -6.119  1.00 19.82 ? 119 ALA A CA  1 
ATOM   719  C C   . ALA A 1 131 ? -8.947  1.023   -6.016  1.00 16.43 ? 119 ALA A C   1 
ATOM   720  O O   . ALA A 1 131 ? -8.321  1.392   -7.036  1.00 17.80 ? 119 ALA A O   1 
ATOM   721  C CB  . ALA A 1 131 ? -11.360 0.295   -6.154  1.00 23.07 ? 119 ALA A CB  1 
ATOM   722  N N   . VAL A 1 132 ? -8.743  1.568   -4.831  1.00 17.38 ? 120 VAL A N   1 
ATOM   723  C CA  . VAL A 1 132 ? -7.796  2.702   -4.637  1.00 17.81 ? 120 VAL A CA  1 
ATOM   724  C C   . VAL A 1 132 ? -6.360  2.181   -4.841  1.00 20.09 ? 120 VAL A C   1 
ATOM   725  O O   . VAL A 1 132 ? -5.544  2.865   -5.474  1.00 21.13 ? 120 VAL A O   1 
ATOM   726  C CB  . VAL A 1 132 ? -7.971  3.396   -3.280  1.00 18.81 ? 120 VAL A CB  1 
ATOM   727  C CG1 . VAL A 1 132 ? -6.809  4.331   -2.960  1.00 20.09 ? 120 VAL A CG1 1 
ATOM   728  C CG2 . VAL A 1 132 ? -9.306  4.146   -3.164  1.00 22.84 ? 120 VAL A CG2 1 
ATOM   729  N N   . THR A 1 133 ? -6.054  0.988   -4.342  1.00 19.58 ? 121 THR A N   1 
ATOM   730  C CA  . THR A 1 133 ? -4.718  0.342   -4.562  1.00 20.11 ? 121 THR A CA  1 
ATOM   731  C C   . THR A 1 133 ? -4.417  0.199   -6.064  1.00 19.57 ? 121 THR A C   1 
ATOM   732  O O   . THR A 1 133 ? -3.340  0.653   -6.539  1.00 20.60 ? 121 THR A O   1 
ATOM   733  C CB  . THR A 1 133 ? -4.680  -1.030  -3.890  1.00 18.77 ? 121 THR A CB  1 
ATOM   734  O OG1 . THR A 1 133 ? -4.877  -0.834  -2.498  1.00 17.09 ? 121 THR A OG1 1 
ATOM   735  C CG2 . THR A 1 133 ? -3.369  -1.744  -4.100  1.00 21.89 ? 121 THR A CG2 1 
ATOM   736  N N   . ARG A 1 134 ? -5.353  -0.349  -6.800  1.00 17.75 ? 122 ARG A N   1 
ATOM   737  C CA  . ARG A 1 134 ? -5.237  -0.613  -8.250  1.00 20.72 ? 122 ARG A CA  1 
ATOM   738  C C   . ARG A 1 134 ? -5.065  0.718   -8.977  1.00 20.79 ? 122 ARG A C   1 
ATOM   739  O O   . ARG A 1 134 ? -4.094  0.906   -9.691  1.00 20.05 ? 122 ARG A O   1 
ATOM   740  C CB  . ARG A 1 134 ? -6.495  -1.302  -8.773  1.00 25.84 ? 122 ARG A CB  1 
ATOM   741  C CG  . ARG A 1 134 ? -6.489  -1.595  -10.269 1.00 32.57 ? 122 ARG A CG  1 
ATOM   742  C CD  . ARG A 1 134 ? -7.917  -1.859  -10.744 1.00 40.53 ? 122 ARG A CD  1 
ATOM   743  N NE  . ARG A 1 134 ? -8.538  -0.554  -11.017 1.00 49.04 ? 122 ARG A NE  1 
ATOM   744  C CZ  . ARG A 1 134 ? -9.739  -0.123  -10.599 1.00 50.64 ? 122 ARG A CZ  1 
ATOM   745  N NH1 . ARG A 1 134 ? -10.140 1.092   -10.949 1.00 49.40 ? 122 ARG A NH1 1 
ATOM   746  N NH2 . ARG A 1 134 ? -10.540 -0.892  -9.875  1.00 46.39 ? 122 ARG A NH2 1 
ATOM   747  N N   . ALA A 1 135 ? -5.951  1.684   -8.731  1.00 22.80 ? 123 ALA A N   1 
ATOM   748  C CA  . ALA A 1 135 ? -5.881  2.969   -9.460  1.00 19.51 ? 123 ALA A CA  1 
ATOM   749  C C   . ALA A 1 135 ? -4.631  3.738   -9.058  1.00 18.20 ? 123 ALA A C   1 
ATOM   750  O O   . ALA A 1 135 ? -3.953  4.370   -9.943  1.00 21.37 ? 123 ALA A O   1 
ATOM   751  C CB  . ALA A 1 135 ? -7.160  3.729   -9.214  1.00 21.53 ? 123 ALA A CB  1 
ATOM   752  N N   . GLY A 1 136 ? -4.328  3.780   -7.779  1.00 17.19 ? 124 GLY A N   1 
ATOM   753  C CA  . GLY A 1 136 ? -3.135  4.473   -7.277  1.00 19.03 ? 124 GLY A CA  1 
ATOM   754  C C   . GLY A 1 136 ? -1.863  3.905   -7.867  1.00 19.56 ? 124 GLY A C   1 
ATOM   755  O O   . GLY A 1 136 ? -0.957  4.672   -8.199  1.00 21.73 ? 124 GLY A O   1 
ATOM   756  N N   . GLN A 1 137 ? -1.733  2.580   -7.967  1.00 20.91 ? 125 GLN A N   1 
ATOM   757  C CA  . GLN A 1 137 ? -0.542  1.984   -8.609  1.00 22.07 ? 125 GLN A CA  1 
ATOM   758  C C   . GLN A 1 137 ? -0.462  2.397   -10.083 1.00 23.70 ? 125 GLN A C   1 
ATOM   759  O O   . GLN A 1 137 ? 0.641   2.728   -10.525 1.00 22.17 ? 125 GLN A O   1 
ATOM   760  C CB  . GLN A 1 137 ? -0.524  0.457   -8.420  1.00 25.74 ? 125 GLN A CB  1 
ATOM   761  C CG  . GLN A 1 137 ? -0.279  0.080   -6.953  1.00 24.02 ? 125 GLN A CG  1 
ATOM   762  C CD  . GLN A 1 137 ? 0.990   0.652   -6.349  1.00 27.25 ? 125 GLN A CD  1 
ATOM   763  O OE1 . GLN A 1 137 ? 2.064   0.451   -6.884  1.00 24.41 ? 125 GLN A OE1 1 
ATOM   764  N NE2 . GLN A 1 137 ? 0.887   1.395   -5.245  1.00 24.55 ? 125 GLN A NE2 1 
ATOM   765  N N   . ALA A 1 138 ? -1.571  2.409   -10.809 1.00 22.33 ? 126 ALA A N   1 
ATOM   766  C CA  . ALA A 1 138 ? -1.558  2.725   -12.252 1.00 25.47 ? 126 ALA A CA  1 
ATOM   767  C C   . ALA A 1 138 ? -1.170  4.200   -12.401 1.00 25.40 ? 126 ALA A C   1 
ATOM   768  O O   . ALA A 1 138 ? -0.404  4.518   -13.329 1.00 27.12 ? 126 ALA A O   1 
ATOM   769  C CB  . ALA A 1 138 ? -2.897  2.417   -12.881 1.00 24.72 ? 126 ALA A CB  1 
ATOM   770  N N   . ALA A 1 139 ? -1.604  5.058   -11.476 1.00 24.84 ? 127 ALA A N   1 
ATOM   771  C CA  . ALA A 1 139 ? -1.313  6.513   -11.558 1.00 22.65 ? 127 ALA A CA  1 
ATOM   772  C C   . ALA A 1 139 ? 0.167   6.805   -11.306 1.00 23.67 ? 127 ALA A C   1 
ATOM   773  O O   . ALA A 1 139 ? 0.650   7.889   -11.743 1.00 23.52 ? 127 ALA A O   1 
ATOM   774  C CB  . ALA A 1 139 ? -2.212  7.272   -10.649 1.00 22.41 ? 127 ALA A CB  1 
ATOM   775  N N   . ARG A 1 140 ? 0.940   5.865   -10.740 1.00 21.82 ? 128 ARG A N   1 
ATOM   776  C CA  . ARG A 1 140 ? 2.406   6.081   -10.590 1.00 22.61 ? 128 ARG A CA  1 
ATOM   777  C C   . ARG A 1 140 ? 3.030   6.411   -11.953 1.00 24.18 ? 128 ARG A C   1 
ATOM   778  O O   . ARG A 1 140 ? 4.041   7.161   -11.968 1.00 26.22 ? 128 ARG A O   1 
ATOM   779  C CB  . ARG A 1 140 ? 3.128   4.872   -9.973  1.00 20.93 ? 128 ARG A CB  1 
ATOM   780  C CG  . ARG A 1 140 ? 2.746   4.667   -8.518  1.00 23.37 ? 128 ARG A CG  1 
ATOM   781  C CD  . ARG A 1 140 ? 3.229   3.336   -7.969  1.00 21.34 ? 128 ARG A CD  1 
ATOM   782  N NE  . ARG A 1 140 ? 4.666   3.279   -8.043  1.00 21.30 ? 128 ARG A NE  1 
ATOM   783  C CZ  . ARG A 1 140 ? 5.361   2.171   -7.814  1.00 26.78 ? 128 ARG A CZ  1 
ATOM   784  N NH1 . ARG A 1 140 ? 4.712   1.052   -7.506  1.00 23.54 ? 128 ARG A NH1 1 
ATOM   785  N NH2 . ARG A 1 140 ? 6.681   2.205   -7.893  1.00 25.45 ? 128 ARG A NH2 1 
ATOM   786  N N   . ALA A 1 141 ? 2.519   5.853   -13.035 1.00 25.76 ? 129 ALA A N   1 
ATOM   787  C CA  . ALA A 1 141 ? 3.110   6.034   -14.381 1.00 28.69 ? 129 ALA A CA  1 
ATOM   788  C C   . ALA A 1 141 ? 2.905   7.496   -14.854 1.00 31.98 ? 129 ALA A C   1 
ATOM   789  O O   . ALA A 1 141 ? 3.744   7.974   -15.641 1.00 30.65 ? 129 ALA A O   1 
ATOM   790  C CB  . ALA A 1 141 ? 2.557   5.014   -15.343 1.00 27.10 ? 129 ALA A CB  1 
ATOM   791  N N   . THR A 1 142 ? 1.829   8.184   -14.439 1.00 32.14 ? 130 THR A N   1 
ATOM   792  C CA  . THR A 1 142 ? 1.348   9.429   -15.111 1.00 33.01 ? 130 THR A CA  1 
ATOM   793  C C   . THR A 1 142 ? 1.322   10.602  -14.131 1.00 37.17 ? 130 THR A C   1 
ATOM   794  O O   . THR A 1 142 ? 1.168   11.730  -14.600 1.00 33.53 ? 130 THR A O   1 
ATOM   795  C CB  . THR A 1 142 ? -0.040  9.231   -15.737 1.00 34.89 ? 130 THR A CB  1 
ATOM   796  O OG1 . THR A 1 142 ? -0.918  8.802   -14.701 1.00 31.79 ? 130 THR A OG1 1 
ATOM   797  C CG2 . THR A 1 142 ? -0.059  8.208   -16.851 1.00 37.14 ? 130 THR A CG2 1 
ATOM   798  N N   . SER A 1 143 ? 1.464   10.366  -12.828 1.00 28.63 ? 131 SER A N   1 
ATOM   799  C CA  . SER A 1 143 ? 1.445   11.445  -11.816 1.00 28.39 ? 131 SER A CA  1 
ATOM   800  C C   . SER A 1 143 ? 2.749   11.445  -11.027 1.00 32.69 ? 131 SER A C   1 
ATOM   801  O O   . SER A 1 143 ? 3.056   10.424  -10.350 1.00 27.57 ? 131 SER A O   1 
ATOM   802  C CB  . SER A 1 143 ? 0.259   11.313  -10.931 1.00 26.73 ? 131 SER A CB  1 
ATOM   803  O OG  . SER A 1 143 ? 0.467   12.071  -9.753  1.00 25.70 ? 131 SER A OG  1 
ATOM   804  N N   . VAL A 1 144 ? 3.514   12.544  -11.073 1.00 27.68 ? 132 VAL A N   1 
ATOM   805  C CA  . VAL A 1 144 ? 4.774   12.627  -10.297 1.00 28.24 ? 132 VAL A CA  1 
ATOM   806  C C   . VAL A 1 144 ? 4.381   12.684  -8.813  1.00 26.25 ? 132 VAL A C   1 
ATOM   807  O O   . VAL A 1 144 ? 5.137   12.226  -7.940  1.00 23.91 ? 132 VAL A O   1 
ATOM   808  C CB  . VAL A 1 144 ? 5.617   13.834  -10.760 1.00 35.91 ? 132 VAL A CB  1 
ATOM   809  C CG1 . VAL A 1 144 ? 6.864   14.049  -9.916  1.00 38.81 ? 132 VAL A CG1 1 
ATOM   810  C CG2 . VAL A 1 144 ? 5.983   13.692  -12.225 1.00 36.34 ? 132 VAL A CG2 1 
ATOM   811  N N   . GLU A 1 145 ? 3.237   13.258  -8.486  1.00 23.93 ? 133 GLU A N   1 
ATOM   812  C CA  . GLU A 1 145 ? 2.838   13.359  -7.064  1.00 26.07 ? 133 GLU A CA  1 
ATOM   813  C C   . GLU A 1 145 ? 2.565   11.938  -6.519  1.00 21.19 ? 133 GLU A C   1 
ATOM   814  O O   . GLU A 1 145 ? 2.914   11.674  -5.361  1.00 21.60 ? 133 GLU A O   1 
ATOM   815  C CB  . GLU A 1 145 ? 1.592   14.222  -6.932  1.00 30.05 ? 133 GLU A CB  1 
ATOM   816  C CG  . GLU A 1 145 ? 1.879   15.692  -7.159  1.00 36.49 ? 133 GLU A CG  1 
ATOM   817  C CD  . GLU A 1 145 ? 0.686   16.565  -6.825  1.00 46.03 ? 133 GLU A CD  1 
ATOM   818  O OE1 . GLU A 1 145 ? -0.075  16.868  -7.756  1.00 56.45 ? 133 GLU A OE1 1 
ATOM   819  O OE2 . GLU A 1 145 ? 0.510   16.910  -5.622  1.00 57.19 ? 133 GLU A OE2 1 
ATOM   820  N N   . VAL A 1 146 ? 1.877   11.126  -7.303  1.00 21.74 ? 134 VAL A N   1 
ATOM   821  C CA  . VAL A 1 146 ? 1.572   9.725   -6.865  1.00 21.34 ? 134 VAL A CA  1 
ATOM   822  C C   . VAL A 1 146 ? 2.890   8.946   -6.773  1.00 21.66 ? 134 VAL A C   1 
ATOM   823  O O   . VAL A 1 146 ? 3.077   8.309   -5.750  1.00 18.01 ? 134 VAL A O   1 
ATOM   824  C CB  . VAL A 1 146 ? 0.528   9.037   -7.744  1.00 23.04 ? 134 VAL A CB  1 
ATOM   825  C CG1 . VAL A 1 146 ? 0.479   7.532   -7.475  1.00 22.69 ? 134 VAL A CG1 1 
ATOM   826  C CG2 . VAL A 1 146 ? -0.851  9.680   -7.552  1.00 22.31 ? 134 VAL A CG2 1 
ATOM   827  N N   . ALA A 1 147 ? 3.763   9.004   -7.780  1.00 21.71 ? 135 ALA A N   1 
ATOM   828  C CA  . ALA A 1 147 ? 5.078   8.309   -7.756  1.00 22.38 ? 135 ALA A CA  1 
ATOM   829  C C   . ALA A 1 147 ? 5.853   8.777   -6.536  1.00 22.04 ? 135 ALA A C   1 
ATOM   830  O O   . ALA A 1 147 ? 6.447   7.956   -5.870  1.00 21.18 ? 135 ALA A O   1 
ATOM   831  C CB  . ALA A 1 147 ? 5.871   8.536   -9.031  1.00 22.63 ? 135 ALA A CB  1 
ATOM   832  N N   . GLU A 1 148 ? 5.869   10.072  -6.216  1.00 20.63 ? 136 GLU A N   1 
ATOM   833  C CA  . GLU A 1 148 ? 6.647   10.584  -5.074  1.00 22.22 ? 136 GLU A CA  1 
ATOM   834  C C   . GLU A 1 148 ? 6.059   10.120  -3.730  1.00 19.59 ? 136 GLU A C   1 
ATOM   835  O O   . GLU A 1 148 ? 6.854   9.782   -2.839  1.00 19.80 ? 136 GLU A O   1 
ATOM   836  C CB  . GLU A 1 148 ? 6.851   12.106  -5.162  1.00 26.08 ? 136 GLU A CB  1 
ATOM   837  C CG  . GLU A 1 148 ? 7.873   12.437  -6.238  1.00 32.01 ? 136 GLU A CG  1 
ATOM   838  C CD  . GLU A 1 148 ? 8.156   13.925  -6.364  1.00 44.84 ? 136 GLU A CD  1 
ATOM   839  O OE1 . GLU A 1 148 ? 7.343   14.723  -5.819  1.00 38.85 ? 136 GLU A OE1 1 
ATOM   840  O OE2 . GLU A 1 148 ? 9.178   14.276  -7.004  1.00 50.11 ? 136 GLU A OE2 1 
ATOM   841  N N   . LEU A 1 149 ? 4.738   10.041  -3.608  1.00 18.65 ? 137 LEU A N   1 
ATOM   842  C CA  . LEU A 1 149 ? 4.046   9.562   -2.387  1.00 19.08 ? 137 LEU A CA  1 
ATOM   843  C C   . LEU A 1 149 ? 4.474   8.100   -2.175  1.00 16.22 ? 137 LEU A C   1 
ATOM   844  O O   . LEU A 1 149 ? 4.854   7.739   -1.077  1.00 15.53 ? 137 LEU A O   1 
ATOM   845  C CB  . LEU A 1 149 ? 2.531   9.678   -2.600  1.00 20.04 ? 137 LEU A CB  1 
ATOM   846  C CG  . LEU A 1 149 ? 1.676   9.143   -1.464  1.00 23.42 ? 137 LEU A CG  1 
ATOM   847  C CD1 . LEU A 1 149 ? 1.918   9.912   -0.181  1.00 25.59 ? 137 LEU A CD1 1 
ATOM   848  C CD2 . LEU A 1 149 ? 0.206   9.176   -1.839  1.00 26.63 ? 137 LEU A CD2 1 
ATOM   849  N N   . TRP A 1 150 ? 4.328   7.312   -3.210  1.00 16.92 ? 138 TRP A N   1 
ATOM   850  C CA  . TRP A 1 150 ? 4.621   5.862   -3.139  1.00 17.75 ? 138 TRP A CA  1 
ATOM   851  C C   . TRP A 1 150 ? 6.096   5.675   -2.762  1.00 17.53 ? 138 TRP A C   1 
ATOM   852  O O   . TRP A 1 150 ? 6.434   4.960   -1.786  1.00 14.59 ? 138 TRP A O   1 
ATOM   853  C CB  . TRP A 1 150 ? 4.253   5.135   -4.443  1.00 18.02 ? 138 TRP A CB  1 
ATOM   854  C CG  . TRP A 1 150 ? 4.296   3.667   -4.168  1.00 18.89 ? 138 TRP A CG  1 
ATOM   855  C CD1 . TRP A 1 150 ? 5.283   2.785   -4.506  1.00 18.03 ? 138 TRP A CD1 1 
ATOM   856  C CD2 . TRP A 1 150 ? 3.393   2.956   -3.297  1.00 18.63 ? 138 TRP A CD2 1 
ATOM   857  N NE1 . TRP A 1 150 ? 4.978   1.542   -4.007  1.00 17.17 ? 138 TRP A NE1 1 
ATOM   858  C CE2 . TRP A 1 150 ? 3.845   1.623   -3.248  1.00 19.09 ? 138 TRP A CE2 1 
ATOM   859  C CE3 . TRP A 1 150 ? 2.216   3.299   -2.634  1.00 19.35 ? 138 TRP A CE3 1 
ATOM   860  C CZ2 . TRP A 1 150 ? 3.174   0.650   -2.497  1.00 19.80 ? 138 TRP A CZ2 1 
ATOM   861  C CZ3 . TRP A 1 150 ? 1.526   2.343   -1.918  1.00 19.89 ? 138 TRP A CZ3 1 
ATOM   862  C CH2 . TRP A 1 150 ? 2.021   1.042   -1.838  1.00 20.06 ? 138 TRP A CH2 1 
ATOM   863  N N   . SER A 1 151 ? 6.992   6.384   -3.451  1.00 17.60 ? 139 SER A N   1 
ATOM   864  C CA  . SER A 1 151 ? 8.441   6.299   -3.187  1.00 18.90 ? 139 SER A CA  1 
ATOM   865  C C   . SER A 1 151 ? 8.730   6.654   -1.718  1.00 16.69 ? 139 SER A C   1 
ATOM   866  O O   . SER A 1 151 ? 9.576   6.016   -1.038  1.00 16.58 ? 139 SER A O   1 
ATOM   867  C CB  . SER A 1 151 ? 9.186   7.167   -4.199  1.00 20.89 ? 139 SER A CB  1 
ATOM   868  O OG  . SER A 1 151 ? 10.521  7.304   -3.803  1.00 25.29 ? 139 SER A OG  1 
ATOM   869  N N   . THR A 1 152 ? 8.160   7.748   -1.217  1.00 16.53 ? 140 THR A N   1 
ATOM   870  C CA  . THR A 1 152 ? 8.438   8.255   0.135   1.00 16.94 ? 140 THR A CA  1 
ATOM   871  C C   . THR A 1 152 ? 8.049   7.215   1.183   1.00 15.84 ? 140 THR A C   1 
ATOM   872  O O   . THR A 1 152 ? 8.849   6.938   2.088   1.00 15.65 ? 140 THR A O   1 
ATOM   873  C CB  . THR A 1 152 ? 7.640   9.554   0.405   1.00 20.48 ? 140 THR A CB  1 
ATOM   874  O OG1 . THR A 1 152 ? 8.245   10.498  -0.472  1.00 24.99 ? 140 THR A OG1 1 
ATOM   875  C CG2 . THR A 1 152 ? 7.686   10.002  1.840   1.00 23.37 ? 140 THR A CG2 1 
ATOM   876  N N   . PHE A 1 153 ? 6.868   6.627   1.049   1.00 14.77 ? 141 PHE A N   1 
ATOM   877  C CA  . PHE A 1 153 ? 6.415   5.640   2.062   1.00 14.88 ? 141 PHE A CA  1 
ATOM   878  C C   . PHE A 1 153 ? 7.216   4.343   1.898   1.00 14.58 ? 141 PHE A C   1 
ATOM   879  O O   . PHE A 1 153 ? 7.484   3.749   2.920   1.00 13.10 ? 141 PHE A O   1 
ATOM   880  C CB  . PHE A 1 153 ? 4.921   5.444   2.046   1.00 16.32 ? 141 PHE A CB  1 
ATOM   881  C CG  . PHE A 1 153 ? 4.248   6.532   2.827   1.00 17.11 ? 141 PHE A CG  1 
ATOM   882  C CD1 . PHE A 1 153 ? 4.112   6.405   4.200   1.00 17.93 ? 141 PHE A CD1 1 
ATOM   883  C CD2 . PHE A 1 153 ? 3.976   7.745   2.200   1.00 19.69 ? 141 PHE A CD2 1 
ATOM   884  C CE1 . PHE A 1 153 ? 3.518   7.434   4.925   1.00 20.49 ? 141 PHE A CE1 1 
ATOM   885  C CE2 . PHE A 1 153 ? 3.443   8.789   2.946   1.00 22.28 ? 141 PHE A CE2 1 
ATOM   886  C CZ  . PHE A 1 153 ? 3.211   8.620   4.292   1.00 19.85 ? 141 PHE A CZ  1 
ATOM   887  N N   . MET A 1 154 ? 7.493   3.904   0.678   1.00 14.63 ? 142 MET A N   1 
ATOM   888  C CA  . MET A 1 154 ? 8.291   2.646   0.483   1.00 14.09 ? 142 MET A CA  1 
ATOM   889  C C   . MET A 1 154 ? 9.657   2.835   1.165   1.00 14.02 ? 142 MET A C   1 
ATOM   890  O O   . MET A 1 154 ? 10.163  1.919   1.845   1.00 13.00 ? 142 MET A O   1 
ATOM   891  C CB  . MET A 1 154 ? 8.449   2.264   -0.988  1.00 13.70 ? 142 MET A CB  1 
ATOM   892  C CG  . MET A 1 154 ? 7.212   1.709   -1.632  1.00 14.25 ? 142 MET A CG  1 
ATOM   893  S SD  . MET A 1 154 ? 6.662   0.113   -0.917  1.00 16.92 ? 142 MET A SD  1 
ATOM   894  C CE  . MET A 1 154 ? 7.874   -0.952  -1.736  1.00 15.85 ? 142 MET A CE  1 
ATOM   895  N N   . GLN A 1 155 ? 10.270  4.007   1.031   1.00 14.90 ? 143 GLN A N   1 
ATOM   896  C CA  . GLN A 1 155 ? 11.556  4.258   1.708   1.00 15.60 ? 143 GLN A CA  1 
ATOM   897  C C   . GLN A 1 155 ? 11.403  4.145   3.224   1.00 14.95 ? 143 GLN A C   1 
ATOM   898  O O   . GLN A 1 155 ? 12.250  3.575   3.859   1.00 14.48 ? 143 GLN A O   1 
ATOM   899  C CB  . GLN A 1 155 ? 12.097  5.637   1.370   1.00 16.06 ? 143 GLN A CB  1 
ATOM   900  C CG  . GLN A 1 155 ? 12.536  5.741   -0.067  1.00 22.88 ? 143 GLN A CG  1 
ATOM   901  C CD  . GLN A 1 155 ? 13.002  7.161   -0.360  1.00 32.93 ? 143 GLN A CD  1 
ATOM   902  O OE1 . GLN A 1 155 ? 13.921  7.653   0.278   1.00 35.41 ? 143 GLN A OE1 1 
ATOM   903  N NE2 . GLN A 1 155 ? 12.315  7.858   -1.255  1.00 33.41 ? 143 GLN A NE2 1 
ATOM   904  N N   . LYS A 1 156 ? 10.333  4.687   3.790   1.00 15.47 ? 144 LYS A N   1 
ATOM   905  C CA  . LYS A 1 156 ? 10.083  4.619   5.228   1.00 17.07 ? 144 LYS A CA  1 
ATOM   906  C C   . LYS A 1 156 ? 9.920   3.155   5.668   1.00 13.94 ? 144 LYS A C   1 
ATOM   907  O O   . LYS A 1 156 ? 10.433  2.761   6.707   1.00 13.64 ? 144 LYS A O   1 
ATOM   908  C CB  . LYS A 1 156 ? 8.858   5.484   5.523   1.00 20.63 ? 144 LYS A CB  1 
ATOM   909  C CG  . LYS A 1 156 ? 8.534   5.595   6.990   1.00 26.64 ? 144 LYS A CG  1 
ATOM   910  C CD  . LYS A 1 156 ? 7.411   6.624   7.228   1.00 30.15 ? 144 LYS A CD  1 
ATOM   911  C CE  . LYS A 1 156 ? 7.218   6.884   8.707   1.00 33.16 ? 144 LYS A CE  1 
ATOM   912  N NZ  . LYS A 1 156 ? 6.013   7.730   8.894   1.00 34.28 ? 144 LYS A NZ  1 
ATOM   913  N N   . TRP A 1 157 ? 9.098   2.389   4.947   1.00 12.76 ? 145 TRP A N   1 
ATOM   914  C CA  . TRP A 1 157 ? 8.796   0.985   5.327   1.00 12.61 ? 145 TRP A CA  1 
ATOM   915  C C   . TRP A 1 157 ? 10.034  0.084   5.193   1.00 12.68 ? 145 TRP A C   1 
ATOM   916  O O   . TRP A 1 157 ? 10.257  -0.785  6.056   1.00 13.57 ? 145 TRP A O   1 
ATOM   917  C CB  . TRP A 1 157 ? 7.626   0.468   4.517   1.00 13.56 ? 145 TRP A CB  1 
ATOM   918  C CG  . TRP A 1 157 ? 6.408   1.299   4.741   1.00 13.22 ? 145 TRP A CG  1 
ATOM   919  C CD1 . TRP A 1 157 ? 6.067   1.953   5.901   1.00 13.78 ? 145 TRP A CD1 1 
ATOM   920  C CD2 . TRP A 1 157 ? 5.296   1.462   3.841   1.00 12.49 ? 145 TRP A CD2 1 
ATOM   921  N NE1 . TRP A 1 157 ? 4.840   2.557   5.737   1.00 14.87 ? 145 TRP A NE1 1 
ATOM   922  C CE2 . TRP A 1 157 ? 4.364   2.308   4.493   1.00 13.78 ? 145 TRP A CE2 1 
ATOM   923  C CE3 . TRP A 1 157 ? 5.029   1.098   2.525   1.00 13.90 ? 145 TRP A CE3 1 
ATOM   924  C CZ2 . TRP A 1 157 ? 3.139   2.661   3.918   1.00 13.55 ? 145 TRP A CZ2 1 
ATOM   925  C CZ3 . TRP A 1 157 ? 3.864   1.519   1.931   1.00 14.47 ? 145 TRP A CZ3 1 
ATOM   926  C CH2 . TRP A 1 157 ? 2.943   2.299   2.618   1.00 13.50 ? 145 TRP A CH2 1 
ATOM   927  N N   . ILE A 1 158 ? 10.850  0.341   4.173   1.00 13.54 ? 146 ILE A N   1 
ATOM   928  C CA  . ILE A 1 158 ? 12.155  -0.368  3.993   1.00 12.57 ? 146 ILE A CA  1 
ATOM   929  C C   . ILE A 1 158 ? 13.087  -0.004  5.167   1.00 12.47 ? 146 ILE A C   1 
ATOM   930  O O   . ILE A 1 158 ? 13.684  -0.882  5.751   1.00 12.11 ? 146 ILE A O   1 
ATOM   931  C CB  . ILE A 1 158 ? 12.769  -0.023  2.631   1.00 11.70 ? 146 ILE A CB  1 
ATOM   932  C CG1 . ILE A 1 158 ? 11.950  -0.681  1.521   1.00 12.25 ? 146 ILE A CG1 1 
ATOM   933  C CG2 . ILE A 1 158 ? 14.258  -0.424  2.584   1.00 12.13 ? 146 ILE A CG2 1 
ATOM   934  C CD1 . ILE A 1 158 ? 12.273  -0.162  0.149   1.00 13.10 ? 146 ILE A CD1 1 
ATOM   935  N N   . ALA A 1 159 ? 13.134  1.255   5.561   1.00 14.30 ? 147 ALA A N   1 
ATOM   936  C CA  . ALA A 1 159 ? 14.033  1.690   6.662   1.00 15.29 ? 147 ALA A CA  1 
ATOM   937  C C   . ALA A 1 159 ? 13.586  0.996   7.947   1.00 16.35 ? 147 ALA A C   1 
ATOM   938  O O   . ALA A 1 159 ? 14.430  0.518   8.738   1.00 15.10 ? 147 ALA A O   1 
ATOM   939  C CB  . ALA A 1 159 ? 14.065  3.188   6.787   1.00 15.63 ? 147 ALA A CB  1 
ATOM   940  N N   . TYR A 1 160 ? 12.276  0.954   8.179   1.00 15.68 ? 148 TYR A N   1 
ATOM   941  C CA  . TYR A 1 160 ? 11.727  0.286   9.378   1.00 18.20 ? 148 TYR A CA  1 
ATOM   942  C C   . TYR A 1 160 ? 12.105  -1.206  9.357   1.00 16.00 ? 148 TYR A C   1 
ATOM   943  O O   . TYR A 1 160 ? 12.532  -1.800  10.358  1.00 14.41 ? 148 TYR A O   1 
ATOM   944  C CB  . TYR A 1 160 ? 10.228  0.548   9.508   1.00 22.01 ? 148 TYR A CB  1 
ATOM   945  C CG  . TYR A 1 160 ? 9.730   -0.071  10.768  1.00 30.02 ? 148 TYR A CG  1 
ATOM   946  C CD1 . TYR A 1 160 ? 10.243  0.317   12.002  1.00 32.76 ? 148 TYR A CD1 1 
ATOM   947  C CD2 . TYR A 1 160 ? 8.839   -1.125  10.723  1.00 35.59 ? 148 TYR A CD2 1 
ATOM   948  C CE1 . TYR A 1 160 ? 9.847   -0.309  13.168  1.00 36.11 ? 148 TYR A CE1 1 
ATOM   949  C CE2 . TYR A 1 160 ? 8.435   -1.756  11.887  1.00 39.18 ? 148 TYR A CE2 1 
ATOM   950  C CZ  . TYR A 1 160 ? 8.953   -1.362  13.103  1.00 35.92 ? 148 TYR A CZ  1 
ATOM   951  O OH  . TYR A 1 160 ? 8.527   -2.008  14.232  1.00 52.33 ? 148 TYR A OH  1 
ATOM   952  N N   . THR A 1 161 ? 11.931  -1.865  8.224   1.00 13.99 ? 149 THR A N   1 
ATOM   953  C CA  . THR A 1 161 ? 12.253  -3.300  8.079   1.00 13.66 ? 149 THR A CA  1 
ATOM   954  C C   . THR A 1 161 ? 13.742  -3.521  8.386   1.00 13.78 ? 149 THR A C   1 
ATOM   955  O O   . THR A 1 161 ? 14.108  -4.448  9.126   1.00 15.89 ? 149 THR A O   1 
ATOM   956  C CB  . THR A 1 161 ? 11.928  -3.799  6.647   1.00 13.45 ? 149 THR A CB  1 
ATOM   957  O OG1 . THR A 1 161 ? 10.535  -3.610  6.337   1.00 13.94 ? 149 THR A OG1 1 
ATOM   958  C CG2 . THR A 1 161 ? 12.253  -5.256  6.476   1.00 13.67 ? 149 THR A CG2 1 
ATOM   959  N N   . ALA A 1 162 ? 14.600  -2.682  7.822   1.00 14.49 ? 150 ALA A N   1 
ATOM   960  C CA  . ALA A 1 162 ? 16.061  -2.841  7.988   1.00 15.23 ? 150 ALA A CA  1 
ATOM   961  C C   . ALA A 1 162 ? 16.423  -2.673  9.475   1.00 15.43 ? 150 ALA A C   1 
ATOM   962  O O   . ALA A 1 162 ? 17.275  -3.422  9.962   1.00 15.97 ? 150 ALA A O   1 
ATOM   963  C CB  . ALA A 1 162 ? 16.794  -1.872  7.105   1.00 14.03 ? 150 ALA A CB  1 
ATOM   964  N N   . ALA A 1 163 ? 15.825  -1.691  10.143  1.00 16.82 ? 151 ALA A N   1 
ATOM   965  C CA  . ALA A 1 163 ? 16.081  -1.411  11.580  1.00 17.87 ? 151 ALA A CA  1 
ATOM   966  C C   . ALA A 1 163 ? 15.705  -2.639  12.408  1.00 20.02 ? 151 ALA A C   1 
ATOM   967  O O   . ALA A 1 163 ? 16.456  -3.028  13.342  1.00 19.92 ? 151 ALA A O   1 
ATOM   968  C CB  . ALA A 1 163 ? 15.322  -0.161  12.039  1.00 18.63 ? 151 ALA A CB  1 
ATOM   969  N N   . VAL A 1 164 ? 14.597  -3.308  12.079  1.00 18.34 ? 152 VAL A N   1 
ATOM   970  C CA  . VAL A 1 164 ? 14.195  -4.517  12.845  1.00 19.03 ? 152 VAL A CA  1 
ATOM   971  C C   . VAL A 1 164 ? 15.179  -5.647  12.553  1.00 19.43 ? 152 VAL A C   1 
ATOM   972  O O   . VAL A 1 164 ? 15.606  -6.346  13.481  1.00 17.72 ? 152 VAL A O   1 
ATOM   973  C CB  . VAL A 1 164 ? 12.734  -4.896  12.540  1.00 21.48 ? 152 VAL A CB  1 
ATOM   974  C CG1 . VAL A 1 164 ? 12.355  -6.186  13.261  1.00 21.54 ? 152 VAL A CG1 1 
ATOM   975  C CG2 . VAL A 1 164 ? 11.827  -3.756  12.959  1.00 22.51 ? 152 VAL A CG2 1 
ATOM   976  N N   . ILE A 1 165 ? 15.543  -5.843  11.287  1.00 16.33 ? 153 ILE A N   1 
ATOM   977  C CA  . ILE A 1 165 ? 16.546  -6.875  10.927  1.00 17.40 ? 153 ILE A CA  1 
ATOM   978  C C   . ILE A 1 165 ? 17.846  -6.597  11.714  1.00 17.87 ? 153 ILE A C   1 
ATOM   979  O O   . ILE A 1 165 ? 18.401  -7.525  12.233  1.00 17.44 ? 153 ILE A O   1 
ATOM   980  C CB  . ILE A 1 165 ? 16.782  -6.928  9.403   1.00 16.12 ? 153 ILE A CB  1 
ATOM   981  C CG1 . ILE A 1 165 ? 15.505  -7.413  8.681   1.00 14.60 ? 153 ILE A CG1 1 
ATOM   982  C CG2 . ILE A 1 165 ? 17.985  -7.806  9.069   1.00 17.01 ? 153 ILE A CG2 1 
ATOM   983  C CD1 . ILE A 1 165 ? 15.602  -7.270  7.182   1.00 13.84 ? 153 ILE A CD1 1 
ATOM   984  N N   . ASP A 1 166 ? 18.311  -5.364  11.725  1.00 18.26 ? 154 ASP A N   1 
ATOM   985  C CA  . ASP A 1 166 ? 19.535  -4.961  12.473  1.00 21.79 ? 154 ASP A CA  1 
ATOM   986  C C   . ASP A 1 166 ? 19.437  -5.302  13.968  1.00 23.36 ? 154 ASP A C   1 
ATOM   987  O O   . ASP A 1 166 ? 20.423  -5.834  14.515  1.00 23.87 ? 154 ASP A O   1 
ATOM   988  C CB  . ASP A 1 166 ? 19.762  -3.473  12.333  1.00 23.54 ? 154 ASP A CB  1 
ATOM   989  C CG  . ASP A 1 166 ? 20.469  -3.139  11.051  1.00 27.20 ? 154 ASP A CG  1 
ATOM   990  O OD1 . ASP A 1 166 ? 21.117  -4.059  10.489  1.00 30.79 ? 154 ASP A OD1 1 
ATOM   991  O OD2 . ASP A 1 166 ? 20.340  -1.979  10.638  1.00 32.29 ? 154 ASP A OD2 1 
ATOM   992  N N   . ALA A 1 167 ? 18.307  -5.006  14.587  1.00 23.78 ? 155 ALA A N   1 
ATOM   993  C CA  . ALA A 1 167 ? 18.019  -5.309  16.010  1.00 25.83 ? 155 ALA A CA  1 
ATOM   994  C C   . ALA A 1 167 ? 18.064  -6.826  16.211  1.00 25.12 ? 155 ALA A C   1 
ATOM   995  O O   . ALA A 1 167 ? 18.644  -7.280  17.189  1.00 27.97 ? 155 ALA A O   1 
ATOM   996  C CB  . ALA A 1 167 ? 16.696  -4.715  16.399  1.00 26.95 ? 155 ALA A CB  1 
ATOM   997  N N   . GLU A 1 168 ? 17.508  -7.624  15.303  1.00 21.09 ? 156 GLU A N   1 
ATOM   998  C CA  . GLU A 1 168 ? 17.506  -9.086  15.411  1.00 20.17 ? 156 GLU A CA  1 
ATOM   999  C C   . GLU A 1 168 ? 18.939  -9.626  15.324  1.00 24.07 ? 156 GLU A C   1 
ATOM   1000 O O   . GLU A 1 168 ? 19.250  -10.690 15.987  1.00 24.88 ? 156 GLU A O   1 
ATOM   1001 C CB  . GLU A 1 168 ? 16.619  -9.712  14.339  1.00 21.27 ? 156 GLU A CB  1 
ATOM   1002 C CG  . GLU A 1 168 ? 15.141  -9.461  14.548  1.00 22.03 ? 156 GLU A CG  1 
ATOM   1003 C CD  . GLU A 1 168 ? 14.548  -10.262 15.694  1.00 23.97 ? 156 GLU A CD  1 
ATOM   1004 O OE1 . GLU A 1 168 ? 14.134  -11.434 15.478  1.00 20.78 ? 156 GLU A OE1 1 
ATOM   1005 O OE2 . GLU A 1 168 ? 14.632  -9.750  16.800  1.00 25.08 ? 156 GLU A OE2 1 
ATOM   1006 N N   . ARG A 1 169 ? 19.758  -9.049  14.438  1.00 21.82 ? 157 ARG A N   1 
ATOM   1007 C CA  . ARG A 1 169 ? 21.183  -9.433  14.342  1.00 20.34 ? 157 ARG A CA  1 
ATOM   1008 C C   . ARG A 1 169 ? 21.900  -9.021  15.655  1.00 21.26 ? 157 ARG A C   1 
ATOM   1009 O O   . ARG A 1 169 ? 22.730  -9.798  16.121  1.00 23.16 ? 157 ARG A O   1 
ATOM   1010 C CB  . ARG A 1 169 ? 21.817  -8.764  13.127  1.00 19.67 ? 157 ARG A CB  1 
ATOM   1011 C CG  . ARG A 1 169 ? 21.244  -9.304  11.814  1.00 18.97 ? 157 ARG A CG  1 
ATOM   1012 C CD  . ARG A 1 169 ? 21.664  -8.496  10.621  1.00 17.18 ? 157 ARG A CD  1 
ATOM   1013 N NE  . ARG A 1 169 ? 21.230  -9.197  9.420   1.00 18.01 ? 157 ARG A NE  1 
ATOM   1014 C CZ  . ARG A 1 169 ? 21.614  -8.907  8.179   1.00 17.60 ? 157 ARG A CZ  1 
ATOM   1015 N NH1 . ARG A 1 169 ? 21.160  -9.636  7.169   1.00 15.80 ? 157 ARG A NH1 1 
ATOM   1016 N NH2 . ARG A 1 169 ? 22.482  -7.919  7.950   1.00 18.28 ? 157 ARG A NH2 1 
ATOM   1017 N N   . ASP A 1 170 ? 21.609  -7.849  16.169  1.00 24.26 ? 158 ASP A N   1 
ATOM   1018 C CA  . ASP A 1 170 ? 22.311  -7.275  17.353  1.00 28.47 ? 158 ASP A CA  1 
ATOM   1019 C C   . ASP A 1 170 ? 22.027  -8.182  18.559  1.00 33.02 ? 158 ASP A C   1 
ATOM   1020 O O   . ASP A 1 170 ? 22.949  -8.381  19.366  1.00 35.03 ? 158 ASP A O   1 
ATOM   1021 C CB  . ASP A 1 170 ? 21.849  -5.843  17.633  1.00 28.86 ? 158 ASP A CB  1 
ATOM   1022 C CG  . ASP A 1 170 ? 22.458  -4.820  16.695  1.00 32.62 ? 158 ASP A CG  1 
ATOM   1023 O OD1 . ASP A 1 170 ? 23.355  -5.200  15.914  1.00 33.95 ? 158 ASP A OD1 1 
ATOM   1024 O OD2 . ASP A 1 170 ? 22.014  -3.650  16.736  1.00 38.19 ? 158 ASP A OD2 1 
ATOM   1025 N N   . ARG A 1 171 ? 20.819  -8.733  18.663  1.00 29.83 ? 159 ARG A N   1 
ATOM   1026 C CA  . ARG A 1 171 ? 20.407  -9.628  19.789  1.00 33.32 ? 159 ARG A CA  1 
ATOM   1027 C C   . ARG A 1 171 ? 20.839  -11.074 19.519  1.00 31.01 ? 159 ARG A C   1 
ATOM   1028 O O   . ARG A 1 171 ? 20.650  -11.892 20.403  1.00 33.75 ? 159 ARG A O   1 
ATOM   1029 C CB  . ARG A 1 171 ? 18.919  -9.429  20.144  1.00 35.00 ? 159 ARG A CB  1 
ATOM   1030 C CG  . ARG A 1 171 ? 17.880  -10.139 19.292  1.00 39.66 ? 159 ARG A CG  1 
ATOM   1031 C CD  . ARG A 1 171 ? 16.458  -10.164 19.885  1.00 42.78 ? 159 ARG A CD  1 
ATOM   1032 N NE  . ARG A 1 171 ? 15.500  -10.882 19.013  1.00 43.46 ? 159 ARG A NE  1 
ATOM   1033 C CZ  . ARG A 1 171 ? 15.053  -12.144 19.149  1.00 48.25 ? 159 ARG A CZ  1 
ATOM   1034 N NH1 . ARG A 1 171 ? 15.461  -12.905 20.150  1.00 54.35 ? 159 ARG A NH1 1 
ATOM   1035 N NH2 . ARG A 1 171 ? 14.206  -12.665 18.263  1.00 46.66 ? 159 ARG A NH2 1 
ATOM   1036 N N   . GLY A 1 172 ? 21.438  -11.399 18.370  1.00 30.87 ? 160 GLY A N   1 
ATOM   1037 C CA  . GLY A 1 172 ? 21.961  -12.747 18.066  1.00 27.28 ? 160 GLY A CA  1 
ATOM   1038 C C   . GLY A 1 172 ? 20.910  -13.697 17.506  1.00 28.78 ? 160 GLY A C   1 
ATOM   1039 O O   . GLY A 1 172 ? 21.209  -14.859 17.329  1.00 29.48 ? 160 GLY A O   1 
ATOM   1040 N N   . ALA A 1 173 ? 19.695  -13.233 17.206  1.00 28.63 ? 161 ALA A N   1 
ATOM   1041 C CA  . ALA A 1 173 ? 18.592  -14.076 16.683  1.00 25.45 ? 161 ALA A CA  1 
ATOM   1042 C C   . ALA A 1 173 ? 18.664  -14.243 15.149  1.00 25.08 ? 161 ALA A C   1 
ATOM   1043 O O   . ALA A 1 173 ? 18.392  -15.348 14.618  1.00 27.75 ? 161 ALA A O   1 
ATOM   1044 C CB  . ALA A 1 173 ? 17.328  -13.418 17.136  1.00 28.54 ? 161 ALA A CB  1 
ATOM   1045 N N   . ALA A 1 174 ? 19.233  -13.288 14.420  1.00 22.80 ? 162 ALA A N   1 
ATOM   1046 C CA  . ALA A 1 174 ? 19.389  -13.399 12.940  1.00 22.46 ? 162 ALA A CA  1 
ATOM   1047 C C   . ALA A 1 174 ? 20.867  -13.345 12.564  1.00 21.10 ? 162 ALA A C   1 
ATOM   1048 O O   . ALA A 1 174 ? 21.606  -12.564 13.129  1.00 21.46 ? 162 ALA A O   1 
ATOM   1049 C CB  . ALA A 1 174 ? 18.655  -12.262 12.272  1.00 21.79 ? 162 ALA A CB  1 
ATOM   1050 N N   . PRO A 1 175 ? 21.303  -14.103 11.553  1.00 21.74 ? 163 PRO A N   1 
ATOM   1051 C CA  . PRO A 1 175 ? 22.707  -14.101 11.128  1.00 22.58 ? 163 PRO A CA  1 
ATOM   1052 C C   . PRO A 1 175 ? 23.081  -12.888 10.279  1.00 26.72 ? 163 PRO A C   1 
ATOM   1053 O O   . PRO A 1 175 ? 22.201  -12.305 9.582   1.00 19.90 ? 163 PRO A O   1 
ATOM   1054 C CB  . PRO A 1 175 ? 22.790  -15.417 10.359  1.00 22.50 ? 163 PRO A CB  1 
ATOM   1055 C CG  . PRO A 1 175 ? 21.417  -15.533 9.694   1.00 24.08 ? 163 PRO A CG  1 
ATOM   1056 C CD  . PRO A 1 175 ? 20.463  -15.042 10.770  1.00 22.65 ? 163 PRO A CD  1 
ATOM   1057 N N   . ARG A 1 176 ? 24.357  -12.497 10.314  1.00 20.85 ? 164 ARG A N   1 
ATOM   1058 C CA  . ARG A 1 176 ? 24.813  -11.348 9.481   1.00 23.72 ? 164 ARG A CA  1 
ATOM   1059 C C   . ARG A 1 176 ? 25.090  -11.835 8.059   1.00 23.75 ? 164 ARG A C   1 
ATOM   1060 O O   . ARG A 1 176 ? 26.242  -12.182 7.763   1.00 24.35 ? 164 ARG A O   1 
ATOM   1061 C CB  . ARG A 1 176 ? 26.018  -10.646 10.145  1.00 23.27 ? 164 ARG A CB  1 
ATOM   1062 C CG  . ARG A 1 176 ? 25.676  -10.114 11.534  1.00 30.75 ? 164 ARG A CG  1 
ATOM   1063 C CD  . ARG A 1 176 ? 26.789  -9.337  12.260  1.00 31.78 ? 164 ARG A CD  1 
ATOM   1064 N NE  . ARG A 1 176 ? 26.301  -8.847  13.549  1.00 35.08 ? 164 ARG A NE  1 
ATOM   1065 C CZ  . ARG A 1 176 ? 25.487  -7.797  13.731  1.00 36.39 ? 164 ARG A CZ  1 
ATOM   1066 N NH1 . ARG A 1 176 ? 25.091  -7.458  14.949  1.00 36.22 ? 164 ARG A NH1 1 
ATOM   1067 N NH2 . ARG A 1 176 ? 25.066  -7.075  12.707  1.00 35.35 ? 164 ARG A NH2 1 
ATOM   1068 N N   . THR A 1 177 ? 24.083  -11.840 7.185   1.00 18.75 ? 165 THR A N   1 
ATOM   1069 C CA  . THR A 1 177 ? 24.190  -12.322 5.788   1.00 19.03 ? 165 THR A CA  1 
ATOM   1070 C C   . THR A 1 177 ? 24.256  -11.106 4.867   1.00 21.15 ? 165 THR A C   1 
ATOM   1071 O O   . THR A 1 177 ? 25.246  -10.373 4.888   1.00 20.60 ? 165 THR A O   1 
ATOM   1072 C CB  . THR A 1 177 ? 23.071  -13.337 5.499   1.00 18.14 ? 165 THR A CB  1 
ATOM   1073 O OG1 . THR A 1 177 ? 21.845  -12.642 5.783   1.00 16.21 ? 165 THR A OG1 1 
ATOM   1074 C CG2 . THR A 1 177 ? 23.173  -14.584 6.355   1.00 18.91 ? 165 THR A CG2 1 
ATOM   1075 N N   . LEU A 1 178 ? 23.204  -10.822 4.111   1.00 17.91 ? 166 LEU A N   1 
ATOM   1076 C CA  . LEU A 1 178 ? 23.163  -9.649  3.226   1.00 17.68 ? 166 LEU A CA  1 
ATOM   1077 C C   . LEU A 1 178 ? 23.157  -8.368  4.047   1.00 16.36 ? 166 LEU A C   1 
ATOM   1078 O O   . LEU A 1 178 ? 22.604  -8.324  5.137   1.00 16.83 ? 166 LEU A O   1 
ATOM   1079 C CB  . LEU A 1 178 ? 21.827  -9.639  2.475   1.00 15.93 ? 166 LEU A CB  1 
ATOM   1080 C CG  . LEU A 1 178 ? 21.578  -10.756 1.484   1.00 16.44 ? 166 LEU A CG  1 
ATOM   1081 C CD1 . LEU A 1 178 ? 20.251  -10.484 0.813   1.00 15.41 ? 166 LEU A CD1 1 
ATOM   1082 C CD2 . LEU A 1 178 ? 22.730  -10.904 0.462   1.00 17.01 ? 166 LEU A CD2 1 
ATOM   1083 N N   . PRO A 1 179 ? 23.624  -7.253  3.470   1.00 16.76 ? 167 PRO A N   1 
ATOM   1084 C CA  . PRO A 1 179 ? 23.286  -5.926  3.985   1.00 16.02 ? 167 PRO A CA  1 
ATOM   1085 C C   . PRO A 1 179 ? 21.772  -5.774  4.277   1.00 16.70 ? 167 PRO A C   1 
ATOM   1086 O O   . PRO A 1 179 ? 20.935  -6.034  3.361   1.00 13.14 ? 167 PRO A O   1 
ATOM   1087 C CB  . PRO A 1 179 ? 23.670  -4.998  2.842   1.00 16.80 ? 167 PRO A CB  1 
ATOM   1088 C CG  . PRO A 1 179 ? 24.794  -5.724  2.124   1.00 17.52 ? 167 PRO A CG  1 
ATOM   1089 C CD  . PRO A 1 179 ? 24.430  -7.197  2.242   1.00 17.44 ? 167 PRO A CD  1 
ATOM   1090 N N   . ALA A 1 180 ? 21.446  -5.352  5.501   1.00 14.62 ? 168 ALA A N   1 
ATOM   1091 C CA  . ALA A 1 180 ? 20.053  -5.386  5.985   1.00 17.44 ? 168 ALA A CA  1 
ATOM   1092 C C   . ALA A 1 180 ? 19.196  -4.533  5.062   1.00 15.56 ? 168 ALA A C   1 
ATOM   1093 O O   . ALA A 1 180 ? 17.981  -4.898  4.835   1.00 14.96 ? 168 ALA A O   1 
ATOM   1094 C CB  . ALA A 1 180 ? 19.995  -4.902  7.417   1.00 18.13 ? 168 ALA A CB  1 
ATOM   1095 N N   . HIS A 1 181 ? 19.707  -3.382  4.620   1.00 13.87 ? 169 HIS A N   1 
ATOM   1096 C CA  . HIS A 1 181 ? 18.892  -2.431  3.861   1.00 15.20 ? 169 HIS A CA  1 
ATOM   1097 C C   . HIS A 1 181 ? 18.553  -2.993  2.470   1.00 14.56 ? 169 HIS A C   1 
ATOM   1098 O O   . HIS A 1 181 ? 17.425  -2.812  1.983   1.00 14.09 ? 169 HIS A O   1 
ATOM   1099 C CB  . HIS A 1 181 ? 19.543  -1.045  3.840   1.00 16.70 ? 169 HIS A CB  1 
ATOM   1100 C CG  . HIS A 1 181 ? 18.597  0.024   3.377   1.00 14.44 ? 169 HIS A CG  1 
ATOM   1101 N ND1 . HIS A 1 181 ? 18.427  0.368   2.036   1.00 15.08 ? 169 HIS A ND1 1 
ATOM   1102 C CD2 . HIS A 1 181 ? 17.725  0.768   4.090   1.00 14.76 ? 169 HIS A CD2 1 
ATOM   1103 C CE1 . HIS A 1 181 ? 17.526  1.372   1.971   1.00 15.31 ? 169 HIS A CE1 1 
ATOM   1104 N NE2 . HIS A 1 181 ? 17.091  1.634   3.241   1.00 15.10 ? 169 HIS A NE2 1 
ATOM   1105 N N   . GLU A 1 182 ? 19.495  -3.706  1.866   1.00 14.40 ? 170 GLU A N   1 
ATOM   1106 C CA  . GLU A 1 182 ? 19.317  -4.338  0.537   1.00 13.92 ? 170 GLU A CA  1 
ATOM   1107 C C   . GLU A 1 182 ? 18.283  -5.478  0.662   1.00 13.20 ? 170 GLU A C   1 
ATOM   1108 O O   . GLU A 1 182 ? 17.402  -5.563  -0.179  1.00 11.67 ? 170 GLU A O   1 
ATOM   1109 C CB  . GLU A 1 182 ? 20.675  -4.798  0.043   1.00 14.18 ? 170 GLU A CB  1 
ATOM   1110 C CG  . GLU A 1 182 ? 21.594  -3.597  -0.169  1.00 15.65 ? 170 GLU A CG  1 
ATOM   1111 C CD  . GLU A 1 182 ? 23.000  -3.913  -0.653  1.00 20.07 ? 170 GLU A CD  1 
ATOM   1112 O OE1 . GLU A 1 182 ? 23.327  -5.125  -0.839  1.00 17.15 ? 170 GLU A OE1 1 
ATOM   1113 O OE2 . GLU A 1 182 ? 23.791  -2.944  -0.716  1.00 21.04 ? 170 GLU A OE2 1 
ATOM   1114 N N   . LEU A 1 183 ? 18.433  -6.337  1.675   1.00 13.06 ? 171 LEU A N   1 
ATOM   1115 C CA  . LEU A 1 183 ? 17.455  -7.417  1.930   1.00 11.80 ? 171 LEU A CA  1 
ATOM   1116 C C   . LEU A 1 183 ? 16.071  -6.811  2.145   1.00 11.20 ? 171 LEU A C   1 
ATOM   1117 O O   . LEU A 1 183 ? 15.101  -7.264  1.483   1.00 10.89 ? 171 LEU A O   1 
ATOM   1118 C CB  . LEU A 1 183 ? 17.915  -8.174  3.168   1.00 12.81 ? 171 LEU A CB  1 
ATOM   1119 C CG  . LEU A 1 183 ? 16.968  -9.264  3.673   1.00 13.15 ? 171 LEU A CG  1 
ATOM   1120 C CD1 . LEU A 1 183 ? 16.601  -10.212 2.539   1.00 13.21 ? 171 LEU A CD1 1 
ATOM   1121 C CD2 . LEU A 1 183 ? 17.635  -10.019 4.823   1.00 15.29 ? 171 LEU A CD2 1 
ATOM   1122 N N   . ALA A 1 184 ? 15.978  -5.785  2.991   1.00 11.04 ? 172 ALA A N   1 
ATOM   1123 C CA  . ALA A 1 184 ? 14.690  -5.099  3.259   1.00 12.31 ? 172 ALA A CA  1 
ATOM   1124 C C   . ALA A 1 184 ? 14.080  -4.557  1.972   1.00 13.01 ? 172 ALA A C   1 
ATOM   1125 O O   . ALA A 1 184 ? 12.862  -4.663  1.812   1.00 11.74 ? 172 ALA A O   1 
ATOM   1126 C CB  . ALA A 1 184 ? 14.857  -4.006  4.270   1.00 13.40 ? 172 ALA A CB  1 
ATOM   1127 N N   . THR A 1 185 ? 14.876  -3.942  1.087   1.00 10.71 ? 173 THR A N   1 
ATOM   1128 C CA  . THR A 1 185 ? 14.379  -3.350  -0.147  1.00 11.84 ? 173 THR A CA  1 
ATOM   1129 C C   . THR A 1 185 ? 13.740  -4.467  -0.998  1.00 11.78 ? 173 THR A C   1 
ATOM   1130 O O   . THR A 1 185 ? 12.626  -4.295  -1.458  1.00 11.44 ? 173 THR A O   1 
ATOM   1131 C CB  . THR A 1 185 ? 15.498  -2.619  -0.922  1.00 12.48 ? 173 THR A CB  1 
ATOM   1132 O OG1 . THR A 1 185 ? 16.022  -1.563  -0.114  1.00 12.43 ? 173 THR A OG1 1 
ATOM   1133 C CG2 . THR A 1 185 ? 14.989  -2.049  -2.214  1.00 12.52 ? 173 THR A CG2 1 
ATOM   1134 N N   . ALA A 1 186 ? 14.414  -5.580  -1.203  1.00 10.05 ? 174 ALA A N   1 
ATOM   1135 C CA  . ALA A 1 186 ? 13.896  -6.651  -2.090  1.00 11.01 ? 174 ALA A CA  1 
ATOM   1136 C C   . ALA A 1 186 ? 12.645  -7.272  -1.469  1.00 9.90  ? 174 ALA A C   1 
ATOM   1137 O O   . ALA A 1 186 ? 11.691  -7.564  -2.195  1.00 10.42 ? 174 ALA A O   1 
ATOM   1138 C CB  . ALA A 1 186 ? 14.923  -7.744  -2.333  1.00 9.82  ? 174 ALA A CB  1 
ATOM   1139 N N   . LEU A 1 187 ? 12.608  -7.467  -0.159  1.00 9.71  ? 175 LEU A N   1 
ATOM   1140 C CA  . LEU A 1 187 ? 11.411  -8.054  0.494   1.00 9.65  ? 175 LEU A CA  1 
ATOM   1141 C C   . LEU A 1 187 ? 10.225  -7.094  0.402   1.00 10.42 ? 175 LEU A C   1 
ATOM   1142 O O   . LEU A 1 187 ? 9.113   -7.579  0.158   1.00 10.58 ? 175 LEU A O   1 
ATOM   1143 C CB  . LEU A 1 187 ? 11.747  -8.391  1.952   1.00 10.05 ? 175 LEU A CB  1 
ATOM   1144 C CG  . LEU A 1 187 ? 12.745  -9.526  2.158   1.00 10.59 ? 175 LEU A CG  1 
ATOM   1145 C CD1 . LEU A 1 187 ? 13.011  -9.646  3.654   1.00 12.09 ? 175 LEU A CD1 1 
ATOM   1146 C CD2 . LEU A 1 187 ? 12.267  -10.838 1.583   1.00 10.08 ? 175 LEU A CD2 1 
ATOM   1147 N N   . ASN A 1 188 ? 10.426  -5.791  0.566   1.00 10.60 ? 176 ASN A N   1 
ATOM   1148 C CA  . ASN A 1 188 ? 9.362   -4.779  0.414   1.00 11.06 ? 176 ASN A CA  1 
ATOM   1149 C C   . ASN A 1 188 ? 8.846   -4.731  -1.028  1.00 11.18 ? 176 ASN A C   1 
ATOM   1150 O O   . ASN A 1 188 ? 7.620   -4.663  -1.215  1.00 11.34 ? 176 ASN A O   1 
ATOM   1151 C CB  . ASN A 1 188 ? 9.827   -3.406  0.886   1.00 10.80 ? 176 ASN A CB  1 
ATOM   1152 C CG  . ASN A 1 188 ? 9.627   -3.250  2.385   1.00 10.69 ? 176 ASN A CG  1 
ATOM   1153 O OD1 . ASN A 1 188 ? 8.719   -2.517  2.771   1.00 14.35 ? 176 ASN A OD1 1 
ATOM   1154 N ND2 . ASN A 1 188 ? 10.477  -3.815  3.229   1.00 12.26 ? 176 ASN A ND2 1 
ATOM   1155 N N   . LEU A 1 189 ? 9.749   -4.798  -2.009  1.00 10.17 ? 177 LEU A N   1 
ATOM   1156 C CA  . LEU A 1 189 ? 9.345   -4.770  -3.437  1.00 11.04 ? 177 LEU A CA  1 
ATOM   1157 C C   . LEU A 1 189 ? 8.605   -6.059  -3.790  1.00 11.06 ? 177 LEU A C   1 
ATOM   1158 O O   . LEU A 1 189 ? 7.602   -6.015  -4.520  1.00 11.83 ? 177 LEU A O   1 
ATOM   1159 C CB  . LEU A 1 189 ? 10.573  -4.571  -4.315  1.00 11.49 ? 177 LEU A CB  1 
ATOM   1160 C CG  . LEU A 1 189 ? 11.146  -3.157  -4.285  1.00 11.60 ? 177 LEU A CG  1 
ATOM   1161 C CD1 . LEU A 1 189 ? 12.399  -3.079  -5.138  1.00 11.96 ? 177 LEU A CD1 1 
ATOM   1162 C CD2 . LEU A 1 189 ? 10.143  -2.162  -4.765  1.00 13.77 ? 177 LEU A CD2 1 
ATOM   1163 N N   . MET A 1 190 ? 9.063   -7.174  -3.248  1.00 11.04 ? 178 MET A N   1 
ATOM   1164 C CA  . MET A 1 190 ? 8.335   -8.448  -3.400  1.00 11.46 ? 178 MET A CA  1 
ATOM   1165 C C   . MET A 1 190 ? 6.902   -8.301  -2.901  1.00 11.69 ? 178 MET A C   1 
ATOM   1166 O O   . MET A 1 190 ? 5.959   -8.684  -3.650  1.00 11.24 ? 178 MET A O   1 
ATOM   1167 C CB  . MET A 1 190 ? 8.976   -9.629  -2.661  1.00 12.14 ? 178 MET A CB  1 
ATOM   1168 C CG  . MET A 1 190 ? 8.098   -10.903 -2.720  1.00 12.34 ? 178 MET A CG  1 
ATOM   1169 S SD  . MET A 1 190 ? 8.824   -12.333 -1.879  1.00 13.25 ? 178 MET A SD  1 
ATOM   1170 C CE  . MET A 1 190 ? 8.890   -11.748 -0.170  1.00 11.86 ? 178 MET A CE  1 
ATOM   1171 N N   . ASN A 1 191 ? 6.727   -7.723  -1.724  1.00 11.51 ? 179 ASN A N   1 
ATOM   1172 C CA  . ASN A 1 191 ? 5.370   -7.603  -1.151  1.00 11.26 ? 179 ASN A CA  1 
ATOM   1173 C C   . ASN A 1 191 ? 4.526   -6.692  -2.001  1.00 12.39 ? 179 ASN A C   1 
ATOM   1174 O O   . ASN A 1 191 ? 3.326   -7.004  -2.225  1.00 10.65 ? 179 ASN A O   1 
ATOM   1175 C CB  . ASN A 1 191 ? 5.429   -7.111  0.290   1.00 11.05 ? 179 ASN A CB  1 
ATOM   1176 C CG  . ASN A 1 191 ? 5.850   -8.200  1.230   1.00 12.20 ? 179 ASN A CG  1 
ATOM   1177 O OD1 . ASN A 1 191 ? 6.454   -9.236  0.855   1.00 12.06 ? 179 ASN A OD1 1 
ATOM   1178 N ND2 . ASN A 1 191 ? 5.567   -7.946  2.509   1.00 12.83 ? 179 ASN A ND2 1 
ATOM   1179 N N   . GLU A 1 192 ? 5.096   -5.558  -2.462  1.00 12.66 ? 180 GLU A N   1 
ATOM   1180 C CA  . GLU A 1 192 ? 4.355   -4.617  -3.310  1.00 13.00 ? 180 GLU A CA  1 
ATOM   1181 C C   . GLU A 1 192 ? 3.809   -5.358  -4.549  1.00 13.81 ? 180 GLU A C   1 
ATOM   1182 O O   . GLU A 1 192 ? 2.554   -5.356  -4.808  1.00 13.55 ? 180 GLU A O   1 
ATOM   1183 C CB  . GLU A 1 192 ? 5.293   -3.474  -3.721  1.00 14.13 ? 180 GLU A CB  1 
ATOM   1184 C CG  . GLU A 1 192 ? 4.662   -2.554  -4.711  1.00 15.07 ? 180 GLU A CG  1 
ATOM   1185 C CD  . GLU A 1 192 ? 5.618   -1.574  -5.397  1.00 16.34 ? 180 GLU A CD  1 
ATOM   1186 O OE1 . GLU A 1 192 ? 6.322   -0.859  -4.738  1.00 14.96 ? 180 GLU A OE1 1 
ATOM   1187 O OE2 . GLU A 1 192 ? 5.597   -1.529  -6.638  1.00 20.74 ? 180 GLU A OE2 1 
ATOM   1188 N N   . ARG A 1 193 ? 4.689   -6.040  -5.284  1.00 11.46 ? 181 ARG A N   1 
ATOM   1189 C CA  . ARG A 1 193 ? 4.281   -6.697  -6.559  1.00 12.04 ? 181 ARG A CA  1 
ATOM   1190 C C   . ARG A 1 193 ? 3.342   -7.868  -6.267  1.00 11.93 ? 181 ARG A C   1 
ATOM   1191 O O   . ARG A 1 193 ? 2.313   -8.030  -7.022  1.00 12.52 ? 181 ARG A O   1 
ATOM   1192 C CB  . ARG A 1 193 ? 5.509   -7.156  -7.331  1.00 13.29 ? 181 ARG A CB  1 
ATOM   1193 C CG  . ARG A 1 193 ? 5.162   -7.662  -8.726  1.00 15.19 ? 181 ARG A CG  1 
ATOM   1194 C CD  . ARG A 1 193 ? 4.792   -6.500  -9.573  1.00 18.11 ? 181 ARG A CD  1 
ATOM   1195 N NE  . ARG A 1 193 ? 4.412   -7.117  -10.794 1.00 24.71 ? 181 ARG A NE  1 
ATOM   1196 C CZ  . ARG A 1 193 ? 3.158   -7.423  -11.149 1.00 28.31 ? 181 ARG A CZ  1 
ATOM   1197 N NH1 . ARG A 1 193 ? 2.993   -8.033  -12.296 1.00 31.81 ? 181 ARG A NH1 1 
ATOM   1198 N NH2 . ARG A 1 193 ? 2.129   -7.127  -10.403 1.00 26.99 ? 181 ARG A NH2 1 
ATOM   1199 N N   . THR A 1 194 ? 3.632   -8.664  -5.233  1.00 10.96 ? 182 THR A N   1 
ATOM   1200 C CA  . THR A 1 194 ? 2.912   -9.927  -4.990  1.00 11.99 ? 182 THR A CA  1 
ATOM   1201 C C   . THR A 1 194 ? 1.525   -9.618  -4.396  1.00 13.52 ? 182 THR A C   1 
ATOM   1202 O O   . THR A 1 194 ? 0.534   -10.158 -4.902  1.00 12.04 ? 182 THR A O   1 
ATOM   1203 C CB  . THR A 1 194 ? 3.748   -10.874 -4.113  1.00 14.45 ? 182 THR A CB  1 
ATOM   1204 O OG1 . THR A 1 194 ? 5.016   -11.080 -4.739  1.00 13.52 ? 182 THR A OG1 1 
ATOM   1205 C CG2 . THR A 1 194 ? 3.070   -12.212 -3.970  1.00 14.30 ? 182 THR A CG2 1 
ATOM   1206 N N   . LEU A 1 195 ? 1.449   -8.758  -3.361  1.00 12.26 ? 183 LEU A N   1 
ATOM   1207 C CA  . LEU A 1 195 ? 0.128   -8.372  -2.783  1.00 13.68 ? 183 LEU A CA  1 
ATOM   1208 C C   . LEU A 1 195 ? -0.749  -7.799  -3.883  1.00 13.17 ? 183 LEU A C   1 
ATOM   1209 O O   . LEU A 1 195 ? -1.958  -8.206  -4.029  1.00 13.48 ? 183 LEU A O   1 
ATOM   1210 C CB  . LEU A 1 195 ? 0.270   -7.374  -1.648  1.00 13.20 ? 183 LEU A CB  1 
ATOM   1211 C CG  . LEU A 1 195 ? 0.888   -7.896  -0.363  1.00 14.05 ? 183 LEU A CG  1 
ATOM   1212 C CD1 . LEU A 1 195 ? 1.056   -6.739  0.607   1.00 15.32 ? 183 LEU A CD1 1 
ATOM   1213 C CD2 . LEU A 1 195 ? 0.036   -9.019  0.279   1.00 14.81 ? 183 LEU A CD2 1 
ATOM   1214 N N   . PHE A 1 196 ? -0.240  -6.843  -4.662  1.00 14.03 ? 184 PHE A N   1 
ATOM   1215 C CA  . PHE A 1 196 ? -1.090  -6.099  -5.626  1.00 13.70 ? 184 PHE A CA  1 
ATOM   1216 C C   . PHE A 1 196 ? -1.486  -7.031  -6.787  1.00 15.08 ? 184 PHE A C   1 
ATOM   1217 O O   . PHE A 1 196 ? -2.634  -6.979  -7.279  1.00 15.16 ? 184 PHE A O   1 
ATOM   1218 C CB  . PHE A 1 196 ? -0.381  -4.817  -6.041  1.00 15.90 ? 184 PHE A CB  1 
ATOM   1219 C CG  . PHE A 1 196 ? -0.143  -3.881  -4.866  1.00 16.50 ? 184 PHE A CG  1 
ATOM   1220 C CD1 . PHE A 1 196 ? -0.741  -4.099  -3.623  1.00 17.75 ? 184 PHE A CD1 1 
ATOM   1221 C CD2 . PHE A 1 196 ? 0.664   -2.769  -4.996  1.00 18.54 ? 184 PHE A CD2 1 
ATOM   1222 C CE1 . PHE A 1 196 ? -0.545  -3.238  -2.540  1.00 18.84 ? 184 PHE A CE1 1 
ATOM   1223 C CE2 . PHE A 1 196 ? 0.851   -1.896  -3.924  1.00 18.04 ? 184 PHE A CE2 1 
ATOM   1224 C CZ  . PHE A 1 196 ? 0.257   -2.130  -2.702  1.00 19.89 ? 184 PHE A CZ  1 
ATOM   1225 N N   . ALA A 1 197 ? -0.629  -7.961  -7.186  1.00 13.45 ? 185 ALA A N   1 
ATOM   1226 C CA  . ALA A 1 197 ? -1.031  -8.924  -8.235  1.00 14.84 ? 185 ALA A CA  1 
ATOM   1227 C C   . ALA A 1 197 ? -2.162  -9.822  -7.711  1.00 14.07 ? 185 ALA A C   1 
ATOM   1228 O O   . ALA A 1 197 ? -3.110  -10.136 -8.473  1.00 15.17 ? 185 ALA A O   1 
ATOM   1229 C CB  . ALA A 1 197 ? 0.150   -9.741  -8.656  1.00 14.40 ? 185 ALA A CB  1 
ATOM   1230 N N   . SER A 1 198 ? -2.051  -10.255 -6.464  1.00 13.40 ? 186 SER A N   1 
ATOM   1231 C CA  . SER A 1 198 ? -3.062  -11.111 -5.807  1.00 14.63 ? 186 SER A CA  1 
ATOM   1232 C C   . SER A 1 198 ? -4.384  -10.344 -5.733  1.00 14.36 ? 186 SER A C   1 
ATOM   1233 O O   . SER A 1 198 ? -5.435  -10.947 -6.062  1.00 15.00 ? 186 SER A O   1 
ATOM   1234 C CB  . SER A 1 198 ? -2.672  -11.558 -4.437  1.00 15.60 ? 186 SER A CB  1 
ATOM   1235 O OG  . SER A 1 198 ? -1.543  -12.455 -4.485  1.00 21.06 ? 186 SER A OG  1 
ATOM   1236 N N   . PHE A 1 199 ? -4.361  -9.087  -5.287  1.00 14.21 ? 187 PHE A N   1 
ATOM   1237 C CA  . PHE A 1 199 ? -5.606  -8.302  -5.104  1.00 14.84 ? 187 PHE A CA  1 
ATOM   1238 C C   . PHE A 1 199 ? -6.276  -8.106  -6.464  1.00 19.36 ? 187 PHE A C   1 
ATOM   1239 O O   . PHE A 1 199 ? -7.517  -8.149  -6.527  1.00 22.13 ? 187 PHE A O   1 
ATOM   1240 C CB  . PHE A 1 199 ? -5.334  -6.935  -4.496  1.00 15.12 ? 187 PHE A CB  1 
ATOM   1241 C CG  . PHE A 1 199 ? -4.860  -6.953  -3.081  1.00 14.44 ? 187 PHE A CG  1 
ATOM   1242 C CD1 . PHE A 1 199 ? -5.065  -8.038  -2.264  1.00 15.73 ? 187 PHE A CD1 1 
ATOM   1243 C CD2 . PHE A 1 199 ? -4.067  -5.921  -2.609  1.00 15.94 ? 187 PHE A CD2 1 
ATOM   1244 C CE1 . PHE A 1 199 ? -4.590  -8.040  -0.968  1.00 16.74 ? 187 PHE A CE1 1 
ATOM   1245 C CE2 . PHE A 1 199 ? -3.598  -5.938  -1.316  1.00 15.82 ? 187 PHE A CE2 1 
ATOM   1246 C CZ  . PHE A 1 199 ? -3.798  -7.026  -0.524  1.00 17.00 ? 187 PHE A CZ  1 
ATOM   1247 N N   . ALA A 1 200 ? -5.500  -7.903  -7.518  1.00 18.01 ? 188 ALA A N   1 
ATOM   1248 C CA  . ALA A 1 200 ? -6.021  -7.674  -8.887  1.00 21.05 ? 188 ALA A CA  1 
ATOM   1249 C C   . ALA A 1 200 ? -6.392  -8.989  -9.556  1.00 23.01 ? 188 ALA A C   1 
ATOM   1250 O O   . ALA A 1 200 ? -6.937  -8.924  -10.672 1.00 27.77 ? 188 ALA A O   1 
ATOM   1251 C CB  . ALA A 1 200 ? -5.031  -6.855  -9.680  1.00 21.86 ? 188 ALA A CB  1 
ATOM   1252 N N   . GLY A 1 201 ? -6.162  -10.148 -8.953  1.00 22.02 ? 189 GLY A N   1 
ATOM   1253 C CA  . GLY A 1 201 ? -6.343  -11.445 -9.651  1.00 24.28 ? 189 GLY A CA  1 
ATOM   1254 C C   . GLY A 1 201 ? -5.542  -11.512 -10.955 1.00 27.06 ? 189 GLY A C   1 
ATOM   1255 O O   . GLY A 1 201 ? -5.984  -12.178 -11.922 1.00 26.71 ? 189 GLY A O   1 
ATOM   1256 N N   . GLU A 1 202 ? -4.345  -10.912 -11.005 1.00 20.98 ? 190 GLU A N   1 
ATOM   1257 C CA  . GLU A 1 202 ? -3.478  -11.006 -12.214 1.00 22.73 ? 190 GLU A CA  1 
ATOM   1258 C C   . GLU A 1 202 ? -3.126  -12.447 -12.546 1.00 19.80 ? 190 GLU A C   1 
ATOM   1259 O O   . GLU A 1 202 ? -3.107  -13.321 -11.680 1.00 19.35 ? 190 GLU A O   1 
ATOM   1260 C CB  . GLU A 1 202 ? -2.162  -10.253 -12.051 1.00 20.41 ? 190 GLU A CB  1 
ATOM   1261 C CG  . GLU A 1 202 ? -2.351  -8.769  -11.989 1.00 24.56 ? 190 GLU A CG  1 
ATOM   1262 C CD  . GLU A 1 202 ? -1.050  -7.993  -11.875 1.00 27.88 ? 190 GLU A CD  1 
ATOM   1263 O OE1 . GLU A 1 202 ? -0.007  -8.553  -12.183 1.00 25.69 ? 190 GLU A OE1 1 
ATOM   1264 O OE2 . GLU A 1 202 ? -1.105  -6.850  -11.450 1.00 34.27 ? 190 GLU A OE2 1 
ATOM   1265 N N   . GLN A 1 203 ? -2.834  -12.713 -13.813 1.00 21.75 ? 191 GLN A N   1 
ATOM   1266 C CA  . GLN A 1 203 ? -2.216  -14.011 -14.192 1.00 23.39 ? 191 GLN A CA  1 
ATOM   1267 C C   . GLN A 1 203 ? -0.796  -13.692 -14.614 1.00 23.30 ? 191 GLN A C   1 
ATOM   1268 O O   . GLN A 1 203 ? -0.570  -12.980 -15.609 1.00 23.79 ? 191 GLN A O   1 
ATOM   1269 C CB  . GLN A 1 203 ? -3.048  -14.751 -15.255 1.00 34.57 ? 191 GLN A CB  1 
ATOM   1270 C CG  . GLN A 1 203 ? -3.014  -16.259 -14.997 1.00 46.74 ? 191 GLN A CG  1 
ATOM   1271 C CD  . GLN A 1 203 ? -3.804  -17.153 -15.931 1.00 54.53 ? 191 GLN A CD  1 
ATOM   1272 O OE1 . GLN A 1 203 ? -3.915  -16.936 -17.143 1.00 56.92 ? 191 GLN A OE1 1 
ATOM   1273 N NE2 . GLN A 1 203 ? -4.334  -18.217 -15.352 1.00 53.40 ? 191 GLN A NE2 1 
ATOM   1274 N N   . PRO A 1 204 ? 0.245   -14.121 -13.871 1.00 18.82 ? 192 PRO A N   1 
ATOM   1275 C CA  . PRO A 1 204 ? 0.142   -14.983 -12.688 1.00 17.44 ? 192 PRO A CA  1 
ATOM   1276 C C   . PRO A 1 204 ? -0.073  -14.212 -11.375 1.00 15.63 ? 192 PRO A C   1 
ATOM   1277 O O   . PRO A 1 204 ? 0.375   -13.071 -11.236 1.00 16.66 ? 192 PRO A O   1 
ATOM   1278 C CB  . PRO A 1 204 ? 1.546   -15.606 -12.673 1.00 19.97 ? 192 PRO A CB  1 
ATOM   1279 C CG  . PRO A 1 204 ? 2.449   -14.500 -13.115 1.00 19.76 ? 192 PRO A CG  1 
ATOM   1280 C CD  . PRO A 1 204 ? 1.655   -13.752 -14.175 1.00 20.56 ? 192 PRO A CD  1 
ATOM   1281 N N   . SER A 1 205 ? -0.568  -14.904 -10.336 1.00 13.97 ? 193 SER A N   1 
ATOM   1282 C CA  . SER A 1 205 ? -0.594  -14.331 -8.975  1.00 13.62 ? 193 SER A CA  1 
ATOM   1283 C C   . SER A 1 205 ? -0.744  -15.465 -7.981  1.00 15.47 ? 193 SER A C   1 
ATOM   1284 O O   . SER A 1 205 ? -1.180  -16.527 -8.364  1.00 14.90 ? 193 SER A O   1 
ATOM   1285 C CB  . SER A 1 205 ? -1.676  -13.265 -8.808  1.00 14.80 ? 193 SER A CB  1 
ATOM   1286 O OG  . SER A 1 205 ? -2.975  -13.828 -9.063  1.00 15.66 ? 193 SER A OG  1 
ATOM   1287 N N   . VAL A 1 206 ? -0.274  -15.263 -6.770  1.00 14.85 ? 194 VAL A N   1 
ATOM   1288 C CA  . VAL A 1 206 ? -0.577  -16.140 -5.622  1.00 13.78 ? 194 VAL A CA  1 
ATOM   1289 C C   . VAL A 1 206 ? -2.044  -15.883 -5.299  1.00 13.79 ? 194 VAL A C   1 
ATOM   1290 O O   . VAL A 1 206 ? -2.470  -14.735 -5.229  1.00 13.80 ? 194 VAL A O   1 
ATOM   1291 C CB  . VAL A 1 206 ? 0.312   -15.809 -4.410  1.00 13.82 ? 194 VAL A CB  1 
ATOM   1292 C CG1 . VAL A 1 206 ? 0.030   -16.710 -3.243  1.00 12.69 ? 194 VAL A CG1 1 
ATOM   1293 C CG2 . VAL A 1 206 ? 1.803   -15.922 -4.739  1.00 15.00 ? 194 VAL A CG2 1 
ATOM   1294 N N   . PRO A 1 207 ? -2.879  -16.908 -5.044  1.00 14.20 ? 195 PRO A N   1 
ATOM   1295 C CA  . PRO A 1 207 ? -4.245  -16.649 -4.591  1.00 15.41 ? 195 PRO A CA  1 
ATOM   1296 C C   . PRO A 1 207 ? -4.245  -15.818 -3.306  1.00 15.28 ? 195 PRO A C   1 
ATOM   1297 O O   . PRO A 1 207 ? -3.388  -16.001 -2.425  1.00 13.60 ? 195 PRO A O   1 
ATOM   1298 C CB  . PRO A 1 207 ? -4.797  -18.056 -4.295  1.00 16.89 ? 195 PRO A CB  1 
ATOM   1299 C CG  . PRO A 1 207 ? -3.916  -18.993 -5.093  1.00 17.79 ? 195 PRO A CG  1 
ATOM   1300 C CD  . PRO A 1 207 ? -2.581  -18.318 -5.261  1.00 17.13 ? 195 PRO A CD  1 
ATOM   1301 N N   . GLU A 1 208 ? -5.200  -14.910 -3.208  1.00 15.43 ? 196 GLU A N   1 
ATOM   1302 C CA  . GLU A 1 208 ? -5.293  -13.988 -2.065  1.00 15.78 ? 196 GLU A CA  1 
ATOM   1303 C C   . GLU A 1 208 ? -5.297  -14.754 -0.756  1.00 15.25 ? 196 GLU A C   1 
ATOM   1304 O O   . GLU A 1 208 ? -4.671  -14.300 0.183   1.00 13.90 ? 196 GLU A O   1 
ATOM   1305 C CB  . GLU A 1 208 ? -6.528  -13.098 -2.303  1.00 19.07 ? 196 GLU A CB  1 
ATOM   1306 C CG  . GLU A 1 208 ? -6.585  -12.010 -1.333  1.00 22.69 ? 196 GLU A CG  1 
ATOM   1307 C CD  . GLU A 1 208 ? -7.671  -10.957 -1.586  1.00 26.30 ? 196 GLU A CD  1 
ATOM   1308 O OE1 . GLU A 1 208 ? -8.309  -11.000 -2.628  1.00 33.61 ? 196 GLU A OE1 1 
ATOM   1309 O OE2 . GLU A 1 208 ? -7.809  -10.103 -0.722  1.00 33.02 ? 196 GLU A OE2 1 
ATOM   1310 N N   . ALA A 1 209 ? -5.996  -15.907 -0.672  1.00 14.49 ? 197 ALA A N   1 
ATOM   1311 C CA  . ALA A 1 209 ? -6.055  -16.704 0.568   1.00 14.43 ? 197 ALA A CA  1 
ATOM   1312 C C   . ALA A 1 209 ? -4.702  -17.359 0.886   1.00 15.27 ? 197 ALA A C   1 
ATOM   1313 O O   . ALA A 1 209 ? -4.614  -18.005 1.917   1.00 16.03 ? 197 ALA A O   1 
ATOM   1314 C CB  . ALA A 1 209 ? -7.160  -17.755 0.397   1.00 15.33 ? 197 ALA A CB  1 
ATOM   1315 N N   . ARG A 1 210 ? -3.694  -17.293 0.023   1.00 11.84 ? 198 ARG A N   1 
ATOM   1316 C CA  . ARG A 1 210 ? -2.393  -17.969 0.274   1.00 12.38 ? 198 ARG A CA  1 
ATOM   1317 C C   . ARG A 1 210 ? -1.260  -16.931 0.349   1.00 11.09 ? 198 ARG A C   1 
ATOM   1318 O O   . ARG A 1 210 ? -0.140  -17.279 0.709   1.00 11.37 ? 198 ARG A O   1 
ATOM   1319 C CB  . ARG A 1 210 ? -2.079  -18.985 -0.826  1.00 14.31 ? 198 ARG A CB  1 
ATOM   1320 C CG  . ARG A 1 210 ? -2.999  -20.210 -0.817  1.00 14.79 ? 198 ARG A CG  1 
ATOM   1321 C CD  . ARG A 1 210 ? -2.798  -21.117 0.369   1.00 17.42 ? 198 ARG A CD  1 
ATOM   1322 N NE  . ARG A 1 210 ? -1.366  -21.364 0.551   1.00 17.36 ? 198 ARG A NE  1 
ATOM   1323 C CZ  . ARG A 1 210 ? -0.798  -21.497 1.748   1.00 19.08 ? 198 ARG A CZ  1 
ATOM   1324 N NH1 . ARG A 1 210 ? -1.544  -21.485 2.843   1.00 19.36 ? 198 ARG A NH1 1 
ATOM   1325 N NH2 . ARG A 1 210 ? 0.515   -21.589 1.867   1.00 18.74 ? 198 ARG A NH2 1 
ATOM   1326 N N   . VAL A 1 211 ? -1.535  -15.694 0.017   1.00 10.99 ? 199 VAL A N   1 
ATOM   1327 C CA  . VAL A 1 211 ? -0.424  -14.715 -0.187  1.00 12.31 ? 199 VAL A CA  1 
ATOM   1328 C C   . VAL A 1 211 ? 0.230   -14.335 1.160   1.00 13.40 ? 199 VAL A C   1 
ATOM   1329 O O   . VAL A 1 211 ? 1.460   -14.191 1.184   1.00 11.75 ? 199 VAL A O   1 
ATOM   1330 C CB  . VAL A 1 211 ? -0.850  -13.535 -1.057  1.00 12.61 ? 199 VAL A CB  1 
ATOM   1331 C CG1 . VAL A 1 211 ? -1.805  -12.603 -0.403  1.00 13.94 ? 199 VAL A CG1 1 
ATOM   1332 C CG2 . VAL A 1 211 ? 0.397   -12.804 -1.531  1.00 14.20 ? 199 VAL A CG2 1 
ATOM   1333 N N   . LEU A 1 212 ? -0.510  -14.233 2.263   1.00 14.00 ? 200 LEU A N   1 
ATOM   1334 C CA  . LEU A 1 212 ? 0.124   -13.863 3.543   1.00 14.38 ? 200 LEU A CA  1 
ATOM   1335 C C   . LEU A 1 212 ? 1.100   -14.951 3.970   1.00 14.94 ? 200 LEU A C   1 
ATOM   1336 O O   . LEU A 1 212 ? 2.294   -14.634 4.279   1.00 14.17 ? 200 LEU A O   1 
ATOM   1337 C CB  . LEU A 1 212 ? -0.944  -13.592 4.601   1.00 15.41 ? 200 LEU A CB  1 
ATOM   1338 C CG  . LEU A 1 212 ? -0.416  -13.049 5.914   1.00 17.84 ? 200 LEU A CG  1 
ATOM   1339 C CD1 . LEU A 1 212 ? 0.329   -11.747 5.732   1.00 17.35 ? 200 LEU A CD1 1 
ATOM   1340 C CD2 . LEU A 1 212 ? -1.580  -12.912 6.899   1.00 18.25 ? 200 LEU A CD2 1 
ATOM   1341 N N   . ASP A 1 213 ? 0.688   -16.217 3.919   1.00 13.40 ? 201 ASP A N   1 
ATOM   1342 C CA  . ASP A 1 213 ? 1.573   -17.321 4.336   1.00 15.10 ? 201 ASP A CA  1 
ATOM   1343 C C   . ASP A 1 213 ? 2.814   -17.383 3.412   1.00 12.62 ? 201 ASP A C   1 
ATOM   1344 O O   . ASP A 1 213 ? 3.928   -17.727 3.865   1.00 12.75 ? 201 ASP A O   1 
ATOM   1345 C CB  . ASP A 1 213 ? 0.843   -18.661 4.292   1.00 18.34 ? 201 ASP A CB  1 
ATOM   1346 C CG  . ASP A 1 213 ? -0.052  -19.033 5.494   1.00 24.09 ? 201 ASP A CG  1 
ATOM   1347 O OD1 . ASP A 1 213 ? 0.015   -18.369 6.500   1.00 20.26 ? 201 ASP A OD1 1 
ATOM   1348 O OD2 . ASP A 1 213 ? -0.743  -20.097 5.397   1.00 26.18 ? 201 ASP A OD2 1 
ATOM   1349 N N   . THR A 1 214 ? 2.612   -17.127 2.136   1.00 11.70 ? 202 THR A N   1 
ATOM   1350 C CA  . THR A 1 214 ? 3.700   -17.221 1.147   1.00 10.92 ? 202 THR A CA  1 
ATOM   1351 C C   . THR A 1 214 ? 4.762   -16.182 1.519   1.00 10.06 ? 202 THR A C   1 
ATOM   1352 O O   . THR A 1 214 ? 5.965   -16.490 1.584   1.00 10.46 ? 202 THR A O   1 
ATOM   1353 C CB  . THR A 1 214 ? 3.141   -17.010 -0.258  1.00 12.39 ? 202 THR A CB  1 
ATOM   1354 O OG1 . THR A 1 214 ? 2.122   -17.974 -0.564  1.00 11.95 ? 202 THR A OG1 1 
ATOM   1355 C CG2 . THR A 1 214 ? 4.249   -17.105 -1.293  1.00 12.22 ? 202 THR A CG2 1 
ATOM   1356 N N   . LEU A 1 215 ? 4.333   -14.950 1.677   1.00 11.01 ? 203 LEU A N   1 
ATOM   1357 C CA  . LEU A 1 215 ? 5.280   -13.841 1.989   1.00 11.35 ? 203 LEU A CA  1 
ATOM   1358 C C   . LEU A 1 215 ? 5.919   -14.041 3.334   1.00 11.71 ? 203 LEU A C   1 
ATOM   1359 O O   . LEU A 1 215 ? 7.118   -13.814 3.423   1.00 11.16 ? 203 LEU A O   1 
ATOM   1360 C CB  . LEU A 1 215 ? 4.557   -12.495 1.891   1.00 10.80 ? 203 LEU A CB  1 
ATOM   1361 C CG  . LEU A 1 215 ? 4.002   -12.156 0.510   1.00 11.28 ? 203 LEU A CG  1 
ATOM   1362 C CD1 . LEU A 1 215 ? 3.154   -10.893 0.584   1.00 12.01 ? 203 LEU A CD1 1 
ATOM   1363 C CD2 . LEU A 1 215 ? 5.053   -12.026 -0.547  1.00 11.04 ? 203 LEU A CD2 1 
ATOM   1364 N N   . VAL A 1 216 ? 5.182   -14.479 4.337   1.00 11.95 ? 204 VAL A N   1 
ATOM   1365 C CA  . VAL A 1 216 ? 5.781   -14.661 5.684   1.00 11.75 ? 204 VAL A CA  1 
ATOM   1366 C C   . VAL A 1 216 ? 6.905   -15.698 5.589   1.00 12.33 ? 204 VAL A C   1 
ATOM   1367 O O   . VAL A 1 216 ? 7.997   -15.528 6.190   1.00 12.36 ? 204 VAL A O   1 
ATOM   1368 C CB  . VAL A 1 216 ? 4.731   -15.070 6.718   1.00 12.74 ? 204 VAL A CB  1 
ATOM   1369 C CG1 . VAL A 1 216 ? 5.414   -15.469 8.006   1.00 13.99 ? 204 VAL A CG1 1 
ATOM   1370 C CG2 . VAL A 1 216 ? 3.735   -13.965 6.974   1.00 11.96 ? 204 VAL A CG2 1 
ATOM   1371 N N   . HIS A 1 217 ? 6.686   -16.791 4.867   1.00 10.96 ? 205 HIS A N   1 
ATOM   1372 C CA  . HIS A 1 217 ? 7.704   -17.825 4.711   1.00 12.06 ? 205 HIS A CA  1 
ATOM   1373 C C   . HIS A 1 217 ? 8.991   -17.223 4.125   1.00 11.17 ? 205 HIS A C   1 
ATOM   1374 O O   . HIS A 1 217 ? 10.096  -17.504 4.630   1.00 11.18 ? 205 HIS A O   1 
ATOM   1375 C CB  . HIS A 1 217 ? 7.206   -18.963 3.846   1.00 12.02 ? 205 HIS A CB  1 
ATOM   1376 C CG  . HIS A 1 217 ? 8.288   -19.912 3.445   1.00 13.06 ? 205 HIS A CG  1 
ATOM   1377 N ND1 . HIS A 1 217 ? 8.660   -20.987 4.251   1.00 14.92 ? 205 HIS A ND1 1 
ATOM   1378 C CD2 . HIS A 1 217 ? 9.092   -19.952 2.373   1.00 12.32 ? 205 HIS A CD2 1 
ATOM   1379 C CE1 . HIS A 1 217 ? 9.632   -21.649 3.673   1.00 14.28 ? 205 HIS A CE1 1 
ATOM   1380 N NE2 . HIS A 1 217 ? 9.935   -21.031 2.511   1.00 13.26 ? 205 HIS A NE2 1 
ATOM   1381 N N   . ILE A 1 218 ? 8.863   -16.448 3.073   1.00 12.20 ? 206 ILE A N   1 
ATOM   1382 C CA  . ILE A 1 218 ? 10.065  -15.934 2.361   1.00 11.55 ? 206 ILE A CA  1 
ATOM   1383 C C   . ILE A 1 218 ? 10.736  -14.879 3.243   1.00 12.07 ? 206 ILE A C   1 
ATOM   1384 O O   . ILE A 1 218 ? 11.973  -14.875 3.282   1.00 12.76 ? 206 ILE A O   1 
ATOM   1385 C CB  . ILE A 1 218 ? 9.674   -15.400 0.982   1.00 11.45 ? 206 ILE A CB  1 
ATOM   1386 C CG1 . ILE A 1 218 ? 9.079   -16.516 0.121   1.00 12.47 ? 206 ILE A CG1 1 
ATOM   1387 C CG2 . ILE A 1 218 ? 10.862  -14.714 0.305   1.00 11.93 ? 206 ILE A CG2 1 
ATOM   1388 C CD1 . ILE A 1 218 ? 8.332   -15.989 -1.057  1.00 12.52 ? 206 ILE A CD1 1 
ATOM   1389 N N   . TRP A 1 219 ? 9.982   -14.059 3.971   1.00 11.13 ? 207 TRP A N   1 
ATOM   1390 C CA  . TRP A 1 219 ? 10.622  -13.072 4.905   1.00 12.01 ? 207 TRP A CA  1 
ATOM   1391 C C   . TRP A 1 219 ? 11.383  -13.816 6.005   1.00 13.19 ? 207 TRP A C   1 
ATOM   1392 O O   . TRP A 1 219 ? 12.580  -13.565 6.206   1.00 12.67 ? 207 TRP A O   1 
ATOM   1393 C CB  . TRP A 1 219 ? 9.606   -12.122 5.512   1.00 11.68 ? 207 TRP A CB  1 
ATOM   1394 C CG  . TRP A 1 219 ? 9.188   -11.006 4.603   1.00 10.97 ? 207 TRP A CG  1 
ATOM   1395 C CD1 . TRP A 1 219 ? 8.635   -11.115 3.350   1.00 11.23 ? 207 TRP A CD1 1 
ATOM   1396 C CD2 . TRP A 1 219 ? 9.176   -9.610  4.944   1.00 11.21 ? 207 TRP A CD2 1 
ATOM   1397 N NE1 . TRP A 1 219 ? 8.341   -9.869  2.878   1.00 12.27 ? 207 TRP A NE1 1 
ATOM   1398 C CE2 . TRP A 1 219 ? 8.679   -8.928  3.823   1.00 10.86 ? 207 TRP A CE2 1 
ATOM   1399 C CE3 . TRP A 1 219 ? 9.632   -8.860  6.048   1.00 11.66 ? 207 TRP A CE3 1 
ATOM   1400 C CZ2 . TRP A 1 219 ? 8.572   -7.539  3.776   1.00 11.91 ? 207 TRP A CZ2 1 
ATOM   1401 C CZ3 . TRP A 1 219 ? 9.464   -7.499  6.023   1.00 12.64 ? 207 TRP A CZ3 1 
ATOM   1402 C CH2 . TRP A 1 219 ? 9.028   -6.849  4.875   1.00 12.08 ? 207 TRP A CH2 1 
ATOM   1403 N N   . VAL A 1 220 ? 10.737  -14.778 6.672   1.00 13.67 ? 208 VAL A N   1 
ATOM   1404 C CA  . VAL A 1 220 ? 11.384  -15.449 7.830   1.00 14.38 ? 208 VAL A CA  1 
ATOM   1405 C C   . VAL A 1 220 ? 12.596  -16.267 7.377   1.00 14.32 ? 208 VAL A C   1 
ATOM   1406 O O   . VAL A 1 220 ? 13.667  -16.192 8.037   1.00 12.77 ? 208 VAL A O   1 
ATOM   1407 C CB  . VAL A 1 220 ? 10.353  -16.322 8.591   1.00 17.61 ? 208 VAL A CB  1 
ATOM   1408 C CG1 . VAL A 1 220 ? 10.997  -17.193 9.649   1.00 22.98 ? 208 VAL A CG1 1 
ATOM   1409 C CG2 . VAL A 1 220 ? 9.310   -15.400 9.169   1.00 18.90 ? 208 VAL A CG2 1 
ATOM   1410 N N   . THR A 1 221 ? 12.488  -17.008 6.289   1.00 13.53 ? 209 THR A N   1 
ATOM   1411 C CA  . THR A 1 221 ? 13.634  -17.848 5.866   1.00 14.58 ? 209 THR A CA  1 
ATOM   1412 C C   . THR A 1 221 ? 14.790  -16.934 5.429   1.00 14.59 ? 209 THR A C   1 
ATOM   1413 O O   . THR A 1 221 ? 15.962  -17.303 5.707   1.00 14.73 ? 209 THR A O   1 
ATOM   1414 C CB  . THR A 1 221 ? 13.221  -18.858 4.800   1.00 16.04 ? 209 THR A CB  1 
ATOM   1415 O OG1 . THR A 1 221 ? 12.611  -18.151 3.714   1.00 13.14 ? 209 THR A OG1 1 
ATOM   1416 C CG2 . THR A 1 221 ? 12.336  -19.947 5.403   1.00 16.49 ? 209 THR A CG2 1 
ATOM   1417 N N   . SER A 1 222 ? 14.498  -15.819 4.759   1.00 12.43 ? 210 SER A N   1 
ATOM   1418 C CA  . SER A 1 222 ? 15.573  -14.963 4.211   1.00 12.94 ? 210 SER A CA  1 
ATOM   1419 C C   . SER A 1 222 ? 16.208  -14.144 5.342   1.00 13.26 ? 210 SER A C   1 
ATOM   1420 O O   . SER A 1 222 ? 17.381  -13.830 5.265   1.00 13.74 ? 210 SER A O   1 
ATOM   1421 C CB  . SER A 1 222 ? 15.082  -14.132 3.055   1.00 13.80 ? 210 SER A CB  1 
ATOM   1422 O OG  . SER A 1 222 ? 14.200  -13.128 3.478   1.00 14.28 ? 210 SER A OG  1 
ATOM   1423 N N   . ILE A 1 223 ? 15.456  -13.786 6.375   1.00 12.96 ? 211 ILE A N   1 
ATOM   1424 C CA  . ILE A 1 223 ? 15.998  -12.968 7.498   1.00 13.94 ? 211 ILE A CA  1 
ATOM   1425 C C   . ILE A 1 223 ? 16.767  -13.875 8.470   1.00 16.26 ? 211 ILE A C   1 
ATOM   1426 O O   . ILE A 1 223 ? 17.859  -13.449 8.961   1.00 15.14 ? 211 ILE A O   1 
ATOM   1427 C CB  . ILE A 1 223 ? 14.866  -12.173 8.148   1.00 13.15 ? 211 ILE A CB  1 
ATOM   1428 C CG1 . ILE A 1 223 ? 14.344  -11.115 7.179   1.00 12.05 ? 211 ILE A CG1 1 
ATOM   1429 C CG2 . ILE A 1 223 ? 15.315  -11.557 9.467   1.00 13.57 ? 211 ILE A CG2 1 
ATOM   1430 C CD1 . ILE A 1 223 ? 13.036  -10.410 7.602   1.00 11.95 ? 211 ILE A CD1 1 
ATOM   1431 N N   . TYR A 1 224 ? 16.318  -15.120 8.698   1.00 14.07 ? 212 TYR A N   1 
ATOM   1432 C CA  . TYR A 1 224 ? 16.917  -15.961 9.770   1.00 15.89 ? 212 TYR A CA  1 
ATOM   1433 C C   . TYR A 1 224 ? 17.819  -17.039 9.205   1.00 18.58 ? 212 TYR A C   1 
ATOM   1434 O O   . TYR A 1 224 ? 18.598  -17.631 10.004  1.00 18.77 ? 212 TYR A O   1 
ATOM   1435 C CB  . TYR A 1 224 ? 15.817  -16.485 10.710  1.00 16.08 ? 212 TYR A CB  1 
ATOM   1436 C CG  . TYR A 1 224 ? 15.115  -15.370 11.427  1.00 17.72 ? 212 TYR A CG  1 
ATOM   1437 C CD1 . TYR A 1 224 ? 15.666  -14.742 12.536  1.00 16.77 ? 212 TYR A CD1 1 
ATOM   1438 C CD2 . TYR A 1 224 ? 13.887  -14.889 10.989  1.00 15.81 ? 212 TYR A CD2 1 
ATOM   1439 C CE1 . TYR A 1 224 ? 15.057  -13.660 13.136  1.00 16.07 ? 212 TYR A CE1 1 
ATOM   1440 C CE2 . TYR A 1 224 ? 13.263  -13.828 11.595  1.00 15.33 ? 212 TYR A CE2 1 
ATOM   1441 C CZ  . TYR A 1 224 ? 13.803  -13.240 12.726  1.00 15.12 ? 212 TYR A CZ  1 
ATOM   1442 O OH  . TYR A 1 224 ? 13.188  -12.163 13.296  1.00 17.86 ? 212 TYR A OH  1 
ATOM   1443 N N   . GLY A 1 225 ? 17.788  -17.243 7.884   1.00 18.41 ? 213 GLY A N   1 
ATOM   1444 C CA  . GLY A 1 225 ? 18.465  -18.326 7.173   1.00 20.59 ? 213 GLY A CA  1 
ATOM   1445 C C   . GLY A 1 225 ? 19.924  -17.990 6.941   1.00 24.24 ? 213 GLY A C   1 
ATOM   1446 O O   . GLY A 1 225 ? 20.236  -16.834 6.588   1.00 23.75 ? 213 GLY A O   1 
ATOM   1447 N N   . GLU A 1 226 ? 20.799  -18.964 7.197   1.00 35.52 ? 214 GLU A N   1 
ATOM   1448 C CA  . GLU A 1 226 ? 22.287  -18.833 7.039   1.00 40.79 ? 214 GLU A CA  1 
ATOM   1449 C C   . GLU A 1 226 ? 22.637  -18.985 5.567   1.00 41.70 ? 214 GLU A C   1 
ATOM   1450 O O   . GLU A 1 226 ? 22.222  -20.065 5.147   1.00 37.40 ? 214 GLU A O   1 
ATOM   1451 C CB  . GLU A 1 226 ? 23.008  -19.945 7.794   1.00 44.23 ? 214 GLU A CB  1 
ATOM   1452 C CG  . GLU A 1 226 ? 22.588  -20.057 9.237   1.00 47.81 ? 214 GLU A CG  1 
ATOM   1453 C CD  . GLU A 1 226 ? 23.346  -19.130 10.158  1.00 57.01 ? 214 GLU A CD  1 
ATOM   1454 O OE1 . GLU A 1 226 ? 24.468  -18.682 9.761   1.00 52.47 ? 214 GLU A OE1 1 
ATOM   1455 O OE2 . GLU A 1 226 ? 22.830  -18.884 11.268  1.00 59.22 ? 214 GLU A OE2 1 
HETATM 1456 C C4  . GHB B 2 .   ? 7.779   -6.108  12.036  1.00 46.97 ? 301 GHB A C4  1 
HETATM 1457 C C14 . GHB B 2 .   ? 5.463   -3.300  1.249   1.00 20.37 ? 301 GHB A C14 1 
HETATM 1458 C C5  . GHB B 2 .   ? 7.768   -5.357  10.719  1.00 39.11 ? 301 GHB A C5  1 
HETATM 1459 C C6  . GHB B 2 .   ? 7.057   -5.667  9.557   1.00 33.86 ? 301 GHB A C6  1 
HETATM 1460 C C11 . GHB B 2 .   ? 5.766   -5.536  5.454   1.00 20.97 ? 301 GHB A C11 1 
HETATM 1461 C C7  . GHB B 2 .   ? 6.983   -4.672  7.373   1.00 22.84 ? 301 GHB A C7  1 
HETATM 1462 C C8  . GHB B 2 .   ? 7.407   -3.597  6.617   1.00 19.41 ? 301 GHB A C8  1 
HETATM 1463 C C9  . GHB B 2 .   ? 6.977   -3.494  5.292   1.00 18.85 ? 301 GHB A C9  1 
HETATM 1464 C C10 . GHB B 2 .   ? 6.165   -4.476  4.699   1.00 18.04 ? 301 GHB A C10 1 
HETATM 1465 C C12 . GHB B 2 .   ? 6.183   -5.629  6.753   1.00 18.01 ? 301 GHB A C12 1 
HETATM 1466 C C13 . GHB B 2 .   ? 5.650   -4.471  3.339   1.00 19.66 ? 301 GHB A C13 1 
HETATM 1467 N N1  . GHB B 2 .   ? 7.390   -4.793  8.625   1.00 26.31 ? 301 GHB A N1  1 
HETATM 1468 N N2  . GHB B 2 .   ? 8.278   -4.008  9.166   1.00 36.30 ? 301 GHB A N2  1 
HETATM 1469 C C3  . GHB B 2 .   ? 7.914   -5.680  14.535  1.00 53.59 ? 301 GHB A C3  1 
HETATM 1470 N N3  . GHB B 2 .   ? 8.512   -4.301  10.420  1.00 41.96 ? 301 GHB A N3  1 
HETATM 1471 C C1  . GHB B 2 .   ? 5.773   -5.416  13.296  1.00 50.21 ? 301 GHB A C1  1 
HETATM 1472 C C2  . GHB B 2 .   ? 7.285   -5.260  13.202  1.00 51.22 ? 301 GHB A C2  1 
HETATM 1473 O O1  . GHB B 2 .   ? 4.742   -5.291  2.968   1.00 20.79 ? 301 GHB A O1  1 
HETATM 1474 N N4  . GHB B 2 .   ? 6.028   -3.535  2.548   1.00 19.88 ? 301 GHB A N4  1 
HETATM 1475 C C15 . GHB B 2 .   ? 4.168   -2.513  1.332   1.00 20.09 ? 301 GHB A C15 1 
HETATM 1476 C C16 . GHB B 2 .   ? 3.314   -2.640  0.118   1.00 25.05 ? 301 GHB A C16 1 
HETATM 1477 F F1  . GHB B 2 .   ? 2.161   -1.969  0.242   1.00 27.90 ? 301 GHB A F1  1 
HETATM 1478 F F2  . GHB B 2 .   ? 3.948   -2.189  -0.948  1.00 23.43 ? 301 GHB A F2  1 
HETATM 1479 F F3  . GHB B 2 .   ? 3.010   -3.915  -0.062  1.00 25.03 ? 301 GHB A F3  1 
HETATM 1480 O O   . HOH C 3 .   ? 3.683   -9.683  -13.393 1.00 32.00 ? 401 HOH A O   1 
HETATM 1481 O O   . HOH C 3 .   ? -3.020  -1.062  -10.935 1.00 22.61 ? 402 HOH A O   1 
HETATM 1482 O O   . HOH C 3 .   ? 19.898  -14.253 6.520   1.00 18.47 ? 403 HOH A O   1 
HETATM 1483 O O   . HOH C 3 .   ? 22.454  -7.569  -0.616  1.00 17.61 ? 404 HOH A O   1 
HETATM 1484 O O   . HOH C 3 .   ? 3.480   13.413  -3.457  1.00 30.74 ? 405 HOH A O   1 
HETATM 1485 O O   . HOH C 3 .   ? 23.639  -11.938 14.698  1.00 30.54 ? 406 HOH A O   1 
HETATM 1486 O O   . HOH C 3 .   ? -5.635  -11.063 7.876   1.00 18.27 ? 407 HOH A O   1 
HETATM 1487 O O   . HOH C 3 .   ? 16.898  1.431   8.991   1.00 20.56 ? 408 HOH A O   1 
HETATM 1488 O O   . HOH C 3 .   ? 20.492  -0.986  8.183   1.00 28.72 ? 409 HOH A O   1 
HETATM 1489 O O   . HOH C 3 .   ? 10.664  8.477   3.285   1.00 23.53 ? 410 HOH A O   1 
HETATM 1490 O O   . HOH C 3 .   ? 18.046  -1.393  14.725  1.00 32.42 ? 411 HOH A O   1 
HETATM 1491 O O   . HOH C 3 .   ? 22.934  -0.464  -0.204  0.50 14.13 ? 412 HOH A O   1 
HETATM 1492 O O   . HOH C 3 .   ? 1.237   11.879  3.432   1.00 30.74 ? 413 HOH A O   1 
HETATM 1493 O O   . HOH C 3 .   ? 19.740  -11.537 8.686   1.00 14.86 ? 414 HOH A O   1 
HETATM 1494 O O   . HOH C 3 .   ? 16.046  1.006   -0.971  1.00 22.30 ? 415 HOH A O   1 
HETATM 1495 O O   . HOH C 3 .   ? -3.584  11.020  -9.397  1.00 30.49 ? 416 HOH A O   1 
HETATM 1496 O O   . HOH C 3 .   ? 6.942   5.589   -7.094  1.00 29.17 ? 417 HOH A O   1 
HETATM 1497 O O   . HOH C 3 .   ? 26.214  -13.768 11.838  1.00 32.05 ? 418 HOH A O   1 
HETATM 1498 O O   . HOH C 3 .   ? 1.374   -10.862 -12.596 1.00 22.21 ? 419 HOH A O   1 
HETATM 1499 O O   . HOH C 3 .   ? -4.181  2.992   10.903  1.00 28.82 ? 420 HOH A O   1 
HETATM 1500 O O   . HOH C 3 .   ? 4.232   -3.262  -8.269  1.00 22.25 ? 421 HOH A O   1 
HETATM 1501 O O   . HOH C 3 .   ? -10.725 1.015   -2.696  1.00 22.79 ? 422 HOH A O   1 
HETATM 1502 O O   . HOH C 3 .   ? -3.378  -14.772 2.588   1.00 14.07 ? 423 HOH A O   1 
HETATM 1503 O O   . HOH C 3 .   ? -5.436  5.380   -12.060 1.00 27.09 ? 424 HOH A O   1 
HETATM 1504 O O   . HOH C 3 .   ? 4.018   -19.004 6.329   1.00 17.24 ? 425 HOH A O   1 
HETATM 1505 O O   . HOH C 3 .   ? -6.430  -4.118  -6.318  1.00 20.43 ? 426 HOH A O   1 
HETATM 1506 O O   . HOH C 3 .   ? 26.480  -3.318  -0.128  1.00 25.43 ? 427 HOH A O   1 
HETATM 1507 O O   . HOH C 3 .   ? -3.260  -10.606 -15.594 1.00 35.58 ? 428 HOH A O   1 
HETATM 1508 O O   . HOH C 3 .   ? 14.967  3.464   2.978   1.00 18.07 ? 429 HOH A O   1 
HETATM 1509 O O   . HOH C 3 .   ? 0.658   -12.630 -6.295  1.00 16.34 ? 430 HOH A O   1 
HETATM 1510 O O   . HOH C 3 .   ? -22.964 22.693  -5.563  1.00 24.95 ? 431 HOH A O   1 
HETATM 1511 O O   . HOH C 3 .   ? 19.804  -21.486 8.069   1.00 35.48 ? 432 HOH A O   1 
HETATM 1512 O O   . HOH C 3 .   ? 11.032  -16.516 17.950  1.00 40.51 ? 433 HOH A O   1 
HETATM 1513 O O   . HOH C 3 .   ? 1.559   -22.582 4.341   1.00 23.69 ? 434 HOH A O   1 
HETATM 1514 O O   . HOH C 3 .   ? -2.046  -17.048 3.571   1.00 14.13 ? 435 HOH A O   1 
HETATM 1515 O O   . HOH C 3 .   ? -3.913  -4.390  -7.107  1.00 19.77 ? 436 HOH A O   1 
HETATM 1516 O O   . HOH C 3 .   ? -11.431 -3.654  -1.458  1.00 25.83 ? 437 HOH A O   1 
HETATM 1517 O O   . HOH C 3 .   ? 23.663  -4.722  7.263   1.00 23.82 ? 438 HOH A O   1 
HETATM 1518 O O   . HOH C 3 .   ? -1.925  -7.353  11.921  1.00 21.77 ? 439 HOH A O   1 
HETATM 1519 O O   . HOH C 3 .   ? -8.148  -16.578 -2.620  1.00 16.25 ? 440 HOH A O   1 
HETATM 1520 O O   . HOH C 3 .   ? 6.246   -19.206 7.624   1.00 26.42 ? 441 HOH A O   1 
HETATM 1521 O O   . HOH C 3 .   ? -12.182 -1.304  -3.204  1.00 29.11 ? 442 HOH A O   1 
HETATM 1522 O O   . HOH C 3 .   ? -5.889  -20.860 1.642   1.00 28.98 ? 443 HOH A O   1 
HETATM 1523 O O   . HOH C 3 .   ? 8.735   -18.446 14.836  1.00 33.96 ? 444 HOH A O   1 
HETATM 1524 O O   . HOH C 3 .   ? 7.158   3.418   9.446   1.00 45.60 ? 445 HOH A O   1 
HETATM 1525 O O   . HOH C 3 .   ? -3.478  2.666   13.471  1.00 37.92 ? 446 HOH A O   1 
HETATM 1526 O O   . HOH C 3 .   ? -24.648 24.910  -10.427 1.00 23.29 ? 447 HOH A O   1 
HETATM 1527 O O   . HOH C 3 .   ? 5.119   -3.364  -10.867 0.50 26.69 ? 448 HOH A O   1 
HETATM 1528 O O   . HOH C 3 .   ? 14.959  3.191   0.251   1.00 21.17 ? 449 HOH A O   1 
HETATM 1529 O O   . HOH C 3 .   ? -5.123  -14.612 4.652   1.00 26.53 ? 450 HOH A O   1 
HETATM 1530 O O   . HOH C 3 .   ? 3.447   -21.557 6.008   1.00 31.43 ? 451 HOH A O   1 
HETATM 1531 O O   . HOH C 3 .   ? -4.098  10.113  -11.739 1.00 33.76 ? 452 HOH A O   1 
# 
